data_1V4G
#
_entry.id   1V4G
#
_cell.length_a   326.818
_cell.length_b   326.818
_cell.length_c   104.726
_cell.angle_alpha   90.00
_cell.angle_beta   90.00
_cell.angle_gamma   120.00
#
_symmetry.space_group_name_H-M   'H 3'
#
loop_
_entity.id
_entity.type
_entity.pdbx_description
1 polymer 'Glutamate--cysteine ligase'
2 water water
#
_entity_poly.entity_id   1
_entity_poly.type   'polypeptide(L)'
_entity_poly.pdbx_seq_one_letter_code
;(FME)IPDVSQALAWLEKHPQALKGIQRGLERETLRVNADGTLATTGHPEALGSALTHKWITTDFAEALLEFITPVDGDI
EHMLTFMRDLHRYTARNMGDERMWPLSMPSYIAEGQDIELAQYGTSNTGRFKTLYREGLKNRYGALMQTISGVHYNFSLP
MAFWQAKSGDISGADAKEKISAGYFRVIRNYYRFGWVIPYLFGASPAISSSFLQGKPTSLPFEKTESGMYYLPYATSLRL
SDLGYTNKSQSNLGITFNDLYEYVAGLKQAIKTPSEEYAKIGIEKDGKRLQINSNVLQIENELYAPIRPKRVTRSGESPS
DALLRGGIEYIEVRSLDINPFSPIGVDEQQVRFLDLFMVWCALADAPEMSSSELACTRVNWNRVILEGRKPGLTLGIGCE
TAQFPLPQVGKDLFRDLKRVAQTLDSINGGEAYQKVCDELVACFDNPDLTFSARILRSMIDTGIGGTGKAFAEAYRNLLR
EEPLEILREEDFVAEREASERRQQEMEAADTEPFAVWLEKHA
;
_entity_poly.pdbx_strand_id   A,B,C,D
#
# COMPACT_ATOMS: atom_id res chain seq x y z
N ILE A 2 18.10 12.97 30.43
CA ILE A 2 17.59 14.30 30.05
C ILE A 2 18.70 14.94 29.23
N PRO A 3 18.39 15.61 28.14
CA PRO A 3 19.43 16.21 27.35
C PRO A 3 19.91 17.46 28.05
N ASP A 4 20.85 18.10 27.36
CA ASP A 4 21.49 19.36 27.76
C ASP A 4 20.84 20.54 27.05
N VAL A 5 20.27 21.42 27.83
CA VAL A 5 19.41 22.49 27.31
C VAL A 5 19.84 23.86 27.82
N SER A 6 21.06 23.86 28.35
CA SER A 6 21.80 25.04 28.80
C SER A 6 21.65 26.33 28.02
N GLN A 7 21.82 26.26 26.71
CA GLN A 7 21.78 27.47 25.88
C GLN A 7 20.41 27.97 25.61
N ALA A 8 19.55 27.02 25.28
CA ALA A 8 18.17 27.36 25.08
C ALA A 8 17.68 28.04 26.37
N LEU A 9 18.12 27.51 27.52
CA LEU A 9 17.67 28.05 28.85
C LEU A 9 18.25 29.44 29.20
N ALA A 10 19.54 29.56 28.97
CA ALA A 10 20.24 30.87 29.09
C ALA A 10 19.65 31.89 28.11
N TRP A 11 19.49 31.46 26.89
CA TRP A 11 18.75 32.25 25.88
C TRP A 11 17.41 32.82 26.41
N LEU A 12 16.69 31.94 27.10
CA LEU A 12 15.34 32.25 27.59
C LEU A 12 15.38 33.27 28.72
N GLU A 13 16.26 32.99 29.68
CA GLU A 13 16.52 33.87 30.84
C GLU A 13 16.85 35.33 30.43
N LYS A 14 17.52 35.47 29.30
CA LYS A 14 17.86 36.81 28.77
C LYS A 14 16.72 37.42 27.95
N HIS A 15 15.83 36.57 27.45
CA HIS A 15 14.65 37.01 26.65
C HIS A 15 13.28 36.65 27.30
N PRO A 16 13.04 37.14 28.48
CA PRO A 16 11.91 36.70 29.31
C PRO A 16 10.60 37.02 28.70
N GLN A 17 10.58 38.09 27.95
CA GLN A 17 9.31 38.67 27.39
C GLN A 17 8.81 37.89 26.16
N ALA A 18 9.66 36.97 25.77
CA ALA A 18 9.33 35.99 24.76
C ALA A 18 8.24 34.98 25.17
N LEU A 19 7.99 34.83 26.46
CA LEU A 19 6.94 33.90 26.93
C LEU A 19 5.64 34.59 27.25
N LYS A 20 5.68 35.90 27.16
CA LYS A 20 4.51 36.65 27.53
C LYS A 20 3.41 36.39 26.53
N GLY A 21 2.25 35.99 27.05
CA GLY A 21 1.05 35.87 26.22
C GLY A 21 0.70 34.45 25.77
N ILE A 22 1.23 33.49 26.49
CA ILE A 22 0.81 32.10 26.32
C ILE A 22 -0.73 32.01 26.29
N GLN A 23 -1.22 31.28 25.31
CA GLN A 23 -2.66 31.09 25.09
C GLN A 23 -2.97 29.63 25.41
N ARG A 24 -4.01 29.44 26.18
CA ARG A 24 -4.42 28.09 26.54
C ARG A 24 -5.92 27.84 26.51
N GLY A 25 -6.21 26.55 26.44
CA GLY A 25 -7.60 26.10 26.45
C GLY A 25 -7.77 24.76 27.11
N LEU A 26 -8.96 24.56 27.70
CA LEU A 26 -9.31 23.25 28.32
C LEU A 26 -10.54 22.61 27.79
N GLU A 27 -10.42 21.29 27.68
CA GLU A 27 -11.57 20.39 27.46
C GLU A 27 -11.58 19.28 28.51
N ARG A 28 -12.76 18.98 28.99
CA ARG A 28 -12.94 17.97 30.00
C ARG A 28 -14.19 17.14 29.74
N GLU A 29 -13.98 15.84 29.78
CA GLU A 29 -15.06 14.88 29.55
C GLU A 29 -15.52 14.21 30.85
N THR A 30 -16.84 14.04 30.94
CA THR A 30 -17.44 13.27 32.03
C THR A 30 -18.78 12.62 31.75
N LEU A 31 -18.92 11.46 32.28
CA LEU A 31 -20.17 10.67 32.23
C LEU A 31 -21.25 11.15 33.18
N ARG A 32 -22.43 11.32 32.62
CA ARG A 32 -23.62 11.59 33.39
C ARG A 32 -24.08 10.28 34.00
N VAL A 33 -24.12 10.22 35.32
CA VAL A 33 -24.48 9.00 36.03
C VAL A 33 -25.54 9.21 37.05
N ASN A 34 -26.22 8.13 37.36
CA ASN A 34 -27.11 8.08 38.52
C ASN A 34 -26.31 7.86 39.82
N ALA A 35 -27.01 8.02 40.97
CA ALA A 35 -26.34 7.99 42.32
C ALA A 35 -25.58 6.66 42.48
N ASP A 36 -26.06 5.67 41.71
CA ASP A 36 -25.58 4.30 41.78
C ASP A 36 -24.35 4.01 40.90
N GLY A 37 -23.98 5.01 40.14
CA GLY A 37 -22.77 5.00 39.31
C GLY A 37 -22.97 4.56 37.88
N THR A 38 -24.16 4.14 37.58
CA THR A 38 -24.52 3.67 36.20
C THR A 38 -24.84 4.84 35.31
N LEU A 39 -24.62 4.65 34.04
CA LEU A 39 -24.93 5.63 32.99
C LEU A 39 -26.36 6.08 33.02
N ALA A 40 -26.51 7.38 33.03
CA ALA A 40 -27.83 7.96 32.85
C ALA A 40 -28.34 7.60 31.46
N THR A 41 -29.59 7.26 31.40
CA THR A 41 -30.24 6.88 30.09
C THR A 41 -31.17 7.98 29.62
N THR A 42 -31.18 9.08 30.32
CA THR A 42 -31.91 10.26 29.86
C THR A 42 -31.18 10.96 28.73
N GLY A 43 -31.92 11.87 28.11
CA GLY A 43 -31.36 12.68 27.04
C GLY A 43 -30.48 13.82 27.60
N HIS A 44 -29.66 14.37 26.71
CA HIS A 44 -28.84 15.55 27.03
C HIS A 44 -29.75 16.56 27.76
N PRO A 45 -29.37 17.00 28.95
CA PRO A 45 -30.23 17.86 29.74
C PRO A 45 -30.66 19.08 28.95
N GLU A 46 -31.98 19.29 28.95
CA GLU A 46 -32.61 20.36 28.15
C GLU A 46 -32.09 21.79 28.43
N ALA A 47 -31.70 22.02 29.68
CA ALA A 47 -31.14 23.32 30.04
C ALA A 47 -29.78 23.62 29.30
N LEU A 48 -29.16 22.60 28.75
CA LEU A 48 -27.82 22.69 28.11
C LEU A 48 -27.95 22.93 26.64
N GLY A 49 -29.19 22.86 26.24
CA GLY A 49 -29.61 23.10 24.88
C GLY A 49 -29.15 22.10 23.82
N SER A 50 -28.69 22.61 22.67
CA SER A 50 -28.21 21.79 21.57
C SER A 50 -26.70 21.46 21.65
N ALA A 51 -26.44 20.19 21.78
CA ALA A 51 -25.06 19.69 21.91
C ALA A 51 -24.27 19.87 20.63
N LEU A 52 -25.02 19.82 19.57
CA LEU A 52 -24.52 20.05 18.20
C LEU A 52 -23.89 21.42 18.00
N THR A 53 -24.54 22.45 18.50
CA THR A 53 -24.11 23.84 18.22
C THR A 53 -23.57 24.61 19.42
N HIS A 54 -23.95 24.19 20.63
CA HIS A 54 -23.59 24.90 21.87
C HIS A 54 -22.12 25.30 21.87
N LYS A 55 -21.85 26.49 22.37
CA LYS A 55 -20.50 27.03 22.45
C LYS A 55 -19.57 26.40 23.44
N TRP A 56 -20.09 26.04 24.62
CA TRP A 56 -19.21 25.59 25.72
C TRP A 56 -19.40 24.12 26.16
N ILE A 57 -20.59 23.65 25.94
CA ILE A 57 -21.05 22.38 26.46
C ILE A 57 -21.61 21.51 25.38
N THR A 58 -20.95 20.37 25.18
CA THR A 58 -21.38 19.43 24.18
C THR A 58 -21.34 17.99 24.62
N THR A 59 -21.42 17.10 23.64
CA THR A 59 -21.26 15.67 23.92
C THR A 59 -20.20 15.07 23.09
N ASP A 60 -19.65 13.99 23.64
CA ASP A 60 -18.64 13.24 22.92
C ASP A 60 -19.33 11.96 22.27
N PHE A 61 -18.73 10.80 22.47
CA PHE A 61 -19.26 9.53 21.93
C PHE A 61 -20.69 9.21 22.31
N ALA A 62 -20.88 9.12 23.61
CA ALA A 62 -22.17 8.74 24.18
C ALA A 62 -23.07 9.96 24.46
N GLU A 63 -24.36 9.71 24.41
CA GLU A 63 -25.38 10.72 24.76
C GLU A 63 -25.21 11.20 26.22
N ALA A 64 -24.76 10.30 27.05
CA ALA A 64 -24.49 10.56 28.49
C ALA A 64 -23.09 11.09 28.75
N LEU A 65 -22.29 11.11 27.71
CA LEU A 65 -20.89 11.56 27.86
C LEU A 65 -20.75 13.09 27.54
N LEU A 66 -20.80 13.88 28.60
CA LEU A 66 -20.59 15.31 28.57
C LEU A 66 -19.12 15.68 28.15
N GLU A 67 -19.03 16.79 27.44
CA GLU A 67 -17.77 17.39 27.05
C GLU A 67 -17.85 18.92 27.31
N PHE A 68 -16.99 19.38 28.22
CA PHE A 68 -16.88 20.78 28.57
C PHE A 68 -15.70 21.41 27.86
N ILE A 69 -15.97 22.57 27.25
CA ILE A 69 -14.97 23.31 26.47
C ILE A 69 -14.84 24.78 26.79
N THR A 70 -13.66 25.18 27.21
CA THR A 70 -13.41 26.60 27.50
C THR A 70 -12.85 27.34 26.31
N PRO A 71 -13.20 28.59 26.20
CA PRO A 71 -12.59 29.46 25.18
C PRO A 71 -11.09 29.63 25.41
N VAL A 72 -10.39 29.81 24.34
CA VAL A 72 -8.96 30.07 24.41
C VAL A 72 -8.79 31.25 25.36
N ASP A 73 -7.76 31.21 26.15
CA ASP A 73 -7.64 32.10 27.29
C ASP A 73 -6.17 32.28 27.67
N GLY A 74 -5.81 33.51 28.05
CA GLY A 74 -4.44 33.83 28.51
C GLY A 74 -4.18 33.81 30.02
N ASP A 75 -5.26 33.72 30.77
CA ASP A 75 -5.23 33.74 32.22
C ASP A 75 -5.74 32.39 32.78
N ILE A 76 -4.87 31.73 33.50
CA ILE A 76 -5.11 30.40 34.05
C ILE A 76 -6.33 30.34 34.99
N GLU A 77 -6.38 31.22 35.96
CA GLU A 77 -7.45 31.22 36.99
C GLU A 77 -8.79 31.45 36.25
N HIS A 78 -8.80 32.40 35.35
CA HIS A 78 -10.05 32.77 34.67
C HIS A 78 -10.57 31.56 33.88
N MET A 79 -9.65 30.86 33.29
CA MET A 79 -10.01 29.68 32.48
C MET A 79 -10.60 28.53 33.36
N LEU A 80 -9.93 28.25 34.46
CA LEU A 80 -10.37 27.27 35.43
C LEU A 80 -11.71 27.66 36.06
N THR A 81 -11.85 28.93 36.38
CA THR A 81 -13.15 29.45 36.93
C THR A 81 -14.27 29.23 35.87
N PHE A 82 -13.94 29.50 34.62
CA PHE A 82 -14.91 29.37 33.49
C PHE A 82 -15.40 27.93 33.43
N MET A 83 -14.45 27.03 33.34
CA MET A 83 -14.72 25.57 33.34
C MET A 83 -15.63 25.19 34.54
N ARG A 84 -15.29 25.70 35.70
CA ARG A 84 -16.04 25.39 36.91
C ARG A 84 -17.46 25.87 36.82
N ASP A 85 -17.63 27.06 36.26
CA ASP A 85 -19.02 27.61 36.08
C ASP A 85 -19.87 26.63 35.20
N LEU A 86 -19.23 26.09 34.19
CA LEU A 86 -19.90 25.16 33.33
C LEU A 86 -20.38 23.95 34.15
N HIS A 87 -19.51 23.50 35.05
CA HIS A 87 -19.83 22.35 35.87
C HIS A 87 -20.95 22.71 36.84
N ARG A 88 -20.84 23.90 37.44
CA ARG A 88 -21.82 24.35 38.47
C ARG A 88 -23.21 24.40 37.92
N TYR A 89 -23.32 25.01 36.77
CA TYR A 89 -24.61 25.16 36.08
C TYR A 89 -25.19 23.81 35.73
N THR A 90 -24.33 22.99 35.16
CA THR A 90 -24.72 21.62 34.74
C THR A 90 -25.20 20.81 35.95
N ALA A 91 -24.43 20.93 37.01
CA ALA A 91 -24.66 20.13 38.21
C ALA A 91 -26.06 20.38 38.78
N ARG A 92 -26.51 21.63 38.68
CA ARG A 92 -27.81 22.06 39.27
C ARG A 92 -28.98 21.91 38.25
N ASN A 93 -28.64 21.45 37.08
CA ASN A 93 -29.60 21.34 36.01
C ASN A 93 -29.64 19.98 35.28
N MET A 94 -29.34 18.89 36.00
CA MET A 94 -29.35 17.55 35.42
C MET A 94 -30.24 16.61 36.26
N GLY A 95 -31.24 17.17 36.86
CA GLY A 95 -32.11 16.45 37.76
C GLY A 95 -31.24 15.80 38.89
N ASP A 96 -31.53 14.54 39.19
CA ASP A 96 -30.80 13.73 40.20
C ASP A 96 -29.51 13.07 39.71
N GLU A 97 -29.19 13.35 38.49
CA GLU A 97 -27.95 12.87 37.95
C GLU A 97 -26.78 13.62 38.49
N ARG A 98 -25.63 12.97 38.43
CA ARG A 98 -24.36 13.60 38.75
C ARG A 98 -23.24 13.23 37.76
N MET A 99 -22.05 13.74 38.03
CA MET A 99 -20.93 13.54 37.13
C MET A 99 -19.85 12.59 37.69
N TRP A 100 -19.49 11.64 36.84
CA TRP A 100 -18.46 10.64 37.16
C TRP A 100 -17.06 11.30 37.21
N PRO A 101 -16.41 11.21 38.35
CA PRO A 101 -15.19 11.93 38.66
C PRO A 101 -13.87 11.20 38.34
N LEU A 102 -14.01 10.06 37.72
CA LEU A 102 -12.88 9.17 37.35
C LEU A 102 -12.81 8.99 35.84
N SER A 103 -11.63 8.70 35.35
CA SER A 103 -11.45 8.36 33.95
C SER A 103 -12.08 7.00 33.66
N MET A 104 -11.95 6.13 34.62
CA MET A 104 -12.44 4.75 34.48
C MET A 104 -13.80 4.55 35.12
N PRO A 105 -14.76 4.33 34.27
CA PRO A 105 -16.14 4.04 34.68
C PRO A 105 -16.29 2.77 35.47
N SER A 106 -17.39 2.72 36.18
CA SER A 106 -17.69 1.55 36.95
C SER A 106 -18.26 0.46 36.05
N TYR A 107 -18.48 -0.73 36.60
CA TYR A 107 -18.96 -1.87 35.89
C TYR A 107 -20.13 -1.60 34.92
N ILE A 108 -19.88 -1.88 33.68
CA ILE A 108 -20.88 -1.88 32.64
C ILE A 108 -21.09 -3.25 32.04
N ALA A 109 -22.32 -3.70 32.15
CA ALA A 109 -22.74 -5.03 31.71
C ALA A 109 -22.94 -5.18 30.21
N GLU A 110 -23.59 -4.19 29.64
CA GLU A 110 -24.06 -4.21 28.20
C GLU A 110 -23.64 -2.96 27.43
N GLY A 111 -22.42 -3.02 26.91
CA GLY A 111 -21.85 -2.01 26.09
C GLY A 111 -22.72 -1.56 24.91
N GLN A 112 -23.35 -2.55 24.32
CA GLN A 112 -24.12 -2.33 23.10
C GLN A 112 -25.43 -1.55 23.36
N ASP A 113 -25.72 -1.28 24.61
CA ASP A 113 -26.99 -0.64 25.05
C ASP A 113 -26.85 0.83 25.25
N ILE A 114 -25.61 1.27 25.14
CA ILE A 114 -25.21 2.63 25.44
C ILE A 114 -25.70 3.53 24.31
N GLU A 115 -26.63 4.41 24.63
CA GLU A 115 -27.15 5.33 23.66
C GLU A 115 -26.02 6.23 23.14
N LEU A 116 -25.84 6.18 21.85
CA LEU A 116 -24.99 7.09 21.09
C LEU A 116 -25.42 8.52 21.21
N ALA A 117 -24.44 9.43 21.09
CA ALA A 117 -24.73 10.85 21.08
C ALA A 117 -25.67 11.20 19.95
N GLN A 118 -26.76 11.87 20.32
CA GLN A 118 -27.83 12.30 19.43
C GLN A 118 -27.77 13.79 19.08
N TYR A 119 -27.89 14.09 17.78
CA TYR A 119 -27.74 15.45 17.32
C TYR A 119 -28.83 15.97 16.43
N GLY A 120 -29.95 15.35 16.45
CA GLY A 120 -31.08 15.78 15.64
C GLY A 120 -31.05 15.20 14.23
N THR A 121 -31.94 15.72 13.40
CA THR A 121 -32.22 15.13 12.05
C THR A 121 -31.59 15.88 10.88
N SER A 122 -30.85 16.90 11.18
CA SER A 122 -30.11 17.63 10.18
C SER A 122 -29.05 16.67 9.64
N ASN A 123 -28.58 16.99 8.46
CA ASN A 123 -27.66 16.09 7.72
C ASN A 123 -26.33 15.98 8.52
N THR A 124 -25.90 17.11 9.05
CA THR A 124 -24.63 17.24 9.77
C THR A 124 -24.73 16.51 11.16
N GLY A 125 -25.81 16.76 11.84
CA GLY A 125 -26.17 16.09 13.09
C GLY A 125 -26.17 14.58 12.91
N ARG A 126 -26.69 14.16 11.80
CA ARG A 126 -26.74 12.70 11.51
C ARG A 126 -25.46 12.08 11.08
N PHE A 127 -24.62 12.89 10.46
CA PHE A 127 -23.30 12.46 10.08
C PHE A 127 -22.50 12.18 11.37
N LYS A 128 -22.59 13.13 12.30
CA LYS A 128 -21.84 13.06 13.54
C LYS A 128 -22.22 11.79 14.35
N THR A 129 -23.51 11.51 14.39
CA THR A 129 -24.06 10.32 15.09
C THR A 129 -23.65 9.02 14.40
N LEU A 130 -23.61 9.09 13.11
CA LEU A 130 -23.24 7.94 12.27
C LEU A 130 -21.75 7.59 12.43
N TYR A 131 -20.94 8.64 12.50
CA TYR A 131 -19.53 8.52 12.86
C TYR A 131 -19.37 7.66 14.11
N ARG A 132 -20.24 7.92 15.10
CA ARG A 132 -20.16 7.22 16.42
C ARG A 132 -20.64 5.78 16.28
N GLU A 133 -21.70 5.65 15.50
CA GLU A 133 -22.27 4.31 15.16
C GLU A 133 -21.18 3.41 14.58
N GLY A 134 -20.41 4.00 13.73
CA GLY A 134 -19.21 3.40 13.15
C GLY A 134 -18.12 3.00 14.13
N LEU A 135 -17.81 3.91 15.02
CA LEU A 135 -16.88 3.66 16.14
C LEU A 135 -17.37 2.49 17.00
N LYS A 136 -18.68 2.50 17.31
CA LYS A 136 -19.33 1.45 18.09
C LYS A 136 -19.08 0.11 17.41
N ASN A 137 -19.43 0.07 16.13
CA ASN A 137 -19.33 -1.17 15.31
C ASN A 137 -17.90 -1.62 15.03
N ARG A 138 -17.00 -0.67 14.91
CA ARG A 138 -15.59 -0.99 14.68
C ARG A 138 -14.87 -1.43 15.95
N TYR A 139 -15.06 -0.68 17.04
CA TYR A 139 -14.24 -0.83 18.27
C TYR A 139 -15.02 -1.26 19.53
N GLY A 140 -16.34 -1.27 19.43
CA GLY A 140 -17.17 -1.40 20.61
C GLY A 140 -17.38 -0.06 21.36
N ALA A 141 -18.64 0.14 21.77
CA ALA A 141 -19.10 1.29 22.57
C ALA A 141 -18.49 1.45 23.93
N LEU A 142 -18.33 0.32 24.55
CA LEU A 142 -17.88 0.22 25.94
C LEU A 142 -16.71 1.10 26.30
N MET A 143 -15.61 0.93 25.57
CA MET A 143 -14.34 1.66 25.83
C MET A 143 -14.36 3.16 25.50
N GLN A 144 -15.30 3.57 24.67
CA GLN A 144 -15.48 4.98 24.32
C GLN A 144 -16.01 5.82 25.51
N THR A 145 -16.40 5.15 26.59
CA THR A 145 -16.98 5.79 27.78
C THR A 145 -15.90 6.22 28.79
N ILE A 146 -14.72 5.67 28.57
CA ILE A 146 -13.51 6.09 29.24
C ILE A 146 -13.27 7.56 28.89
N SER A 147 -12.93 8.32 29.89
CA SER A 147 -12.90 9.78 29.74
C SER A 147 -11.53 10.38 30.13
N GLY A 148 -11.33 11.58 29.62
CA GLY A 148 -10.15 12.37 29.96
C GLY A 148 -10.25 13.87 29.75
N VAL A 149 -9.11 14.50 29.88
CA VAL A 149 -8.94 15.93 29.86
C VAL A 149 -7.96 16.31 28.74
N HIS A 150 -8.28 17.39 28.06
CA HIS A 150 -7.46 17.92 26.94
C HIS A 150 -6.98 19.33 27.25
N TYR A 151 -5.71 19.52 27.00
CA TYR A 151 -5.03 20.81 27.20
C TYR A 151 -4.47 21.29 25.85
N ASN A 152 -5.00 22.41 25.44
CA ASN A 152 -4.58 23.14 24.26
C ASN A 152 -3.59 24.23 24.61
N PHE A 153 -2.62 24.42 23.72
CA PHE A 153 -1.46 25.27 24.01
C PHE A 153 -0.90 25.99 22.77
N SER A 154 -0.77 27.29 22.87
CA SER A 154 -0.02 28.07 21.84
C SER A 154 0.98 29.02 22.49
N LEU A 155 2.19 29.01 21.95
CA LEU A 155 3.22 29.99 22.28
C LEU A 155 2.91 31.31 21.64
N PRO A 156 3.31 32.39 22.28
CA PRO A 156 3.06 33.72 21.76
C PRO A 156 3.98 33.94 20.54
N MET A 157 3.46 34.68 19.60
CA MET A 157 4.29 35.12 18.44
C MET A 157 5.71 35.62 18.81
N ALA A 158 5.75 36.45 19.84
CA ALA A 158 7.01 37.00 20.37
C ALA A 158 8.03 35.90 20.67
N PHE A 159 7.56 34.69 20.93
CA PHE A 159 8.51 33.61 21.24
C PHE A 159 9.30 33.25 19.96
N TRP A 160 8.60 33.15 18.87
CA TRP A 160 9.19 32.75 17.57
C TRP A 160 10.11 33.86 17.05
N GLN A 161 9.63 35.06 17.27
CA GLN A 161 10.26 36.30 16.80
C GLN A 161 11.62 36.49 17.44
N ALA A 162 11.67 36.37 18.73
CA ALA A 162 12.94 36.44 19.42
C ALA A 162 13.83 35.23 19.13
N LYS A 163 13.32 34.27 18.41
CA LYS A 163 14.06 33.01 18.23
C LYS A 163 14.50 32.83 16.83
N SER A 168 10.86 35.34 8.65
CA SER A 168 10.50 36.24 7.56
C SER A 168 9.65 35.62 6.44
N GLY A 169 8.52 36.23 6.25
CA GLY A 169 7.56 35.86 5.21
C GLY A 169 6.94 34.47 5.31
N ALA A 170 7.18 33.74 4.23
CA ALA A 170 6.75 32.33 4.08
C ALA A 170 7.50 31.36 4.94
N ASP A 171 8.60 31.81 5.50
CA ASP A 171 9.42 31.01 6.39
C ASP A 171 8.91 30.98 7.82
N ALA A 172 7.95 31.83 8.11
CA ALA A 172 7.49 32.04 9.48
C ALA A 172 6.56 30.90 9.84
N LYS A 173 5.54 30.73 9.01
CA LYS A 173 4.61 29.65 9.15
C LYS A 173 5.40 28.32 9.20
N GLU A 174 6.52 28.27 8.51
CA GLU A 174 7.29 27.01 8.42
C GLU A 174 8.16 26.75 9.66
N LYS A 175 8.67 27.84 10.19
CA LYS A 175 9.58 27.77 11.33
C LYS A 175 8.75 27.47 12.63
N ILE A 176 7.58 28.08 12.69
CA ILE A 176 6.61 27.86 13.75
C ILE A 176 6.19 26.38 13.75
N SER A 177 5.88 25.90 12.55
CA SER A 177 5.54 24.46 12.36
C SER A 177 6.61 23.51 12.85
N ALA A 178 7.83 23.80 12.48
CA ALA A 178 8.96 22.93 12.81
C ALA A 178 9.20 22.98 14.34
N GLY A 179 8.83 24.10 14.92
CA GLY A 179 9.02 24.35 16.35
C GLY A 179 8.04 23.44 17.14
N TYR A 180 6.81 23.48 16.68
CA TYR A 180 5.75 22.63 17.26
C TYR A 180 5.99 21.11 17.04
N PHE A 181 6.55 20.77 15.91
CA PHE A 181 6.91 19.34 15.65
C PHE A 181 8.05 18.87 16.57
N ARG A 182 8.93 19.79 16.86
CA ARG A 182 9.95 19.58 17.89
C ARG A 182 9.40 19.33 19.33
N VAL A 183 8.41 20.12 19.67
CA VAL A 183 7.64 19.96 20.89
C VAL A 183 7.05 18.55 21.01
N ILE A 184 6.35 18.17 19.97
CA ILE A 184 5.79 16.81 19.80
C ILE A 184 6.76 15.66 19.93
N ARG A 185 7.83 15.76 19.22
CA ARG A 185 8.94 14.78 19.32
C ARG A 185 9.42 14.64 20.78
N ASN A 186 9.68 15.77 21.38
CA ASN A 186 10.11 15.81 22.78
C ASN A 186 9.02 15.21 23.75
N TYR A 187 7.78 15.51 23.47
CA TYR A 187 6.65 14.94 24.23
C TYR A 187 6.72 13.39 24.16
N TYR A 188 6.92 12.90 22.98
CA TYR A 188 7.09 11.46 22.77
C TYR A 188 8.27 10.88 23.59
N ARG A 189 9.32 11.63 23.67
CA ARG A 189 10.52 11.21 24.44
C ARG A 189 10.40 11.30 25.94
N PHE A 190 9.87 12.45 26.44
CA PHE A 190 9.94 12.79 27.85
C PHE A 190 8.58 12.92 28.54
N GLY A 191 7.55 12.82 27.71
CA GLY A 191 6.18 13.12 28.07
C GLY A 191 5.52 12.15 29.05
N TRP A 192 6.17 11.03 29.25
CA TRP A 192 5.72 10.04 30.23
C TRP A 192 5.70 10.59 31.68
N VAL A 193 6.31 11.73 31.88
CA VAL A 193 6.36 12.37 33.21
C VAL A 193 4.93 12.76 33.60
N ILE A 194 4.13 12.97 32.57
CA ILE A 194 2.73 13.36 32.76
C ILE A 194 1.84 12.29 33.46
N PRO A 195 1.73 11.08 32.94
CA PRO A 195 1.05 9.99 33.66
C PRO A 195 1.73 9.57 34.97
N TYR A 196 3.05 9.74 35.04
CA TYR A 196 3.73 9.48 36.34
C TYR A 196 3.13 10.35 37.47
N LEU A 197 3.01 11.65 37.19
CA LEU A 197 2.59 12.64 38.16
C LEU A 197 1.04 12.65 38.38
N PHE A 198 0.36 12.67 37.26
CA PHE A 198 -1.10 12.97 37.18
C PHE A 198 -1.96 11.84 36.68
N GLY A 199 -1.32 10.75 36.30
CA GLY A 199 -2.01 9.56 35.97
C GLY A 199 -2.87 9.12 37.13
N ALA A 200 -4.09 8.68 36.79
CA ALA A 200 -5.10 8.39 37.83
C ALA A 200 -6.09 7.29 37.47
N SER A 201 -5.54 6.23 36.95
CA SER A 201 -6.32 5.07 36.49
C SER A 201 -5.56 3.73 36.64
N PRO A 202 -5.14 3.42 37.85
CA PRO A 202 -4.37 2.21 38.19
C PRO A 202 -5.18 0.94 38.21
N ALA A 203 -6.46 1.15 38.08
CA ALA A 203 -7.45 0.08 38.19
C ALA A 203 -8.46 0.15 37.07
N ILE A 204 -8.97 -1.01 36.77
CA ILE A 204 -10.01 -1.15 35.71
C ILE A 204 -11.01 -2.25 36.05
N SER A 205 -12.25 -1.98 35.73
CA SER A 205 -13.32 -2.97 35.90
C SER A 205 -13.19 -4.12 34.92
N SER A 206 -13.47 -5.30 35.40
CA SER A 206 -13.25 -6.54 34.59
C SER A 206 -14.24 -6.58 33.42
N SER A 207 -15.32 -5.88 33.58
CA SER A 207 -16.29 -5.78 32.48
C SER A 207 -15.67 -5.10 31.27
N PHE A 208 -14.63 -4.32 31.48
CA PHE A 208 -14.03 -3.54 30.37
C PHE A 208 -12.99 -4.39 29.61
N LEU A 209 -12.65 -5.54 30.16
CA LEU A 209 -11.80 -6.50 29.39
C LEU A 209 -12.65 -7.42 28.55
N SER A 215 -3.24 -11.71 30.46
CA SER A 215 -1.84 -11.39 30.07
C SER A 215 -0.98 -10.55 31.10
N LEU A 216 -1.62 -9.61 31.82
CA LEU A 216 -0.91 -8.75 32.80
C LEU A 216 -1.02 -9.28 34.27
N PRO A 217 -0.02 -8.99 35.08
CA PRO A 217 0.09 -9.41 36.50
C PRO A 217 -0.99 -8.89 37.46
N PHE A 218 -2.21 -8.78 36.95
CA PHE A 218 -3.30 -8.12 37.68
C PHE A 218 -3.61 -8.66 39.04
N GLU A 219 -3.83 -7.76 39.98
CA GLU A 219 -4.35 -8.14 41.28
C GLU A 219 -5.83 -8.15 41.00
N LYS A 220 -6.54 -9.04 41.63
CA LYS A 220 -8.01 -9.09 41.45
C LYS A 220 -8.79 -8.97 42.77
N THR A 221 -9.99 -8.55 42.61
CA THR A 221 -10.89 -8.37 43.73
C THR A 221 -12.15 -9.18 43.50
N GLU A 222 -12.86 -9.48 44.60
CA GLU A 222 -14.08 -10.35 44.53
C GLU A 222 -15.17 -9.73 43.67
N SER A 223 -15.06 -8.42 43.43
CA SER A 223 -16.14 -7.65 42.73
C SER A 223 -15.81 -7.54 41.24
N GLY A 224 -14.61 -8.05 40.93
CA GLY A 224 -14.10 -7.88 39.56
C GLY A 224 -13.31 -6.60 39.24
N MET A 225 -12.80 -5.97 40.28
CA MET A 225 -11.88 -4.86 40.11
C MET A 225 -10.47 -5.41 39.95
N TYR A 226 -9.92 -5.14 38.77
CA TYR A 226 -8.56 -5.47 38.40
C TYR A 226 -7.71 -4.25 38.57
N TYR A 227 -6.50 -4.46 39.08
CA TYR A 227 -5.53 -3.40 39.16
C TYR A 227 -4.12 -3.92 39.10
N LEU A 228 -3.24 -2.98 38.83
CA LEU A 228 -1.80 -3.16 38.96
C LEU A 228 -1.22 -2.30 40.08
N PRO A 229 -0.38 -2.86 40.90
CA PRO A 229 0.07 -2.24 42.15
C PRO A 229 0.83 -0.93 41.97
N TYR A 230 1.56 -0.84 40.87
CA TYR A 230 2.45 0.34 40.60
C TYR A 230 2.07 1.12 39.37
N ALA A 231 0.91 0.76 38.84
CA ALA A 231 0.44 1.41 37.62
C ALA A 231 0.02 2.88 37.88
N THR A 232 0.10 3.64 36.81
CA THR A 232 -0.30 5.03 36.82
C THR A 232 -1.58 5.29 36.03
N SER A 233 -1.53 4.96 34.79
CA SER A 233 -2.65 5.23 33.84
C SER A 233 -2.95 4.13 32.83
N LEU A 234 -3.77 3.19 33.26
CA LEU A 234 -4.30 2.14 32.36
C LEU A 234 -5.11 2.69 31.23
N ARG A 235 -5.67 3.86 31.46
CA ARG A 235 -6.37 4.59 30.37
C ARG A 235 -5.48 4.76 29.11
N LEU A 236 -4.21 5.08 29.32
CA LEU A 236 -3.22 5.23 28.23
C LEU A 236 -2.66 3.91 27.70
N SER A 237 -2.82 2.85 28.48
CA SER A 237 -2.35 1.54 28.05
C SER A 237 -3.24 1.05 26.93
N ASP A 238 -2.88 -0.09 26.38
CA ASP A 238 -3.64 -0.76 25.33
C ASP A 238 -5.03 -1.19 25.77
N LEU A 239 -5.18 -1.39 27.06
CA LEU A 239 -6.48 -1.77 27.59
C LEU A 239 -7.49 -0.60 27.62
N GLY A 240 -6.95 0.63 27.60
CA GLY A 240 -7.73 1.88 27.77
C GLY A 240 -8.23 2.56 26.50
N TYR A 241 -7.70 2.13 25.36
CA TYR A 241 -8.17 2.67 24.08
C TYR A 241 -8.18 1.57 23.00
N THR A 242 -9.16 1.68 22.13
CA THR A 242 -9.46 0.62 21.09
C THR A 242 -8.80 0.92 19.72
N ASN A 243 -8.69 2.19 19.49
CA ASN A 243 -8.09 2.88 18.32
C ASN A 243 -6.69 2.51 17.96
N LYS A 244 -6.29 3.04 16.82
CA LYS A 244 -4.93 2.82 16.28
C LYS A 244 -4.10 4.02 16.59
N SER A 245 -3.02 3.78 17.33
CA SER A 245 -2.09 4.85 17.68
C SER A 245 -1.48 5.40 16.35
N GLN A 246 -1.39 6.74 16.29
CA GLN A 246 -0.78 7.44 15.12
C GLN A 246 0.67 6.92 14.87
N SER A 247 1.34 6.70 15.97
CA SER A 247 2.68 6.13 16.03
C SER A 247 2.78 4.74 15.31
N ASN A 248 1.77 3.88 15.55
CA ASN A 248 1.63 2.53 14.89
C ASN A 248 1.33 2.55 13.38
N LEU A 249 0.46 3.48 12.95
CA LEU A 249 0.12 3.70 11.52
C LEU A 249 1.26 4.22 10.65
N GLY A 250 2.40 4.51 11.28
CA GLY A 250 3.57 4.99 10.52
C GLY A 250 3.58 6.50 10.26
N ILE A 251 2.69 7.19 10.92
CA ILE A 251 2.64 8.64 10.94
C ILE A 251 3.79 9.22 11.77
N THR A 252 4.46 10.18 11.16
CA THR A 252 5.67 10.81 11.73
C THR A 252 5.58 12.30 11.90
N PHE A 253 6.54 12.85 12.64
CA PHE A 253 6.52 14.24 13.15
C PHE A 253 7.80 15.04 12.95
N ASN A 254 8.34 14.90 11.76
CA ASN A 254 9.60 15.55 11.36
C ASN A 254 9.37 16.69 10.42
N ASP A 255 8.27 16.55 9.71
CA ASP A 255 7.93 17.47 8.60
C ASP A 255 6.43 17.53 8.32
N LEU A 256 5.96 18.76 8.16
CA LEU A 256 4.51 19.06 7.98
C LEU A 256 3.84 18.31 6.82
N TYR A 257 4.36 18.53 5.64
CA TYR A 257 3.86 17.82 4.48
C TYR A 257 3.87 16.31 4.68
N GLU A 258 4.93 15.77 5.25
CA GLU A 258 5.01 14.29 5.45
C GLU A 258 3.80 13.84 6.30
N TYR A 259 3.64 14.56 7.39
CA TYR A 259 2.66 14.27 8.44
C TYR A 259 1.30 14.28 7.79
N VAL A 260 0.99 15.37 7.09
CA VAL A 260 -0.33 15.52 6.45
C VAL A 260 -0.64 14.44 5.44
N ALA A 261 0.36 14.13 4.65
CA ALA A 261 0.22 13.09 3.64
C ALA A 261 -0.11 11.74 4.26
N GLY A 262 0.62 11.40 5.32
CA GLY A 262 0.44 10.13 6.05
C GLY A 262 -1.01 10.01 6.62
N LEU A 263 -1.48 11.15 7.09
CA LEU A 263 -2.80 11.24 7.67
C LEU A 263 -3.90 11.09 6.63
N LYS A 264 -3.85 11.90 5.60
CA LYS A 264 -4.77 11.77 4.45
C LYS A 264 -4.71 10.43 3.74
N GLN A 265 -3.53 9.78 3.78
CA GLN A 265 -3.40 8.42 3.23
C GLN A 265 -4.31 7.46 4.03
N ALA A 266 -4.27 7.63 5.33
CA ALA A 266 -5.09 6.82 6.26
C ALA A 266 -6.62 7.05 6.06
N ILE A 267 -7.00 8.28 5.76
CA ILE A 267 -8.41 8.58 5.45
C ILE A 267 -8.88 7.85 4.17
N LYS A 268 -7.93 7.59 3.33
CA LYS A 268 -8.22 7.16 1.95
C LYS A 268 -8.11 5.64 1.74
N THR A 269 -7.33 5.02 2.58
CA THR A 269 -7.06 3.59 2.58
C THR A 269 -8.20 2.67 3.05
N PRO A 270 -8.72 1.79 2.17
CA PRO A 270 -9.72 0.82 2.61
C PRO A 270 -9.17 -0.17 3.56
N SER A 271 -10.07 -0.73 4.36
CA SER A 271 -9.78 -1.74 5.44
C SER A 271 -10.52 -3.01 5.19
N GLU A 272 -9.80 -4.13 5.15
CA GLU A 272 -10.51 -5.45 4.95
C GLU A 272 -11.40 -5.69 6.22
N GLU A 273 -10.76 -5.47 7.35
CA GLU A 273 -11.44 -5.62 8.60
C GLU A 273 -12.85 -4.92 8.65
N TYR A 274 -12.91 -3.61 8.37
CA TYR A 274 -14.17 -2.84 8.52
C TYR A 274 -15.17 -3.04 7.38
N ALA A 275 -14.65 -3.49 6.25
CA ALA A 275 -15.53 -3.90 5.12
C ALA A 275 -16.38 -5.08 5.52
N LYS A 276 -15.74 -5.97 6.26
CA LYS A 276 -16.40 -7.18 6.82
C LYS A 276 -17.63 -6.83 7.71
N ILE A 277 -17.60 -5.64 8.32
CA ILE A 277 -18.73 -5.15 9.13
C ILE A 277 -19.89 -4.78 8.20
N GLY A 278 -19.48 -4.33 7.03
CA GLY A 278 -20.37 -3.84 5.99
C GLY A 278 -20.75 -2.37 6.20
N ILE A 279 -21.10 -1.66 5.14
CA ILE A 279 -21.45 -0.25 5.29
C ILE A 279 -22.93 -0.13 5.63
N GLU A 280 -23.56 -1.29 5.72
CA GLU A 280 -25.03 -1.41 5.94
C GLU A 280 -25.51 -2.78 6.34
N LYS A 281 -26.66 -2.78 6.99
CA LYS A 281 -27.26 -4.02 7.52
C LYS A 281 -28.72 -3.79 7.92
N ASP A 282 -29.55 -4.18 6.95
CA ASP A 282 -31.03 -4.19 7.03
C ASP A 282 -31.60 -2.80 7.02
N GLY A 283 -31.15 -1.99 6.04
CA GLY A 283 -31.49 -0.54 6.02
C GLY A 283 -30.80 0.35 7.10
N LYS A 284 -30.05 -0.23 8.05
CA LYS A 284 -29.32 0.60 9.06
C LYS A 284 -27.90 0.87 8.61
N ARG A 285 -27.61 2.14 8.35
CA ARG A 285 -26.22 2.57 8.12
C ARG A 285 -25.35 2.36 9.40
N LEU A 286 -24.27 1.60 9.23
CA LEU A 286 -23.39 1.12 10.31
C LEU A 286 -22.11 1.91 10.40
N GLN A 287 -21.73 2.49 9.30
CA GLN A 287 -20.53 3.30 9.24
C GLN A 287 -20.69 4.42 8.24
N ILE A 288 -19.73 5.34 8.25
CA ILE A 288 -19.66 6.41 7.29
C ILE A 288 -19.08 5.81 6.01
N ASN A 289 -17.98 5.09 6.20
CA ASN A 289 -17.25 4.36 5.16
C ASN A 289 -16.54 3.16 5.81
N SER A 290 -15.75 2.46 5.00
CA SER A 290 -14.98 1.26 5.41
C SER A 290 -13.50 1.51 5.35
N ASN A 291 -13.12 2.77 5.36
CA ASN A 291 -11.69 3.17 5.37
C ASN A 291 -11.03 3.10 6.74
N VAL A 292 -9.71 3.09 6.78
CA VAL A 292 -8.95 2.89 8.07
C VAL A 292 -9.51 3.90 9.08
N LEU A 293 -9.49 5.16 8.67
CA LEU A 293 -10.07 6.28 9.39
C LEU A 293 -11.30 6.79 8.67
N GLN A 294 -12.43 6.80 9.34
CA GLN A 294 -13.68 7.31 8.76
C GLN A 294 -13.51 8.81 8.48
N ILE A 295 -13.01 9.50 9.49
CA ILE A 295 -12.55 10.90 9.46
C ILE A 295 -11.25 11.03 10.27
N GLU A 296 -10.69 12.20 10.28
CA GLU A 296 -9.39 12.48 10.89
C GLU A 296 -9.38 12.33 12.43
N ASN A 297 -10.48 12.65 13.07
CA ASN A 297 -10.67 12.53 14.52
C ASN A 297 -10.56 11.10 15.03
N GLU A 298 -10.78 10.19 14.13
CA GLU A 298 -10.72 8.77 14.51
C GLU A 298 -9.30 8.31 14.82
N LEU A 299 -8.34 9.03 14.27
CA LEU A 299 -6.96 8.76 14.62
C LEU A 299 -6.67 8.93 16.14
N TYR A 300 -6.08 7.93 16.75
CA TYR A 300 -5.58 8.03 18.14
C TYR A 300 -4.32 8.81 18.23
N ALA A 301 -4.43 9.97 18.86
CA ALA A 301 -3.32 10.91 19.04
C ALA A 301 -3.19 11.52 20.45
N PRO A 302 -2.22 11.07 21.24
CA PRO A 302 -2.04 11.56 22.59
C PRO A 302 -1.73 13.08 22.53
N ILE A 303 -1.03 13.44 21.45
CA ILE A 303 -0.64 14.84 21.15
C ILE A 303 -0.86 15.08 19.68
N ARG A 304 -1.60 16.16 19.38
CA ARG A 304 -2.00 16.44 18.01
C ARG A 304 -1.78 17.86 17.47
N PRO A 305 -1.09 17.97 16.34
CA PRO A 305 -0.90 19.30 15.71
C PRO A 305 -2.22 19.95 15.35
N LYS A 306 -2.32 21.26 15.43
CA LYS A 306 -3.61 21.81 15.07
C LYS A 306 -3.58 23.22 14.52
N ARG A 307 -4.65 23.53 13.77
CA ARG A 307 -4.93 24.81 13.20
C ARG A 307 -6.43 24.88 13.02
N VAL A 308 -6.96 25.98 13.45
CA VAL A 308 -8.37 26.26 13.36
C VAL A 308 -8.83 26.14 11.93
N THR A 309 -9.88 25.37 11.72
CA THR A 309 -10.43 25.21 10.35
C THR A 309 -11.34 26.30 9.91
N ARG A 310 -11.32 26.55 8.60
CA ARG A 310 -12.29 27.42 7.97
C ARG A 310 -13.43 26.52 7.54
N SER A 311 -14.59 27.10 7.40
CA SER A 311 -15.76 26.28 7.11
C SER A 311 -15.47 25.35 5.90
N GLY A 312 -15.88 24.09 6.04
CA GLY A 312 -15.72 23.12 4.92
C GLY A 312 -14.33 22.49 4.77
N GLU A 313 -13.36 23.09 5.46
CA GLU A 313 -12.03 22.59 5.37
C GLU A 313 -11.75 21.54 6.44
N SER A 314 -11.01 20.54 6.06
CA SER A 314 -10.62 19.48 7.03
C SER A 314 -9.39 19.98 7.90
N PRO A 315 -9.21 19.41 9.04
CA PRO A 315 -8.13 19.78 9.94
C PRO A 315 -6.76 19.67 9.27
N SER A 316 -6.58 18.67 8.44
CA SER A 316 -5.27 18.44 7.79
C SER A 316 -5.08 19.45 6.65
N ASP A 317 -6.20 19.77 6.03
CA ASP A 317 -6.25 20.83 4.97
C ASP A 317 -5.68 22.13 5.52
N ALA A 318 -6.20 22.44 6.67
CA ALA A 318 -5.94 23.72 7.33
C ALA A 318 -4.49 23.79 7.78
N LEU A 319 -3.96 22.65 8.19
CA LEU A 319 -2.56 22.54 8.58
C LEU A 319 -1.64 22.83 7.37
N LEU A 320 -2.02 22.23 6.25
CA LEU A 320 -1.29 22.28 5.01
C LEU A 320 -1.23 23.73 4.46
N ARG A 321 -2.38 24.39 4.56
CA ARG A 321 -2.59 25.79 4.22
C ARG A 321 -1.77 26.80 5.06
N GLY A 322 -1.89 26.73 6.38
CA GLY A 322 -1.35 27.74 7.28
C GLY A 322 -0.27 27.29 8.26
N GLY A 323 0.01 26.02 8.19
CA GLY A 323 0.97 25.38 9.09
C GLY A 323 0.33 25.18 10.45
N ILE A 324 1.16 24.77 11.38
CA ILE A 324 0.74 24.56 12.76
C ILE A 324 0.56 25.87 13.56
N GLU A 325 -0.62 26.00 14.13
CA GLU A 325 -1.05 27.14 14.96
C GLU A 325 -0.92 26.87 16.45
N TYR A 326 -1.36 25.69 16.84
CA TYR A 326 -1.29 25.27 18.23
C TYR A 326 -1.28 23.76 18.42
N ILE A 327 -1.05 23.36 19.66
CA ILE A 327 -0.94 21.96 20.06
C ILE A 327 -2.05 21.59 21.08
N GLU A 328 -2.48 20.35 20.95
CA GLU A 328 -3.49 19.69 21.76
C GLU A 328 -2.90 18.47 22.46
N VAL A 329 -2.88 18.52 23.78
CA VAL A 329 -2.34 17.45 24.61
C VAL A 329 -3.52 16.69 25.18
N ARG A 330 -3.72 15.48 24.68
CA ARG A 330 -4.89 14.67 25.04
C ARG A 330 -4.62 13.59 26.08
N SER A 331 -3.44 13.55 26.68
CA SER A 331 -3.08 12.42 27.48
C SER A 331 -3.43 12.47 28.98
N LEU A 332 -4.08 13.54 29.43
CA LEU A 332 -4.40 13.70 30.85
C LEU A 332 -5.55 12.84 31.30
N ASP A 333 -5.32 12.02 32.30
CA ASP A 333 -6.44 11.34 32.98
C ASP A 333 -7.23 12.45 33.70
N ILE A 334 -8.47 12.11 33.96
CA ILE A 334 -9.33 12.87 34.84
C ILE A 334 -8.70 12.91 36.23
N ASN A 335 -8.65 14.12 36.78
CA ASN A 335 -8.15 14.35 38.14
C ASN A 335 -9.32 14.14 39.13
N PRO A 336 -9.28 13.05 39.88
CA PRO A 336 -10.36 12.66 40.82
C PRO A 336 -10.47 13.55 42.05
N PHE A 337 -9.39 14.29 42.28
CA PHE A 337 -9.24 15.14 43.48
C PHE A 337 -9.67 16.60 43.22
N SER A 338 -10.31 16.76 42.07
CA SER A 338 -10.98 18.00 41.68
C SER A 338 -12.31 17.78 41.04
N PRO A 339 -13.29 18.56 41.44
CA PRO A 339 -14.67 18.48 40.92
C PRO A 339 -14.80 18.77 39.46
N ILE A 340 -13.82 19.48 38.94
CA ILE A 340 -13.80 19.79 37.48
C ILE A 340 -12.84 18.94 36.70
N GLY A 341 -12.28 17.95 37.39
CA GLY A 341 -11.41 16.95 36.79
C GLY A 341 -10.04 17.44 36.27
N VAL A 342 -9.72 18.64 36.68
CA VAL A 342 -8.44 19.27 36.35
C VAL A 342 -8.15 20.47 37.29
N ASP A 343 -6.87 20.68 37.60
CA ASP A 343 -6.47 21.73 38.55
C ASP A 343 -5.34 22.60 38.05
N GLU A 344 -5.14 23.67 38.80
CA GLU A 344 -4.16 24.72 38.45
C GLU A 344 -2.72 24.18 38.41
N GLN A 345 -2.42 23.32 39.36
CA GLN A 345 -1.06 22.78 39.50
C GLN A 345 -0.69 22.05 38.20
N GLN A 346 -1.68 21.36 37.69
CA GLN A 346 -1.55 20.57 36.41
C GLN A 346 -1.32 21.45 35.14
N VAL A 347 -2.13 22.48 35.03
CA VAL A 347 -2.09 23.39 33.90
C VAL A 347 -0.73 24.11 33.85
N ARG A 348 -0.29 24.54 35.01
CA ARG A 348 1.01 25.19 35.21
C ARG A 348 2.17 24.26 34.94
N PHE A 349 2.06 23.02 35.38
CA PHE A 349 3.10 22.06 35.05
C PHE A 349 3.20 21.94 33.54
N LEU A 350 2.04 21.82 32.90
CA LEU A 350 2.03 21.60 31.46
C LEU A 350 2.59 22.80 30.68
N ASP A 351 2.27 24.01 31.12
CA ASP A 351 2.89 25.24 30.57
C ASP A 351 4.45 25.07 30.56
N LEU A 352 4.99 24.67 31.73
CA LEU A 352 6.45 24.51 31.95
C LEU A 352 7.08 23.51 31.02
N PHE A 353 6.48 22.35 31.01
CA PHE A 353 6.94 21.17 30.25
C PHE A 353 6.88 21.40 28.74
N MET A 354 5.78 21.98 28.30
CA MET A 354 5.59 22.30 26.89
C MET A 354 6.65 23.32 26.42
N VAL A 355 6.82 24.34 27.22
CA VAL A 355 7.81 25.35 26.93
C VAL A 355 9.19 24.69 26.79
N TRP A 356 9.48 23.86 27.76
CA TRP A 356 10.77 23.10 27.76
C TRP A 356 10.90 22.21 26.54
N CYS A 357 9.78 21.65 26.11
CA CYS A 357 9.78 20.78 24.92
C CYS A 357 10.10 21.55 23.63
N ALA A 358 9.81 22.83 23.68
CA ALA A 358 10.05 23.76 22.55
C ALA A 358 11.52 24.30 22.49
N LEU A 359 12.19 24.22 23.61
CA LEU A 359 13.57 24.67 23.78
C LEU A 359 14.55 23.52 23.52
N ALA A 360 14.18 22.41 24.05
CA ALA A 360 14.97 21.21 23.94
C ALA A 360 15.04 20.81 22.48
N ASP A 361 16.17 20.28 22.21
CA ASP A 361 16.54 19.90 20.91
C ASP A 361 16.09 18.49 20.56
N ALA A 362 15.37 18.37 19.46
CA ALA A 362 14.79 17.09 19.09
C ALA A 362 15.19 16.63 17.69
N PRO A 363 16.05 15.64 17.64
CA PRO A 363 16.44 15.04 16.39
C PRO A 363 15.24 14.41 15.74
N GLU A 364 15.26 14.47 14.44
CA GLU A 364 14.22 13.88 13.63
C GLU A 364 14.13 12.36 13.94
N MET A 365 12.91 11.84 13.81
CA MET A 365 12.64 10.45 14.14
C MET A 365 11.79 9.69 13.15
N SER A 366 12.27 8.51 12.86
CA SER A 366 11.56 7.54 11.98
C SER A 366 10.43 6.84 12.75
N SER A 367 9.56 6.22 11.99
CA SER A 367 8.43 5.49 12.56
C SER A 367 8.86 4.59 13.73
N SER A 368 9.88 3.82 13.45
CA SER A 368 10.39 2.84 14.39
C SER A 368 11.17 3.50 15.61
N GLU A 369 11.73 4.68 15.38
CA GLU A 369 12.44 5.43 16.42
C GLU A 369 11.43 5.96 17.44
N LEU A 370 10.34 6.46 16.88
CA LEU A 370 9.17 6.89 17.64
C LEU A 370 8.56 5.80 18.48
N ALA A 371 8.36 4.64 17.84
CA ALA A 371 7.88 3.44 18.56
C ALA A 371 8.79 3.13 19.78
N CYS A 372 10.08 3.41 19.65
CA CYS A 372 11.08 3.14 20.72
C CYS A 372 10.90 4.07 21.91
N THR A 373 10.53 5.34 21.62
CA THR A 373 10.26 6.34 22.70
C THR A 373 9.16 5.85 23.63
N ARG A 374 8.35 4.99 23.07
CA ARG A 374 7.18 4.40 23.76
C ARG A 374 7.49 3.35 24.80
N VAL A 375 8.68 2.79 24.69
CA VAL A 375 9.09 1.77 25.62
C VAL A 375 9.06 2.31 27.03
N ASN A 376 9.62 3.49 27.23
CA ASN A 376 9.62 4.18 28.54
C ASN A 376 8.18 4.53 29.00
N TRP A 377 7.35 4.94 28.04
CA TRP A 377 5.94 5.30 28.32
C TRP A 377 5.21 4.12 28.95
N ASN A 378 5.51 2.97 28.38
CA ASN A 378 4.84 1.70 28.80
C ASN A 378 5.21 1.23 30.22
N ARG A 379 6.49 1.33 30.51
CA ARG A 379 7.05 1.08 31.79
C ARG A 379 6.32 1.96 32.86
N VAL A 380 6.20 3.24 32.54
CA VAL A 380 5.66 4.25 33.47
C VAL A 380 4.15 4.07 33.65
N ILE A 381 3.53 3.80 32.53
CA ILE A 381 2.09 3.56 32.46
C ILE A 381 1.64 2.37 33.37
N LEU A 382 2.39 1.27 33.30
CA LEU A 382 2.05 0.00 33.94
C LEU A 382 2.69 -0.28 35.30
N GLU A 383 3.85 0.31 35.50
CA GLU A 383 4.64 0.08 36.73
C GLU A 383 5.57 1.28 37.09
N GLY A 384 5.09 2.47 36.72
CA GLY A 384 5.78 3.73 36.97
C GLY A 384 6.19 4.07 38.41
N ARG A 385 5.46 3.53 39.36
CA ARG A 385 5.63 3.76 40.80
C ARG A 385 6.47 2.66 41.49
N LYS A 386 6.90 1.71 40.69
CA LYS A 386 7.76 0.62 41.12
C LYS A 386 9.13 1.07 41.65
N PRO A 387 9.44 0.73 42.88
CA PRO A 387 10.76 1.03 43.42
C PRO A 387 11.85 0.40 42.59
N GLY A 388 12.82 1.24 42.27
CA GLY A 388 14.01 0.80 41.55
C GLY A 388 13.81 0.86 40.03
N LEU A 389 12.68 1.35 39.58
CA LEU A 389 12.39 1.45 38.14
C LEU A 389 13.46 2.22 37.40
N THR A 390 13.84 1.64 36.29
CA THR A 390 14.83 2.29 35.39
C THR A 390 14.32 2.52 34.00
N LEU A 391 14.75 3.65 33.46
CA LEU A 391 14.42 4.09 32.12
C LEU A 391 15.63 4.06 31.23
N GLY A 392 15.34 4.08 29.95
CA GLY A 392 16.34 4.04 28.91
C GLY A 392 16.23 5.06 27.79
N ILE A 393 17.26 5.09 26.95
CA ILE A 393 17.21 5.92 25.73
C ILE A 393 16.63 5.09 24.63
N GLY A 394 15.42 5.41 24.30
CA GLY A 394 14.64 4.61 23.37
C GLY A 394 14.57 3.15 23.75
N CYS A 395 15.06 2.32 22.85
CA CYS A 395 15.05 0.83 22.98
C CYS A 395 16.23 0.33 23.74
N GLU A 396 17.18 1.24 23.97
CA GLU A 396 18.47 0.86 24.57
C GLU A 396 18.26 0.45 25.98
N THR A 397 19.20 -0.34 26.46
CA THR A 397 19.09 -1.01 27.77
C THR A 397 18.73 0.00 28.86
N ALA A 398 17.85 -0.41 29.77
CA ALA A 398 17.37 0.49 30.84
C ALA A 398 18.47 0.62 31.89
N GLN A 399 18.80 1.84 32.20
CA GLN A 399 19.90 2.11 33.14
C GLN A 399 19.80 3.38 33.97
N PHE A 400 18.84 4.24 33.62
CA PHE A 400 18.66 5.54 34.31
C PHE A 400 17.54 5.50 35.31
N PRO A 401 17.82 5.56 36.60
CA PRO A 401 16.76 5.49 37.62
C PRO A 401 15.80 6.64 37.47
N LEU A 402 14.54 6.29 37.46
CA LEU A 402 13.46 7.26 37.28
C LEU A 402 13.57 8.56 38.15
N PRO A 403 13.74 8.45 39.47
CA PRO A 403 13.78 9.62 40.37
C PRO A 403 14.85 10.65 39.98
N GLN A 404 16.01 10.14 39.59
CA GLN A 404 17.11 11.03 39.12
C GLN A 404 16.76 11.77 37.79
N VAL A 405 16.18 11.03 36.87
CA VAL A 405 15.72 11.62 35.60
C VAL A 405 14.66 12.76 35.78
N GLY A 406 13.70 12.51 36.62
CA GLY A 406 12.73 13.53 36.98
C GLY A 406 13.32 14.75 37.72
N LYS A 407 14.26 14.51 38.63
CA LYS A 407 14.91 15.61 39.32
C LYS A 407 15.65 16.46 38.26
N ASP A 408 16.31 15.80 37.33
CA ASP A 408 17.08 16.53 36.30
C ASP A 408 16.19 17.40 35.40
N LEU A 409 15.07 16.86 35.01
CA LEU A 409 14.06 17.59 34.24
C LEU A 409 13.51 18.78 34.99
N PHE A 410 13.28 18.56 36.27
CA PHE A 410 12.75 19.62 37.14
C PHE A 410 13.76 20.74 37.44
N ARG A 411 15.05 20.47 37.34
CA ARG A 411 16.03 21.56 37.49
C ARG A 411 15.90 22.56 36.35
N ASP A 412 15.62 22.06 35.17
CA ASP A 412 15.33 22.87 33.97
C ASP A 412 13.97 23.57 34.04
N LEU A 413 12.95 22.79 34.36
CA LEU A 413 11.60 23.33 34.55
C LEU A 413 11.56 24.50 35.55
N LYS A 414 12.31 24.35 36.63
CA LYS A 414 12.43 25.42 37.66
C LYS A 414 12.97 26.75 37.04
N ARG A 415 13.96 26.62 36.18
CA ARG A 415 14.47 27.80 35.46
C ARG A 415 13.43 28.47 34.55
N VAL A 416 12.68 27.63 33.85
CA VAL A 416 11.52 28.12 33.08
C VAL A 416 10.49 28.84 33.96
N ALA A 417 10.22 28.22 35.09
CA ALA A 417 9.31 28.76 36.14
C ALA A 417 9.73 30.13 36.65
N GLN A 418 11.00 30.22 36.98
CA GLN A 418 11.64 31.52 37.41
C GLN A 418 11.35 32.63 36.43
N THR A 419 11.49 32.28 35.17
CA THR A 419 11.24 33.23 34.05
C THR A 419 9.76 33.62 33.90
N LEU A 420 8.90 32.64 33.89
CA LEU A 420 7.46 32.96 33.80
C LEU A 420 6.97 33.71 35.02
N ASP A 421 7.47 33.29 36.18
CA ASP A 421 7.19 33.98 37.45
C ASP A 421 7.65 35.46 37.44
N SER A 422 8.73 35.78 36.74
CA SER A 422 9.19 37.17 36.69
C SER A 422 8.30 37.98 35.76
N ILE A 423 7.62 37.39 34.74
CA ILE A 423 6.71 38.23 33.85
C ILE A 423 5.30 38.33 34.39
N ASN A 424 4.81 37.33 35.11
CA ASN A 424 3.45 37.36 35.65
C ASN A 424 3.43 38.02 37.02
N GLY A 425 4.58 38.05 37.64
CA GLY A 425 4.76 38.51 38.99
C GLY A 425 4.32 37.34 39.87
N GLY A 426 4.96 37.17 41.02
CA GLY A 426 4.59 36.15 41.98
C GLY A 426 5.52 34.95 41.97
N GLU A 427 5.12 33.87 42.64
CA GLU A 427 5.99 32.68 42.75
C GLU A 427 5.31 31.31 42.40
N ALA A 428 4.20 31.39 41.70
CA ALA A 428 3.28 30.26 41.54
C ALA A 428 3.85 29.07 40.74
N TYR A 429 4.60 29.37 39.73
CA TYR A 429 5.19 28.31 38.88
C TYR A 429 6.32 27.59 39.61
N GLN A 430 7.01 28.32 40.44
CA GLN A 430 8.13 27.80 41.22
C GLN A 430 7.68 26.84 42.26
N LYS A 431 6.61 27.23 42.90
CA LYS A 431 5.98 26.43 43.95
C LYS A 431 5.58 25.08 43.42
N VAL A 432 5.02 25.14 42.23
CA VAL A 432 4.61 23.96 41.48
C VAL A 432 5.73 22.97 41.22
N CYS A 433 6.88 23.49 40.81
CA CYS A 433 8.09 22.63 40.64
C CYS A 433 8.49 21.95 41.90
N ASP A 434 8.41 22.67 43.02
CA ASP A 434 8.85 22.14 44.32
C ASP A 434 7.86 21.03 44.78
N GLU A 435 6.59 21.29 44.60
CA GLU A 435 5.54 20.31 44.97
C GLU A 435 5.67 19.05 44.19
N LEU A 436 5.84 19.21 42.89
CA LEU A 436 5.88 18.06 41.97
C LEU A 436 7.17 17.24 42.03
N VAL A 437 8.32 17.90 42.16
CA VAL A 437 9.60 17.18 42.16
C VAL A 437 9.68 16.18 43.33
N ALA A 438 8.97 16.49 44.39
CA ALA A 438 8.95 15.64 45.61
C ALA A 438 8.36 14.26 45.34
N CYS A 439 7.51 14.22 44.34
CA CYS A 439 6.90 12.93 43.85
C CYS A 439 7.87 11.92 43.25
N PHE A 440 9.02 12.40 42.84
CA PHE A 440 10.07 11.48 42.38
C PHE A 440 10.76 10.73 43.51
N ASP A 441 10.89 11.37 44.67
CA ASP A 441 11.47 10.68 45.87
C ASP A 441 10.43 9.90 46.63
N ASN A 442 9.18 10.35 46.56
CA ASN A 442 8.04 9.66 47.18
C ASN A 442 6.83 9.51 46.19
N PRO A 443 6.81 8.42 45.50
CA PRO A 443 5.79 8.10 44.54
C PRO A 443 4.38 7.92 45.13
N ASP A 444 4.28 7.82 46.45
CA ASP A 444 2.97 7.72 47.14
C ASP A 444 2.23 9.08 47.13
N LEU A 445 2.96 10.12 46.70
CA LEU A 445 2.44 11.50 46.51
C LEU A 445 1.74 11.67 45.17
N THR A 446 1.98 10.74 44.25
CA THR A 446 1.33 10.85 42.92
C THR A 446 -0.14 10.53 42.94
N PHE A 447 -0.83 11.03 41.94
CA PHE A 447 -2.32 10.88 41.83
C PHE A 447 -2.72 9.39 41.82
N SER A 448 -1.94 8.60 41.13
CA SER A 448 -2.24 7.16 40.94
C SER A 448 -2.13 6.40 42.23
N ALA A 449 -1.12 6.72 43.03
CA ALA A 449 -0.99 6.01 44.35
C ALA A 449 -2.18 6.40 45.28
N ARG A 450 -2.55 7.68 45.21
CA ARG A 450 -3.60 8.22 46.06
C ARG A 450 -4.93 7.55 45.70
N ILE A 451 -5.20 7.52 44.43
CA ILE A 451 -6.47 6.99 43.97
C ILE A 451 -6.57 5.44 44.15
N LEU A 452 -5.43 4.79 44.03
CA LEU A 452 -5.37 3.36 44.21
C LEU A 452 -5.74 2.98 45.65
N ARG A 453 -5.27 3.77 46.60
CA ARG A 453 -5.54 3.52 48.02
C ARG A 453 -7.08 3.56 48.22
N SER A 454 -7.67 4.60 47.67
CA SER A 454 -9.10 4.81 47.76
C SER A 454 -9.88 3.61 47.17
N MET A 455 -9.43 3.19 46.00
CA MET A 455 -10.05 2.11 45.19
C MET A 455 -10.00 0.73 45.87
N ILE A 456 -8.89 0.43 46.51
CA ILE A 456 -8.73 -0.82 47.19
C ILE A 456 -9.69 -0.94 48.37
N ASP A 457 -9.99 0.20 48.95
CA ASP A 457 -10.88 0.31 50.09
C ASP A 457 -12.37 0.29 49.73
N THR A 458 -12.74 0.93 48.65
CA THR A 458 -14.18 1.14 48.30
C THR A 458 -14.54 0.74 46.86
N GLY A 459 -13.56 0.27 46.15
CA GLY A 459 -13.68 -0.04 44.74
C GLY A 459 -13.69 1.21 43.84
N ILE A 460 -13.66 0.94 42.56
CA ILE A 460 -13.89 1.97 41.51
C ILE A 460 -15.24 2.60 41.69
N GLY A 461 -16.22 1.73 41.79
CA GLY A 461 -17.62 2.13 41.97
C GLY A 461 -17.89 3.00 43.26
N GLY A 462 -17.44 2.49 44.41
CA GLY A 462 -17.62 3.14 45.72
C GLY A 462 -16.88 4.49 45.78
N THR A 463 -15.63 4.47 45.30
CA THR A 463 -14.75 5.63 45.25
C THR A 463 -15.34 6.72 44.38
N GLY A 464 -15.69 6.30 43.19
CA GLY A 464 -16.44 7.14 42.21
C GLY A 464 -17.84 7.66 42.65
N LYS A 465 -18.66 6.79 43.19
CA LYS A 465 -20.01 7.23 43.69
C LYS A 465 -19.84 8.35 44.78
N ALA A 466 -18.89 8.13 45.67
CA ALA A 466 -18.66 9.05 46.82
C ALA A 466 -18.16 10.41 46.38
N PHE A 467 -17.21 10.39 45.46
CA PHE A 467 -16.62 11.66 44.95
C PHE A 467 -17.67 12.40 44.13
N ALA A 468 -18.41 11.64 43.37
CA ALA A 468 -19.52 12.21 42.52
C ALA A 468 -20.56 12.93 43.37
N GLU A 469 -20.86 12.32 44.51
CA GLU A 469 -21.85 12.89 45.43
C GLU A 469 -21.27 14.17 46.07
N ALA A 470 -20.05 14.06 46.59
CA ALA A 470 -19.41 15.20 47.24
C ALA A 470 -19.31 16.37 46.29
N TYR A 471 -18.89 16.07 45.08
CA TYR A 471 -18.69 17.08 44.07
C TYR A 471 -20.00 17.65 43.57
N ARG A 472 -21.04 16.82 43.51
CA ARG A 472 -22.35 17.33 43.14
C ARG A 472 -22.79 18.42 44.13
N ASN A 473 -22.62 18.12 45.41
CA ASN A 473 -23.02 19.01 46.49
C ASN A 473 -22.23 20.30 46.49
N LEU A 474 -20.96 20.22 46.17
CA LEU A 474 -20.12 21.43 46.03
C LEU A 474 -20.67 22.29 44.91
N LEU A 475 -20.64 21.72 43.73
CA LEU A 475 -21.06 22.37 42.46
C LEU A 475 -22.50 22.85 42.40
N ARG A 476 -23.38 22.24 43.17
CA ARG A 476 -24.82 22.63 43.23
C ARG A 476 -24.96 23.97 44.04
N GLU A 477 -24.12 24.17 45.09
CA GLU A 477 -24.25 25.29 46.03
C GLU A 477 -23.45 26.50 45.56
N GLU A 478 -22.34 26.24 44.89
CA GLU A 478 -21.39 27.31 44.53
C GLU A 478 -21.98 28.31 43.54
N PRO A 479 -21.90 29.58 43.86
CA PRO A 479 -22.39 30.60 42.96
C PRO A 479 -21.52 30.69 41.70
N LEU A 480 -22.18 31.07 40.65
CA LEU A 480 -21.51 31.35 39.37
C LEU A 480 -20.69 32.63 39.44
N GLU A 481 -19.46 32.54 38.94
CA GLU A 481 -18.49 33.64 39.08
C GLU A 481 -18.30 34.50 37.85
N ILE A 482 -18.22 33.88 36.71
CA ILE A 482 -17.95 34.62 35.49
C ILE A 482 -19.20 34.67 34.63
N LEU A 483 -19.65 33.51 34.26
CA LEU A 483 -20.94 33.34 33.59
C LEU A 483 -22.04 33.44 34.61
N ARG A 484 -23.15 33.99 34.21
CA ARG A 484 -24.28 34.06 35.13
C ARG A 484 -25.46 33.23 34.49
N GLU A 485 -26.38 32.81 35.31
CA GLU A 485 -27.54 32.03 34.86
C GLU A 485 -28.10 32.47 33.48
N GLU A 486 -28.25 33.77 33.32
CA GLU A 486 -28.90 34.34 32.14
C GLU A 486 -28.09 34.04 30.87
N ASP A 487 -26.82 33.75 31.06
CA ASP A 487 -25.91 33.46 29.92
C ASP A 487 -26.09 32.04 29.40
N PHE A 488 -26.41 31.16 30.33
CA PHE A 488 -26.59 29.74 30.02
C PHE A 488 -27.93 29.62 29.31
N VAL A 489 -28.87 30.40 29.79
CA VAL A 489 -30.23 30.45 29.21
C VAL A 489 -30.21 30.98 27.78
N ALA A 490 -29.51 32.08 27.59
CA ALA A 490 -29.32 32.68 26.23
C ALA A 490 -28.65 31.67 25.27
N GLU A 491 -27.57 31.06 25.73
CA GLU A 491 -26.83 30.07 24.92
C GLU A 491 -27.69 28.78 24.66
N ARG A 492 -28.56 28.44 25.60
CA ARG A 492 -29.52 27.40 25.36
C ARG A 492 -30.37 27.73 24.11
N GLU A 493 -30.99 28.89 24.15
CA GLU A 493 -31.96 29.38 23.11
C GLU A 493 -31.26 29.46 21.78
N ALA A 494 -30.15 30.14 21.80
CA ALA A 494 -29.34 30.37 20.62
C ALA A 494 -28.88 29.06 19.99
N SER A 495 -28.36 28.18 20.83
CA SER A 495 -27.88 26.86 20.34
C SER A 495 -29.04 26.03 19.71
N GLU A 496 -30.19 26.04 20.34
CA GLU A 496 -31.38 25.32 19.83
C GLU A 496 -31.77 25.90 18.49
N ARG A 497 -31.66 27.22 18.45
CA ARG A 497 -32.05 27.97 17.26
C ARG A 497 -31.19 27.54 16.07
N ARG A 498 -29.89 27.51 16.28
CA ARG A 498 -28.93 27.12 15.25
C ARG A 498 -29.17 25.72 14.70
N GLN A 499 -29.42 24.80 15.61
CA GLN A 499 -29.71 23.40 15.21
C GLN A 499 -30.97 23.38 14.31
N GLN A 500 -31.93 24.18 14.72
CA GLN A 500 -33.25 24.36 14.04
C GLN A 500 -33.06 24.90 12.61
N GLU A 501 -32.17 25.87 12.49
CA GLU A 501 -31.86 26.52 11.24
C GLU A 501 -31.14 25.61 10.28
N MET A 502 -30.24 24.80 10.80
CA MET A 502 -29.51 23.82 9.98
C MET A 502 -30.46 22.74 9.45
N GLU A 503 -31.45 22.47 10.24
CA GLU A 503 -32.40 21.37 9.93
C GLU A 503 -33.28 21.76 8.75
N ALA A 504 -33.77 22.98 8.82
CA ALA A 504 -34.61 23.65 7.82
C ALA A 504 -33.87 23.95 6.52
N ALA A 505 -32.62 24.35 6.66
CA ALA A 505 -31.71 24.72 5.54
C ALA A 505 -31.20 23.56 4.70
N ASP A 506 -31.35 22.37 5.19
CA ASP A 506 -30.99 21.21 4.36
C ASP A 506 -31.91 21.19 3.13
N THR A 507 -31.27 21.00 1.99
CA THR A 507 -31.96 20.78 0.71
C THR A 507 -31.89 19.35 0.19
N GLU A 508 -31.06 18.51 0.78
CA GLU A 508 -30.91 17.14 0.27
C GLU A 508 -31.16 16.00 1.20
N PRO A 509 -31.49 14.88 0.60
CA PRO A 509 -31.71 13.62 1.32
C PRO A 509 -30.43 13.22 2.03
N PHE A 510 -30.50 12.66 3.23
CA PHE A 510 -29.26 12.36 3.91
C PHE A 510 -28.39 11.41 3.05
N ALA A 511 -29.03 10.47 2.36
CA ALA A 511 -28.24 9.48 1.55
C ALA A 511 -27.50 10.17 0.41
N VAL A 512 -28.15 11.17 -0.19
CA VAL A 512 -27.53 11.94 -1.29
C VAL A 512 -26.39 12.77 -0.78
N TRP A 513 -26.68 13.51 0.25
CA TRP A 513 -25.66 14.38 0.95
C TRP A 513 -24.41 13.56 1.39
N LEU A 514 -24.69 12.34 1.85
CA LEU A 514 -23.67 11.43 2.40
C LEU A 514 -22.69 10.96 1.35
N GLU A 515 -23.23 10.38 0.26
CA GLU A 515 -22.39 9.93 -0.85
C GLU A 515 -21.32 10.94 -1.17
N LYS A 516 -21.69 12.22 -1.04
CA LYS A 516 -20.82 13.35 -1.29
C LYS A 516 -19.80 13.67 -0.20
N HIS A 517 -19.98 13.21 1.06
CA HIS A 517 -19.03 13.54 2.15
C HIS A 517 -18.40 12.34 2.90
N ALA A 518 -18.28 11.12 2.32
CA ALA A 518 -17.73 9.96 3.05
C ALA A 518 -16.39 9.48 2.46
N ILE B 2 5.40 7.24 -20.53
CA ILE B 2 6.55 8.10 -20.20
C ILE B 2 7.77 7.57 -20.92
N PRO B 3 8.42 8.39 -21.74
CA PRO B 3 9.57 7.85 -22.48
C PRO B 3 10.72 7.40 -21.62
N ASP B 4 11.65 6.83 -22.34
CA ASP B 4 12.94 6.37 -21.84
C ASP B 4 13.94 7.50 -21.98
N VAL B 5 14.39 8.04 -20.88
CA VAL B 5 15.26 9.19 -20.88
C VAL B 5 16.55 8.88 -20.14
N SER B 6 16.72 7.59 -19.89
CA SER B 6 17.88 7.03 -19.14
C SER B 6 19.26 7.58 -19.60
N GLN B 7 19.47 7.53 -20.87
CA GLN B 7 20.76 7.99 -21.46
C GLN B 7 21.01 9.51 -21.23
N ALA B 8 19.98 10.28 -21.50
CA ALA B 8 20.05 11.73 -21.29
C ALA B 8 20.26 12.09 -19.80
N LEU B 9 19.57 11.35 -18.95
CA LEU B 9 19.70 11.52 -17.49
C LEU B 9 21.09 11.08 -16.97
N ALA B 10 21.62 10.02 -17.53
CA ALA B 10 22.96 9.49 -17.15
C ALA B 10 24.00 10.50 -17.55
N TRP B 11 23.75 11.06 -18.71
CA TRP B 11 24.59 12.11 -19.29
C TRP B 11 24.60 13.29 -18.32
N LEU B 12 23.41 13.63 -17.85
CA LEU B 12 23.21 14.78 -16.93
C LEU B 12 23.96 14.63 -15.58
N GLU B 13 23.91 13.41 -15.06
CA GLU B 13 24.55 13.10 -13.79
C GLU B 13 26.09 13.15 -13.88
N LYS B 14 26.59 12.94 -15.08
CA LYS B 14 28.04 12.98 -15.33
C LYS B 14 28.46 14.45 -15.48
N HIS B 15 27.51 15.32 -15.89
CA HIS B 15 27.77 16.76 -16.17
C HIS B 15 26.89 17.69 -15.35
N PRO B 16 27.05 17.67 -14.03
CA PRO B 16 26.16 18.36 -13.10
C PRO B 16 26.10 19.87 -13.34
N GLN B 17 27.27 20.42 -13.64
CA GLN B 17 27.42 21.86 -13.82
C GLN B 17 26.65 22.42 -15.02
N ALA B 18 26.19 21.54 -15.88
CA ALA B 18 25.38 21.95 -17.04
C ALA B 18 24.07 22.69 -16.68
N LEU B 19 23.67 22.59 -15.42
CA LEU B 19 22.42 23.22 -14.96
C LEU B 19 22.64 24.40 -14.01
N LYS B 20 23.89 24.69 -13.77
CA LYS B 20 24.26 25.83 -12.90
C LYS B 20 23.96 27.10 -13.66
N GLY B 21 23.09 27.91 -13.08
CA GLY B 21 22.73 29.23 -13.62
C GLY B 21 21.40 29.30 -14.35
N ILE B 22 20.50 28.39 -14.00
CA ILE B 22 19.14 28.51 -14.45
C ILE B 22 18.62 29.91 -14.10
N GLN B 23 17.87 30.43 -15.03
CA GLN B 23 17.25 31.73 -14.92
C GLN B 23 15.70 31.69 -15.05
N ARG B 24 15.08 32.52 -14.26
CA ARG B 24 13.63 32.56 -14.13
C ARG B 24 13.07 33.89 -13.81
N GLY B 25 11.76 33.87 -13.99
CA GLY B 25 10.91 35.01 -13.76
C GLY B 25 9.49 34.62 -13.49
N LEU B 26 8.83 35.45 -12.71
CA LEU B 26 7.43 35.25 -12.41
C LEU B 26 6.56 36.50 -12.77
N GLU B 27 5.38 36.17 -13.23
CA GLU B 27 4.28 37.09 -13.42
C GLU B 27 3.03 36.51 -12.74
N ARG B 28 2.25 37.39 -12.17
CA ARG B 28 1.08 37.05 -11.35
C ARG B 28 -0.01 38.10 -11.44
N GLU B 29 -1.19 37.64 -11.82
CA GLU B 29 -2.36 38.49 -11.96
C GLU B 29 -3.36 38.36 -10.81
N THR B 30 -3.93 39.49 -10.44
CA THR B 30 -4.97 39.57 -9.44
C THR B 30 -5.89 40.82 -9.50
N LEU B 31 -7.16 40.52 -9.33
CA LEU B 31 -8.21 41.53 -9.29
C LEU B 31 -8.27 42.34 -8.00
N ARG B 32 -8.31 43.64 -8.19
CA ARG B 32 -8.61 44.62 -7.13
C ARG B 32 -10.10 44.56 -6.78
N VAL B 33 -10.36 44.20 -5.52
CA VAL B 33 -11.74 44.01 -5.05
C VAL B 33 -11.95 44.60 -3.66
N ASN B 34 -13.20 44.98 -3.43
CA ASN B 34 -13.65 45.38 -2.08
C ASN B 34 -13.85 44.18 -1.13
N ALA B 35 -13.99 44.51 0.14
CA ALA B 35 -14.27 43.53 1.22
C ALA B 35 -15.47 42.65 0.93
N ASP B 36 -16.46 43.19 0.20
CA ASP B 36 -17.68 42.38 -0.18
C ASP B 36 -17.43 41.50 -1.39
N GLY B 37 -16.23 41.64 -1.91
CA GLY B 37 -15.78 40.88 -3.06
C GLY B 37 -16.03 41.48 -4.45
N THR B 38 -16.87 42.50 -4.52
CA THR B 38 -17.23 43.09 -5.80
C THR B 38 -15.99 43.74 -6.39
N LEU B 39 -16.05 43.89 -7.67
CA LEU B 39 -14.97 44.50 -8.43
C LEU B 39 -14.75 45.99 -8.11
N ALA B 40 -13.53 46.28 -7.68
CA ALA B 40 -13.09 47.67 -7.42
C ALA B 40 -13.13 48.49 -8.71
N THR B 41 -13.73 49.66 -8.63
CA THR B 41 -13.94 50.57 -9.80
C THR B 41 -13.13 51.84 -9.67
N THR B 42 -12.30 51.91 -8.66
CA THR B 42 -11.35 53.00 -8.63
C THR B 42 -10.29 52.71 -9.68
N GLY B 43 -9.43 53.69 -9.87
CA GLY B 43 -8.40 53.64 -10.88
C GLY B 43 -7.11 52.98 -10.36
N HIS B 44 -6.24 52.63 -11.29
CA HIS B 44 -4.94 52.06 -10.95
C HIS B 44 -4.39 52.90 -9.83
N PRO B 45 -4.09 52.25 -8.74
CA PRO B 45 -3.61 52.92 -7.53
C PRO B 45 -2.40 53.81 -7.82
N GLU B 46 -2.44 54.88 -7.09
CA GLU B 46 -1.51 56.02 -7.15
C GLU B 46 -0.06 55.77 -6.73
N ALA B 47 0.20 54.99 -5.68
CA ALA B 47 1.61 54.76 -5.27
C ALA B 47 2.36 53.91 -6.31
N LEU B 48 1.60 53.28 -7.22
CA LEU B 48 2.14 52.35 -8.23
C LEU B 48 2.50 53.05 -9.53
N GLY B 49 1.94 54.23 -9.71
CA GLY B 49 2.25 55.09 -10.83
C GLY B 49 1.64 54.71 -12.18
N SER B 50 2.42 54.88 -13.24
CA SER B 50 1.98 54.56 -14.59
C SER B 50 2.08 53.08 -14.92
N ALA B 51 0.91 52.50 -15.04
CA ALA B 51 0.75 51.13 -15.46
C ALA B 51 1.46 50.84 -16.82
N LEU B 52 1.38 51.83 -17.70
CA LEU B 52 1.85 51.71 -19.09
C LEU B 52 3.36 51.39 -19.20
N THR B 53 4.14 52.00 -18.32
CA THR B 53 5.59 51.94 -18.37
C THR B 53 6.30 51.45 -17.10
N HIS B 54 5.58 51.30 -15.98
CA HIS B 54 6.18 50.82 -14.70
C HIS B 54 6.94 49.51 -15.00
N LYS B 55 8.07 49.29 -14.34
CA LYS B 55 8.91 48.10 -14.58
C LYS B 55 8.43 46.79 -13.93
N TRP B 56 7.80 46.93 -12.79
CA TRP B 56 7.41 45.79 -11.96
C TRP B 56 5.90 45.58 -11.77
N ILE B 57 5.15 46.66 -11.82
CA ILE B 57 3.71 46.61 -11.60
C ILE B 57 2.96 47.24 -12.68
N THR B 58 1.92 46.55 -13.11
CA THR B 58 1.14 46.92 -14.30
C THR B 58 -0.29 46.38 -14.28
N THR B 59 -0.97 46.49 -15.42
CA THR B 59 -2.31 45.97 -15.55
C THR B 59 -2.45 45.06 -16.74
N ASP B 60 -3.40 44.14 -16.63
CA ASP B 60 -3.72 43.24 -17.72
C ASP B 60 -4.95 43.80 -18.43
N PHE B 61 -5.91 43.00 -18.83
CA PHE B 61 -7.11 43.44 -19.55
C PHE B 61 -7.88 44.61 -18.94
N ALA B 62 -8.24 44.41 -17.69
CA ALA B 62 -9.04 45.36 -16.87
C ALA B 62 -8.19 46.31 -16.02
N GLU B 63 -8.76 47.47 -15.76
CA GLU B 63 -8.06 48.56 -15.08
C GLU B 63 -7.86 48.13 -13.64
N ALA B 64 -8.79 47.28 -13.20
CA ALA B 64 -8.72 46.65 -11.86
C ALA B 64 -7.98 45.34 -11.82
N LEU B 65 -7.57 44.84 -12.97
CA LEU B 65 -6.75 43.61 -13.01
C LEU B 65 -5.24 43.92 -12.95
N LEU B 66 -4.74 43.85 -11.72
CA LEU B 66 -3.31 44.01 -11.46
C LEU B 66 -2.45 42.89 -12.04
N GLU B 67 -1.25 43.26 -12.44
CA GLU B 67 -0.29 42.33 -12.96
C GLU B 67 1.07 42.66 -12.30
N PHE B 68 1.60 41.68 -11.61
CA PHE B 68 2.90 41.80 -10.96
C PHE B 68 3.92 41.06 -11.83
N ILE B 69 5.07 41.69 -11.98
CA ILE B 69 6.17 41.15 -12.81
C ILE B 69 7.52 41.23 -12.09
N THR B 70 8.20 40.10 -11.95
CA THR B 70 9.58 40.17 -11.42
C THR B 70 10.62 40.24 -12.50
N PRO B 71 11.70 40.91 -12.20
CA PRO B 71 12.88 40.86 -13.04
C PRO B 71 13.36 39.45 -13.13
N VAL B 72 13.98 39.16 -14.28
CA VAL B 72 14.69 37.92 -14.48
C VAL B 72 15.62 37.73 -13.28
N ASP B 73 15.74 36.49 -12.86
CA ASP B 73 16.35 36.15 -11.56
C ASP B 73 16.93 34.73 -11.57
N GLY B 74 18.06 34.59 -10.89
CA GLY B 74 18.78 33.31 -10.76
C GLY B 74 18.59 32.58 -9.46
N ASP B 75 17.97 33.28 -8.51
CA ASP B 75 17.82 32.76 -7.19
C ASP B 75 16.32 32.63 -6.82
N ILE B 76 15.91 31.42 -6.46
CA ILE B 76 14.48 31.15 -6.29
C ILE B 76 13.87 32.00 -5.15
N GLU B 77 14.50 31.90 -4.00
CA GLU B 77 14.08 32.58 -2.76
C GLU B 77 13.99 34.10 -2.97
N HIS B 78 14.99 34.62 -3.66
CA HIS B 78 15.12 36.06 -3.91
C HIS B 78 13.96 36.54 -4.77
N MET B 79 13.68 35.78 -5.80
CA MET B 79 12.64 36.12 -6.78
C MET B 79 11.24 36.12 -6.14
N LEU B 80 10.98 35.09 -5.34
CA LEU B 80 9.72 34.99 -4.56
C LEU B 80 9.57 36.16 -3.59
N THR B 81 10.66 36.49 -2.87
CA THR B 81 10.65 37.59 -1.91
C THR B 81 10.36 38.90 -2.65
N PHE B 82 11.02 39.07 -3.77
CA PHE B 82 10.77 40.23 -4.64
C PHE B 82 9.32 40.39 -5.03
N MET B 83 8.76 39.35 -5.61
CA MET B 83 7.28 39.33 -5.94
C MET B 83 6.44 39.71 -4.70
N ARG B 84 6.93 39.27 -3.55
CA ARG B 84 6.24 39.47 -2.26
C ARG B 84 6.30 40.95 -1.80
N ASP B 85 7.48 41.55 -1.92
CA ASP B 85 7.64 43.01 -1.61
C ASP B 85 6.65 43.84 -2.43
N LEU B 86 6.49 43.48 -3.70
CA LEU B 86 5.52 44.09 -4.59
C LEU B 86 4.08 44.01 -4.02
N HIS B 87 3.76 42.87 -3.48
CA HIS B 87 2.40 42.62 -2.98
C HIS B 87 2.17 43.37 -1.67
N ARG B 88 3.22 43.41 -0.87
CA ARG B 88 3.17 44.07 0.45
C ARG B 88 2.87 45.53 0.27
N TYR B 89 3.65 46.13 -0.61
CA TYR B 89 3.66 47.56 -0.82
C TYR B 89 2.31 47.94 -1.37
N THR B 90 1.87 47.15 -2.33
CA THR B 90 0.58 47.38 -2.98
C THR B 90 -0.56 47.21 -1.97
N ALA B 91 -0.45 46.18 -1.14
CA ALA B 91 -1.55 45.86 -0.21
C ALA B 91 -1.81 47.01 0.76
N ARG B 92 -0.77 47.78 1.06
CA ARG B 92 -0.82 48.93 1.98
C ARG B 92 -1.17 50.23 1.29
N ASN B 93 -1.29 50.18 -0.02
CA ASN B 93 -1.46 51.38 -0.83
C ASN B 93 -2.59 51.31 -1.81
N MET B 94 -3.65 50.66 -1.38
CA MET B 94 -4.82 50.42 -2.25
C MET B 94 -6.10 50.65 -1.42
N GLY B 95 -5.89 51.41 -0.36
CA GLY B 95 -6.93 51.77 0.57
C GLY B 95 -7.51 50.55 1.31
N ASP B 96 -8.83 50.41 1.23
CA ASP B 96 -9.58 49.29 1.86
C ASP B 96 -9.70 48.09 0.90
N GLU B 97 -9.22 48.30 -0.30
CA GLU B 97 -9.30 47.25 -1.31
C GLU B 97 -8.34 46.09 -1.02
N ARG B 98 -8.69 44.94 -1.51
CA ARG B 98 -7.74 43.82 -1.44
C ARG B 98 -7.65 42.96 -2.72
N MET B 99 -6.82 41.91 -2.65
CA MET B 99 -6.52 41.07 -3.84
C MET B 99 -7.21 39.75 -3.89
N TRP B 100 -7.92 39.52 -4.99
CA TRP B 100 -8.74 38.29 -5.12
C TRP B 100 -7.81 37.09 -5.18
N PRO B 101 -7.92 36.15 -4.24
CA PRO B 101 -6.91 35.10 -4.10
C PRO B 101 -7.05 33.90 -5.08
N LEU B 102 -8.13 33.82 -5.85
CA LEU B 102 -8.34 32.76 -6.79
C LEU B 102 -8.32 33.14 -8.26
N SER B 103 -8.15 32.11 -9.10
CA SER B 103 -8.18 32.27 -10.56
C SER B 103 -9.58 32.69 -11.03
N MET B 104 -10.58 32.04 -10.42
CA MET B 104 -11.97 32.27 -10.79
C MET B 104 -12.68 33.36 -10.03
N PRO B 105 -13.18 34.34 -10.77
CA PRO B 105 -13.95 35.43 -10.19
C PRO B 105 -15.25 34.88 -9.63
N SER B 106 -15.89 35.63 -8.76
CA SER B 106 -17.20 35.20 -8.28
C SER B 106 -18.22 36.32 -8.38
N TYR B 107 -17.91 37.46 -7.76
CA TYR B 107 -18.89 38.58 -7.70
C TYR B 107 -19.01 39.46 -8.95
N ILE B 108 -18.71 38.88 -10.09
CA ILE B 108 -18.82 39.58 -11.35
C ILE B 108 -19.97 39.09 -12.19
N ALA B 109 -20.82 40.05 -12.50
CA ALA B 109 -22.08 39.80 -13.20
C ALA B 109 -21.84 39.61 -14.67
N GLU B 110 -22.73 38.79 -15.19
CA GLU B 110 -22.69 38.38 -16.61
C GLU B 110 -23.11 39.64 -17.39
N GLY B 111 -22.26 39.98 -18.35
CA GLY B 111 -22.48 41.18 -19.17
C GLY B 111 -22.29 42.43 -18.33
N GLN B 112 -21.26 42.39 -17.51
CA GLN B 112 -20.98 43.52 -16.60
C GLN B 112 -20.08 44.52 -17.32
N ASP B 113 -20.16 45.78 -16.90
CA ASP B 113 -19.31 46.82 -17.45
C ASP B 113 -17.97 47.00 -16.75
N ILE B 114 -17.02 46.18 -17.16
CA ILE B 114 -15.65 46.25 -16.65
C ILE B 114 -14.84 47.35 -17.36
N GLU B 115 -14.37 48.28 -16.56
CA GLU B 115 -13.39 49.25 -17.03
C GLU B 115 -12.13 48.61 -17.63
N LEU B 116 -12.03 48.72 -18.94
CA LEU B 116 -10.82 48.40 -19.70
C LEU B 116 -9.62 49.09 -19.10
N ALA B 117 -8.50 48.43 -19.16
CA ALA B 117 -7.26 49.02 -18.65
C ALA B 117 -7.02 50.32 -19.42
N GLN B 118 -6.63 51.33 -18.66
CA GLN B 118 -6.44 52.71 -19.14
C GLN B 118 -4.96 53.03 -19.15
N TYR B 119 -4.48 53.51 -20.27
CA TYR B 119 -3.04 53.81 -20.39
C TYR B 119 -2.67 55.23 -20.88
N GLY B 120 -3.68 56.04 -21.06
CA GLY B 120 -3.47 57.46 -21.23
C GLY B 120 -3.64 57.85 -22.67
N THR B 121 -3.19 59.05 -23.04
CA THR B 121 -3.43 59.66 -24.41
C THR B 121 -2.43 59.28 -25.50
N SER B 122 -1.30 58.77 -25.06
CA SER B 122 -0.18 58.32 -25.94
C SER B 122 -0.68 57.41 -27.06
N ASN B 123 0.04 57.40 -28.15
CA ASN B 123 -0.33 56.63 -29.34
C ASN B 123 -0.36 55.16 -28.89
N THR B 124 0.73 54.82 -28.25
CA THR B 124 0.97 53.46 -27.75
C THR B 124 -0.16 52.96 -26.78
N GLY B 125 -0.40 53.80 -25.79
CA GLY B 125 -1.34 53.53 -24.73
C GLY B 125 -2.77 53.39 -25.20
N ARG B 126 -3.11 54.22 -26.14
CA ARG B 126 -4.46 54.15 -26.69
C ARG B 126 -4.67 52.85 -27.49
N PHE B 127 -3.55 52.37 -28.04
CA PHE B 127 -3.48 51.11 -28.80
C PHE B 127 -3.66 49.88 -27.89
N LYS B 128 -2.87 49.88 -26.84
CA LYS B 128 -2.96 48.88 -25.77
C LYS B 128 -4.44 48.75 -25.30
N THR B 129 -5.08 49.89 -25.05
CA THR B 129 -6.47 49.90 -24.61
C THR B 129 -7.42 49.41 -25.68
N LEU B 130 -7.12 49.78 -26.91
CA LEU B 130 -8.01 49.48 -28.07
C LEU B 130 -7.99 47.98 -28.32
N TYR B 131 -6.83 47.42 -28.07
CA TYR B 131 -6.60 45.95 -28.19
C TYR B 131 -7.58 45.20 -27.29
N ARG B 132 -7.69 45.73 -26.08
CA ARG B 132 -8.55 45.13 -25.05
C ARG B 132 -10.02 45.26 -25.44
N GLU B 133 -10.37 46.46 -25.90
CA GLU B 133 -11.70 46.71 -26.41
C GLU B 133 -12.03 45.61 -27.41
N GLY B 134 -11.00 45.25 -28.11
CA GLY B 134 -11.16 44.31 -29.19
C GLY B 134 -11.47 42.97 -28.60
N LEU B 135 -10.62 42.58 -27.68
CA LEU B 135 -10.82 41.33 -26.96
C LEU B 135 -12.21 41.28 -26.31
N LYS B 136 -12.62 42.39 -25.71
CA LYS B 136 -13.97 42.50 -25.10
C LYS B 136 -15.05 42.08 -26.12
N ASN B 137 -15.07 42.82 -27.22
CA ASN B 137 -16.04 42.66 -28.30
C ASN B 137 -15.96 41.29 -28.98
N ARG B 138 -14.82 40.62 -28.86
CA ARG B 138 -14.58 39.36 -29.61
C ARG B 138 -14.92 38.16 -28.76
N TYR B 139 -14.51 38.20 -27.49
CA TYR B 139 -14.52 36.99 -26.61
C TYR B 139 -15.36 37.15 -25.34
N GLY B 140 -15.67 38.40 -25.05
CA GLY B 140 -16.48 38.80 -23.94
C GLY B 140 -15.60 39.19 -22.76
N ALA B 141 -16.05 40.20 -22.03
CA ALA B 141 -15.24 40.89 -21.00
C ALA B 141 -14.98 40.02 -19.81
N LEU B 142 -16.03 39.35 -19.42
CA LEU B 142 -15.97 38.50 -18.22
C LEU B 142 -14.77 37.56 -18.12
N MET B 143 -14.60 36.82 -19.20
CA MET B 143 -13.55 35.79 -19.36
C MET B 143 -12.13 36.28 -19.20
N GLN B 144 -11.93 37.57 -19.39
CA GLN B 144 -10.62 38.20 -19.39
C GLN B 144 -10.24 38.58 -17.95
N THR B 145 -11.18 38.37 -17.05
CA THR B 145 -10.97 38.70 -15.62
C THR B 145 -10.51 37.46 -14.84
N ILE B 146 -10.64 36.32 -15.50
CA ILE B 146 -10.04 35.10 -15.00
C ILE B 146 -8.56 35.30 -14.95
N SER B 147 -7.97 35.02 -13.82
CA SER B 147 -6.60 35.37 -13.62
C SER B 147 -5.71 34.14 -13.51
N GLY B 148 -4.42 34.40 -13.57
CA GLY B 148 -3.43 33.33 -13.54
C GLY B 148 -2.00 33.79 -13.28
N VAL B 149 -1.13 32.81 -13.35
CA VAL B 149 0.31 32.95 -13.10
C VAL B 149 1.13 32.38 -14.31
N HIS B 150 2.18 33.16 -14.59
CA HIS B 150 3.11 32.89 -15.66
C HIS B 150 4.50 32.71 -15.13
N TYR B 151 5.16 31.78 -15.72
CA TYR B 151 6.46 31.44 -15.33
C TYR B 151 7.43 31.44 -16.48
N ASN B 152 8.57 32.09 -16.23
CA ASN B 152 9.63 32.23 -17.24
C ASN B 152 10.80 31.38 -16.87
N PHE B 153 11.33 30.71 -17.87
CA PHE B 153 12.42 29.74 -17.65
C PHE B 153 13.39 29.71 -18.80
N SER B 154 14.65 29.85 -18.46
CA SER B 154 15.71 29.55 -19.42
C SER B 154 16.87 28.80 -18.81
N LEU B 155 17.39 27.90 -19.62
CA LEU B 155 18.59 27.12 -19.32
C LEU B 155 19.83 27.99 -19.54
N PRO B 156 20.88 27.74 -18.79
CA PRO B 156 22.11 28.48 -18.93
C PRO B 156 22.84 28.00 -20.16
N MET B 157 23.78 28.80 -20.60
CA MET B 157 24.59 28.49 -21.76
C MET B 157 25.33 27.18 -21.62
N ALA B 158 25.82 26.99 -20.41
CA ALA B 158 26.59 25.82 -20.03
C ALA B 158 25.87 24.50 -20.33
N PHE B 159 24.56 24.58 -20.33
CA PHE B 159 23.73 23.43 -20.65
C PHE B 159 23.90 23.01 -22.11
N TRP B 160 23.62 23.96 -22.99
CA TRP B 160 23.73 23.75 -24.45
C TRP B 160 25.19 23.40 -24.90
N GLN B 161 26.14 24.13 -24.34
CA GLN B 161 27.56 23.97 -24.58
C GLN B 161 28.01 22.56 -24.30
N ALA B 162 27.51 22.00 -23.22
CA ALA B 162 27.88 20.64 -22.91
C ALA B 162 27.04 19.59 -23.65
N LYS B 163 26.04 20.03 -24.41
CA LYS B 163 25.16 19.06 -25.09
C LYS B 163 25.62 18.86 -26.51
N SER B 164 26.26 19.91 -26.99
CA SER B 164 26.82 19.93 -28.34
C SER B 164 28.02 18.97 -28.44
N GLY B 169 29.83 30.60 -30.60
CA GLY B 169 29.58 30.99 -31.98
C GLY B 169 28.09 30.93 -32.30
N ALA B 170 27.78 30.77 -33.61
CA ALA B 170 26.38 30.70 -34.11
C ALA B 170 25.92 29.31 -34.53
N ASP B 171 26.85 28.36 -34.48
CA ASP B 171 26.45 26.98 -34.73
C ASP B 171 25.67 26.59 -33.49
N ALA B 172 25.84 27.36 -32.44
CA ALA B 172 25.15 27.06 -31.21
C ALA B 172 23.74 27.64 -31.19
N LYS B 173 23.56 28.76 -31.89
CA LYS B 173 22.30 29.57 -31.89
C LYS B 173 20.98 28.95 -32.42
N GLU B 174 21.13 27.89 -33.14
CA GLU B 174 20.04 27.13 -33.81
C GLU B 174 19.74 25.85 -33.02
N LYS B 175 20.79 25.44 -32.32
CA LYS B 175 20.78 24.29 -31.42
C LYS B 175 19.85 24.56 -30.21
N ILE B 176 19.65 25.82 -29.92
CA ILE B 176 18.90 26.28 -28.77
C ILE B 176 17.44 26.37 -29.08
N SER B 177 17.13 26.98 -30.20
CA SER B 177 15.74 27.07 -30.68
C SER B 177 15.16 25.63 -30.80
N ALA B 178 16.01 24.73 -31.19
CA ALA B 178 15.55 23.38 -31.48
C ALA B 178 15.24 22.69 -30.11
N GLY B 179 16.16 22.93 -29.17
CA GLY B 179 16.03 22.50 -27.77
C GLY B 179 14.74 22.96 -27.06
N TYR B 180 14.43 24.25 -27.19
CA TYR B 180 13.18 24.79 -26.62
C TYR B 180 11.93 24.33 -27.34
N PHE B 181 12.03 24.09 -28.62
CA PHE B 181 10.86 23.62 -29.37
C PHE B 181 10.54 22.21 -28.92
N ARG B 182 11.61 21.49 -28.68
CA ARG B 182 11.53 20.19 -28.07
C ARG B 182 10.85 20.29 -26.67
N VAL B 183 11.33 21.23 -25.87
CA VAL B 183 10.76 21.44 -24.52
C VAL B 183 9.23 21.63 -24.63
N ILE B 184 8.83 22.30 -25.68
CA ILE B 184 7.42 22.67 -25.89
C ILE B 184 6.55 21.51 -26.38
N ARG B 185 7.15 20.67 -27.23
CA ARG B 185 6.48 19.48 -27.77
C ARG B 185 6.17 18.54 -26.55
N ASN B 186 7.20 18.33 -25.74
CA ASN B 186 7.12 17.55 -24.51
C ASN B 186 6.15 18.13 -23.49
N TYR B 187 6.12 19.44 -23.43
CA TYR B 187 5.12 20.14 -22.58
C TYR B 187 3.67 19.83 -23.04
N TYR B 188 3.48 19.78 -24.33
CA TYR B 188 2.16 19.48 -24.90
C TYR B 188 1.71 18.03 -24.59
N ARG B 189 2.71 17.15 -24.56
CA ARG B 189 2.45 15.73 -24.34
C ARG B 189 2.18 15.39 -22.87
N PHE B 190 3.06 15.88 -22.02
CA PHE B 190 3.11 15.50 -20.60
C PHE B 190 2.76 16.61 -19.55
N GLY B 191 2.45 17.79 -20.07
CA GLY B 191 2.33 18.99 -19.27
C GLY B 191 1.02 19.07 -18.46
N TRP B 192 0.08 18.19 -18.79
CA TRP B 192 -1.20 18.10 -18.05
C TRP B 192 -0.92 17.81 -16.58
N VAL B 193 0.30 17.40 -16.31
CA VAL B 193 0.75 17.09 -14.94
C VAL B 193 0.66 18.34 -14.05
N ILE B 194 0.79 19.49 -14.69
CA ILE B 194 0.71 20.78 -14.00
C ILE B 194 -0.69 21.06 -13.39
N PRO B 195 -1.77 21.09 -14.16
CA PRO B 195 -3.12 21.28 -13.56
C PRO B 195 -3.56 20.15 -12.67
N TYR B 196 -3.02 18.97 -12.92
CA TYR B 196 -3.25 17.87 -12.00
C TYR B 196 -2.82 18.24 -10.54
N LEU B 197 -1.55 18.58 -10.39
CA LEU B 197 -0.97 18.91 -9.06
C LEU B 197 -1.46 20.27 -8.49
N PHE B 198 -1.44 21.29 -9.35
CA PHE B 198 -1.65 22.71 -8.98
C PHE B 198 -2.84 23.42 -9.57
N GLY B 199 -3.57 22.72 -10.38
CA GLY B 199 -4.82 23.28 -10.88
C GLY B 199 -5.69 23.65 -9.66
N ALA B 200 -6.38 24.78 -9.72
CA ALA B 200 -7.16 25.26 -8.54
C ALA B 200 -8.40 26.04 -8.92
N SER B 201 -9.12 25.48 -9.89
CA SER B 201 -10.39 26.03 -10.39
C SER B 201 -11.40 24.93 -10.76
N PRO B 202 -11.72 24.09 -9.81
CA PRO B 202 -12.61 22.96 -10.01
C PRO B 202 -14.06 23.45 -10.14
N ALA B 203 -14.24 24.68 -9.73
CA ALA B 203 -15.57 25.33 -9.73
C ALA B 203 -15.57 26.65 -10.44
N ILE B 204 -16.76 27.00 -10.87
CA ILE B 204 -17.00 28.22 -11.67
C ILE B 204 -18.34 28.84 -11.30
N SER B 205 -18.37 30.15 -11.09
CA SER B 205 -19.64 30.80 -10.71
C SER B 205 -20.53 30.82 -11.94
N SER B 206 -21.82 30.78 -11.67
CA SER B 206 -22.85 30.63 -12.75
C SER B 206 -22.86 31.78 -13.78
N SER B 207 -22.41 32.93 -13.32
CA SER B 207 -22.11 34.10 -14.17
C SER B 207 -21.32 33.75 -15.40
N PHE B 208 -20.36 32.85 -15.25
CA PHE B 208 -19.44 32.45 -16.34
C PHE B 208 -20.06 31.41 -17.28
N LEU B 209 -21.07 30.73 -16.80
CA LEU B 209 -21.89 29.88 -17.68
C LEU B 209 -23.05 30.79 -18.18
N SER B 215 -22.53 21.68 -22.40
CA SER B 215 -23.11 20.39 -22.05
C SER B 215 -22.10 19.56 -21.31
N LEU B 216 -21.94 19.86 -20.03
CA LEU B 216 -21.04 19.08 -19.15
C LEU B 216 -21.78 18.54 -17.96
N PRO B 217 -21.32 17.46 -17.36
CA PRO B 217 -21.99 16.88 -16.15
C PRO B 217 -21.95 17.75 -14.92
N PHE B 218 -22.01 19.05 -15.07
CA PHE B 218 -21.87 19.97 -13.93
C PHE B 218 -22.78 19.64 -12.76
N GLU B 219 -22.19 19.57 -11.60
CA GLU B 219 -22.93 19.54 -10.35
C GLU B 219 -23.14 21.00 -9.90
N LYS B 220 -24.20 21.24 -9.15
CA LYS B 220 -24.55 22.58 -8.70
C LYS B 220 -25.00 22.66 -7.23
N THR B 221 -24.41 23.60 -6.51
CA THR B 221 -24.71 23.85 -5.09
C THR B 221 -25.96 24.72 -4.94
N GLU B 222 -26.25 25.12 -3.71
CA GLU B 222 -27.45 25.93 -3.42
C GLU B 222 -27.13 27.42 -3.53
N SER B 223 -25.86 27.78 -3.40
CA SER B 223 -25.42 29.19 -3.57
C SER B 223 -25.59 29.60 -5.06
N GLY B 224 -25.49 28.61 -5.93
CA GLY B 224 -25.58 28.78 -7.40
C GLY B 224 -24.18 28.67 -8.03
N MET B 225 -23.45 27.68 -7.53
CA MET B 225 -22.05 27.45 -7.89
C MET B 225 -21.93 26.14 -8.58
N TYR B 226 -21.37 26.18 -9.78
CA TYR B 226 -21.19 24.98 -10.61
C TYR B 226 -19.82 24.37 -10.37
N TYR B 227 -19.71 23.05 -10.52
CA TYR B 227 -18.45 22.33 -10.30
C TYR B 227 -18.43 20.91 -10.89
N LEU B 228 -17.24 20.42 -11.15
CA LEU B 228 -17.16 19.04 -11.55
C LEU B 228 -16.50 18.26 -10.40
N PRO B 229 -16.94 17.03 -10.19
CA PRO B 229 -16.42 16.34 -8.98
C PRO B 229 -14.90 16.25 -8.83
N TYR B 230 -14.30 15.73 -9.88
CA TYR B 230 -12.88 15.41 -10.02
C TYR B 230 -12.10 16.37 -10.88
N ALA B 231 -12.64 17.53 -11.12
CA ALA B 231 -12.01 18.55 -11.92
C ALA B 231 -10.77 19.17 -11.23
N THR B 232 -9.90 19.75 -12.05
CA THR B 232 -8.69 20.39 -11.54
C THR B 232 -8.65 21.86 -11.89
N SER B 233 -8.72 22.14 -13.18
CA SER B 233 -8.53 23.51 -13.69
C SER B 233 -9.42 23.83 -14.85
N LEU B 234 -10.56 24.36 -14.48
CA LEU B 234 -11.61 24.77 -15.47
C LEU B 234 -11.20 26.04 -16.24
N ARG B 235 -10.30 26.78 -15.64
CA ARG B 235 -9.73 27.97 -16.27
C ARG B 235 -9.12 27.60 -17.60
N LEU B 236 -8.44 26.47 -17.61
CA LEU B 236 -7.85 25.86 -18.85
C LEU B 236 -8.84 25.21 -19.82
N SER B 237 -10.08 25.13 -19.41
CA SER B 237 -11.06 24.46 -20.25
C SER B 237 -11.77 25.38 -21.25
N ASP B 238 -12.60 24.74 -22.07
CA ASP B 238 -13.44 25.42 -23.10
C ASP B 238 -14.32 26.53 -22.51
N LEU B 239 -14.68 26.34 -21.25
CA LEU B 239 -15.45 27.37 -20.51
C LEU B 239 -14.59 28.54 -19.91
N GLY B 240 -13.28 28.33 -19.80
CA GLY B 240 -12.39 29.30 -19.15
C GLY B 240 -11.60 30.30 -19.97
N TYR B 241 -11.55 30.17 -21.29
CA TYR B 241 -10.77 31.17 -22.08
C TYR B 241 -11.40 31.40 -23.49
N GLN B 246 -9.71 29.20 -33.98
CA GLN B 246 -8.30 29.38 -33.60
C GLN B 246 -7.46 28.12 -33.84
N SER B 247 -8.11 26.95 -33.66
CA SER B 247 -7.46 25.62 -33.93
C SER B 247 -7.28 25.42 -35.43
N ASN B 248 -7.82 26.35 -36.20
CA ASN B 248 -7.66 26.28 -37.65
C ASN B 248 -6.31 26.89 -38.11
N LEU B 249 -5.63 27.58 -37.18
CA LEU B 249 -4.38 28.32 -37.48
C LEU B 249 -3.24 27.43 -37.98
N GLY B 250 -3.14 26.23 -37.38
CA GLY B 250 -2.14 25.25 -37.83
C GLY B 250 -0.72 25.56 -37.39
N ILE B 251 -0.62 26.20 -36.25
CA ILE B 251 0.66 26.55 -35.67
C ILE B 251 1.38 25.33 -35.13
N THR B 252 2.62 25.16 -35.53
CA THR B 252 3.46 24.05 -35.10
C THR B 252 4.71 24.44 -34.41
N PHE B 253 5.38 23.42 -33.86
CA PHE B 253 6.55 23.62 -32.96
C PHE B 253 7.71 22.73 -33.27
N ASN B 254 7.96 22.61 -34.55
CA ASN B 254 9.03 21.73 -35.02
C ASN B 254 10.26 22.51 -35.38
N ASP B 255 10.03 23.71 -35.88
CA ASP B 255 11.09 24.52 -36.57
C ASP B 255 10.76 25.97 -36.41
N LEU B 256 11.80 26.76 -36.27
CA LEU B 256 11.67 28.21 -35.98
C LEU B 256 10.96 29.01 -37.09
N TYR B 257 11.32 28.76 -38.34
CA TYR B 257 10.71 29.46 -39.47
C TYR B 257 9.26 29.08 -39.66
N GLU B 258 8.98 27.79 -39.70
CA GLU B 258 7.61 27.29 -39.82
C GLU B 258 6.72 27.98 -38.80
N TYR B 259 7.19 28.01 -37.56
CA TYR B 259 6.47 28.61 -36.41
C TYR B 259 6.17 30.07 -36.67
N VAL B 260 7.22 30.86 -36.91
CA VAL B 260 7.04 32.31 -37.15
C VAL B 260 6.17 32.59 -38.35
N ALA B 261 6.38 31.82 -39.43
CA ALA B 261 5.54 31.99 -40.66
C ALA B 261 4.05 31.78 -40.33
N GLY B 262 3.77 30.66 -39.65
CA GLY B 262 2.39 30.27 -39.36
C GLY B 262 1.69 31.35 -38.53
N LEU B 263 2.44 31.86 -37.57
CA LEU B 263 2.05 33.02 -36.75
C LEU B 263 1.85 34.39 -37.45
N LYS B 264 2.75 34.79 -38.38
CA LYS B 264 2.52 36.02 -39.15
C LYS B 264 1.33 35.83 -40.08
N GLN B 265 1.22 34.60 -40.60
CA GLN B 265 0.11 34.28 -41.46
C GLN B 265 -1.20 34.39 -40.67
N ALA B 266 -1.13 34.12 -39.37
CA ALA B 266 -2.34 34.18 -38.51
C ALA B 266 -2.86 35.59 -38.40
N ILE B 267 -1.95 36.52 -38.31
CA ILE B 267 -2.36 37.93 -38.21
C ILE B 267 -2.96 38.54 -39.47
N LYS B 268 -2.55 38.01 -40.61
CA LYS B 268 -3.00 38.46 -41.94
C LYS B 268 -4.32 37.76 -42.33
N THR B 269 -4.78 36.86 -41.48
CA THR B 269 -5.92 35.97 -41.81
C THR B 269 -7.31 36.48 -41.42
N PRO B 270 -8.25 36.54 -42.37
CA PRO B 270 -9.61 37.02 -42.13
C PRO B 270 -10.47 36.15 -41.24
N SER B 271 -11.43 36.79 -40.61
CA SER B 271 -12.42 36.05 -39.81
C SER B 271 -13.82 36.63 -40.11
N GLU B 272 -14.70 35.85 -40.74
CA GLU B 272 -16.01 36.42 -41.02
C GLU B 272 -16.75 36.72 -39.70
N GLU B 273 -16.42 35.97 -38.63
CA GLU B 273 -17.04 36.25 -37.29
C GLU B 273 -16.65 37.68 -36.81
N TYR B 274 -15.40 38.04 -37.03
CA TYR B 274 -14.87 39.34 -36.54
C TYR B 274 -15.17 40.47 -37.48
N ALA B 275 -15.45 40.15 -38.74
CA ALA B 275 -15.86 41.18 -39.76
C ALA B 275 -17.28 41.73 -39.50
N LYS B 276 -18.11 40.85 -38.93
CA LYS B 276 -19.49 41.16 -38.52
C LYS B 276 -19.52 42.14 -37.33
N ILE B 277 -18.52 42.05 -36.48
CA ILE B 277 -18.42 42.99 -35.34
C ILE B 277 -18.26 44.45 -35.83
N GLY B 278 -17.69 44.57 -37.01
CA GLY B 278 -17.28 45.85 -37.56
C GLY B 278 -15.97 46.31 -36.94
N ILE B 279 -15.41 47.39 -37.51
CA ILE B 279 -14.16 48.01 -36.99
C ILE B 279 -14.44 49.30 -36.24
N GLU B 280 -15.69 49.72 -36.42
CA GLU B 280 -16.19 51.00 -35.84
C GLU B 280 -17.71 51.14 -35.81
N LYS B 281 -18.23 51.59 -34.67
CA LYS B 281 -19.68 51.92 -34.51
C LYS B 281 -19.80 53.28 -33.79
N ASP B 282 -20.52 54.22 -34.41
CA ASP B 282 -20.83 55.55 -33.77
C ASP B 282 -19.52 56.29 -33.27
N GLY B 283 -18.57 56.47 -34.20
CA GLY B 283 -17.26 57.10 -33.94
C GLY B 283 -16.36 56.29 -32.99
N LYS B 284 -16.90 55.15 -32.57
CA LYS B 284 -16.29 54.22 -31.55
C LYS B 284 -15.62 53.01 -32.20
N ARG B 285 -14.29 52.99 -32.10
CA ARG B 285 -13.47 51.86 -32.66
C ARG B 285 -13.63 50.65 -31.78
N LEU B 286 -13.75 49.50 -32.41
CA LEU B 286 -14.07 48.27 -31.67
C LEU B 286 -12.93 47.29 -31.56
N GLN B 287 -12.31 47.03 -32.69
CA GLN B 287 -11.13 46.19 -32.76
C GLN B 287 -9.98 46.95 -33.46
N ILE B 288 -8.84 46.29 -33.54
CA ILE B 288 -7.66 46.85 -34.23
C ILE B 288 -7.80 46.56 -35.70
N ASN B 289 -8.41 45.41 -35.91
CA ASN B 289 -8.74 44.89 -37.23
C ASN B 289 -9.73 43.68 -37.11
N SER B 290 -10.06 43.05 -38.24
CA SER B 290 -11.05 41.95 -38.35
C SER B 290 -10.34 40.63 -38.60
N ASN B 291 -9.02 40.71 -38.49
CA ASN B 291 -8.16 39.54 -38.67
C ASN B 291 -8.31 38.55 -37.49
N VAL B 292 -8.04 37.28 -37.75
CA VAL B 292 -8.18 36.22 -36.73
C VAL B 292 -7.46 36.54 -35.39
N LEU B 293 -6.30 37.14 -35.52
CA LEU B 293 -5.56 37.74 -34.40
C LEU B 293 -5.24 39.21 -34.62
N GLN B 294 -5.69 40.04 -33.70
CA GLN B 294 -5.45 41.48 -33.80
C GLN B 294 -3.97 41.73 -33.71
N ILE B 295 -3.36 41.08 -32.74
CA ILE B 295 -1.90 41.09 -32.57
C ILE B 295 -1.39 39.73 -32.18
N GLU B 296 -0.09 39.53 -32.22
CA GLU B 296 0.49 38.16 -32.11
C GLU B 296 0.15 37.49 -30.73
N ASN B 297 0.07 38.33 -29.72
CA ASN B 297 -0.11 37.89 -28.36
C ASN B 297 -1.60 37.61 -27.98
N GLU B 298 -2.48 37.72 -28.96
CA GLU B 298 -3.88 37.30 -28.82
C GLU B 298 -3.94 35.80 -29.04
N LEU B 299 -2.86 35.26 -29.61
CA LEU B 299 -2.75 33.84 -29.86
C LEU B 299 -2.80 33.12 -28.51
N TYR B 300 -3.68 32.15 -28.40
CA TYR B 300 -3.78 31.34 -27.18
C TYR B 300 -2.62 30.35 -27.08
N ALA B 301 -1.90 30.43 -25.99
CA ALA B 301 -0.68 29.63 -25.83
C ALA B 301 -0.45 29.11 -24.40
N PRO B 302 -0.63 27.82 -24.19
CA PRO B 302 -0.38 27.21 -22.90
C PRO B 302 1.08 27.42 -22.48
N ILE B 303 1.93 27.33 -23.49
CA ILE B 303 3.37 27.55 -23.39
C ILE B 303 3.85 28.34 -24.54
N ARG B 304 4.76 29.26 -24.25
CA ARG B 304 5.15 30.25 -25.24
C ARG B 304 6.67 30.45 -25.39
N PRO B 305 7.19 30.29 -26.61
CA PRO B 305 8.61 30.56 -26.86
C PRO B 305 8.80 32.05 -26.90
N LYS B 306 9.91 32.50 -26.39
CA LYS B 306 10.10 33.94 -26.22
C LYS B 306 11.50 34.41 -26.41
N ARG B 307 11.54 35.65 -26.86
CA ARG B 307 12.73 36.46 -26.83
C ARG B 307 12.42 37.88 -26.46
N VAL B 308 13.28 38.45 -25.62
CA VAL B 308 13.09 39.82 -25.15
C VAL B 308 13.04 40.75 -26.35
N THR B 309 11.88 41.43 -26.49
CA THR B 309 11.67 42.35 -27.58
C THR B 309 12.23 43.73 -27.24
N ARG B 310 12.75 44.35 -28.29
CA ARG B 310 13.30 45.70 -28.20
C ARG B 310 12.16 46.65 -28.31
N SER B 311 12.38 47.78 -28.89
CA SER B 311 11.24 48.62 -29.12
C SER B 311 11.02 48.64 -30.59
N GLY B 312 9.78 48.44 -30.97
CA GLY B 312 9.39 48.38 -32.37
C GLY B 312 9.38 46.92 -32.80
N GLU B 313 9.66 46.02 -31.87
CA GLU B 313 9.68 44.64 -32.24
C GLU B 313 8.48 43.85 -31.79
N SER B 314 7.98 43.12 -32.75
CA SER B 314 6.96 42.18 -32.43
C SER B 314 7.73 40.97 -31.97
N PRO B 315 7.03 40.13 -31.26
CA PRO B 315 7.56 38.86 -30.69
C PRO B 315 8.06 37.88 -31.72
N SER B 316 7.30 37.74 -32.79
CA SER B 316 7.73 36.91 -33.92
C SER B 316 9.09 37.45 -34.52
N ASP B 317 9.18 38.77 -34.67
CA ASP B 317 10.40 39.42 -35.24
C ASP B 317 11.64 39.11 -34.40
N ALA B 318 11.41 39.26 -33.12
CA ALA B 318 12.44 38.99 -32.10
C ALA B 318 12.95 37.55 -32.13
N LEU B 319 12.02 36.65 -32.32
CA LEU B 319 12.34 35.22 -32.38
C LEU B 319 13.19 34.93 -33.63
N LEU B 320 12.68 35.42 -34.74
CA LEU B 320 13.23 35.20 -36.07
C LEU B 320 14.70 35.63 -36.14
N ARG B 321 14.93 36.64 -35.37
CA ARG B 321 16.18 37.34 -35.32
C ARG B 321 17.24 36.81 -34.37
N GLY B 322 16.82 36.49 -33.14
CA GLY B 322 17.72 35.98 -32.12
C GLY B 322 17.53 34.49 -31.77
N GLY B 323 16.43 33.97 -32.25
CA GLY B 323 16.04 32.63 -31.90
C GLY B 323 15.28 32.58 -30.57
N ILE B 324 14.98 31.40 -30.09
CA ILE B 324 14.28 31.25 -28.81
C ILE B 324 15.25 31.40 -27.64
N GLU B 325 15.01 32.43 -26.85
CA GLU B 325 15.87 32.81 -25.72
C GLU B 325 15.44 32.17 -24.39
N TYR B 326 14.15 32.22 -24.21
CA TYR B 326 13.53 31.58 -23.06
C TYR B 326 12.11 31.10 -23.33
N ILE B 327 11.62 30.33 -22.36
CA ILE B 327 10.27 29.75 -22.34
C ILE B 327 9.37 30.35 -21.27
N GLU B 328 8.11 30.50 -21.64
CA GLU B 328 7.09 31.06 -20.79
C GLU B 328 5.96 30.05 -20.58
N VAL B 329 5.89 29.56 -19.37
CA VAL B 329 4.84 28.63 -18.97
C VAL B 329 3.65 29.39 -18.39
N ARG B 330 2.47 29.20 -19.03
CA ARG B 330 1.29 30.02 -18.75
C ARG B 330 0.05 29.27 -18.21
N SER B 331 0.17 27.97 -18.03
CA SER B 331 -0.94 27.15 -17.60
C SER B 331 -1.22 27.12 -16.08
N LEU B 332 -0.51 27.88 -15.31
CA LEU B 332 -0.67 27.89 -13.86
C LEU B 332 -1.89 28.67 -13.42
N ASP B 333 -2.67 28.00 -12.58
CA ASP B 333 -3.79 28.62 -11.92
C ASP B 333 -3.20 29.38 -10.73
N ILE B 334 -3.98 30.31 -10.23
CA ILE B 334 -3.61 31.01 -9.07
C ILE B 334 -3.59 30.03 -7.90
N ASN B 335 -2.48 30.05 -7.19
CA ASN B 335 -2.31 29.27 -5.95
C ASN B 335 -2.97 29.96 -4.71
N PRO B 336 -4.09 29.45 -4.25
CA PRO B 336 -4.92 30.09 -3.23
C PRO B 336 -4.28 30.05 -1.85
N PHE B 337 -3.30 29.18 -1.72
CA PHE B 337 -2.68 28.89 -0.41
C PHE B 337 -1.42 29.72 -0.19
N SER B 338 -1.18 30.61 -1.15
CA SER B 338 -0.10 31.60 -1.06
C SER B 338 -0.59 33.01 -1.27
N PRO B 339 -0.17 33.94 -0.41
CA PRO B 339 -0.58 35.35 -0.51
C PRO B 339 -0.13 35.97 -1.84
N ILE B 340 0.86 35.38 -2.47
CA ILE B 340 1.39 35.95 -3.74
C ILE B 340 0.98 35.10 -4.93
N GLY B 341 0.15 34.11 -4.64
CA GLY B 341 -0.50 33.31 -5.68
C GLY B 341 0.38 32.27 -6.35
N VAL B 342 1.54 32.13 -5.77
CA VAL B 342 2.51 31.14 -6.19
C VAL B 342 3.55 30.86 -5.07
N ASP B 343 4.07 29.63 -5.03
CA ASP B 343 5.05 29.25 -4.01
C ASP B 343 6.25 28.45 -4.52
N GLU B 344 7.19 28.27 -3.60
CA GLU B 344 8.56 27.73 -3.88
C GLU B 344 8.47 26.29 -4.47
N GLN B 345 7.51 25.59 -3.99
CA GLN B 345 7.32 24.15 -4.25
C GLN B 345 7.02 23.98 -5.74
N GLN B 346 6.08 24.78 -6.17
CA GLN B 346 5.68 24.94 -7.61
C GLN B 346 6.85 25.35 -8.52
N VAL B 347 7.52 26.36 -8.10
CA VAL B 347 8.66 26.90 -8.83
C VAL B 347 9.71 25.81 -9.03
N ARG B 348 9.92 25.05 -7.98
CA ARG B 348 10.92 23.99 -8.04
C ARG B 348 10.47 22.84 -8.91
N PHE B 349 9.18 22.54 -8.83
CA PHE B 349 8.65 21.41 -9.66
C PHE B 349 8.85 21.76 -11.15
N LEU B 350 8.50 22.99 -11.50
CA LEU B 350 8.65 23.44 -12.89
C LEU B 350 10.10 23.38 -13.37
N ASP B 351 11.03 23.71 -12.50
CA ASP B 351 12.44 23.62 -12.87
C ASP B 351 12.78 22.23 -13.28
N LEU B 352 12.26 21.33 -12.49
CA LEU B 352 12.54 19.96 -12.74
C LEU B 352 11.95 19.51 -14.05
N PHE B 353 10.65 19.76 -14.14
CA PHE B 353 9.88 19.33 -15.30
C PHE B 353 10.38 19.91 -16.61
N MET B 354 10.74 21.19 -16.58
CA MET B 354 11.15 21.92 -17.80
C MET B 354 12.49 21.28 -18.28
N VAL B 355 13.36 21.03 -17.30
CA VAL B 355 14.63 20.38 -17.56
C VAL B 355 14.43 18.98 -18.13
N TRP B 356 13.49 18.26 -17.55
CA TRP B 356 13.20 16.92 -18.01
C TRP B 356 12.72 16.99 -19.48
N CYS B 357 11.87 17.99 -19.70
CA CYS B 357 11.31 18.30 -21.04
C CYS B 357 12.36 18.57 -22.16
N ALA B 358 13.47 19.13 -21.74
CA ALA B 358 14.61 19.44 -22.60
C ALA B 358 15.49 18.24 -22.86
N LEU B 359 15.39 17.23 -22.01
CA LEU B 359 16.18 15.97 -22.09
C LEU B 359 15.48 14.88 -22.91
N ALA B 360 14.17 14.83 -22.77
CA ALA B 360 13.39 13.76 -23.41
C ALA B 360 13.20 13.99 -24.87
N ASP B 361 13.44 12.94 -25.62
CA ASP B 361 13.24 12.95 -27.06
C ASP B 361 11.81 13.30 -27.37
N ALA B 362 11.64 14.21 -28.31
CA ALA B 362 10.30 14.51 -28.81
C ALA B 362 10.29 14.52 -30.30
N PRO B 363 9.59 13.60 -30.93
CA PRO B 363 9.51 13.66 -32.38
C PRO B 363 8.76 14.85 -32.83
N GLU B 364 9.00 15.19 -34.07
CA GLU B 364 8.32 16.33 -34.68
C GLU B 364 6.84 16.02 -34.71
N MET B 365 6.06 17.08 -34.65
CA MET B 365 4.63 16.98 -34.64
C MET B 365 3.88 17.90 -35.59
N SER B 366 2.89 17.29 -36.21
CA SER B 366 1.97 17.97 -37.10
C SER B 366 0.92 18.63 -36.27
N SER B 367 0.08 19.42 -36.92
CA SER B 367 -1.02 20.14 -36.27
C SER B 367 -2.03 19.23 -35.62
N SER B 368 -2.37 18.20 -36.36
CA SER B 368 -3.38 17.28 -35.88
C SER B 368 -2.80 16.40 -34.77
N GLU B 369 -1.49 16.20 -34.80
CA GLU B 369 -0.80 15.44 -33.73
C GLU B 369 -0.74 16.26 -32.43
N LEU B 370 -0.52 17.55 -32.58
CA LEU B 370 -0.59 18.48 -31.48
C LEU B 370 -1.99 18.52 -30.87
N ALA B 371 -2.98 18.61 -31.71
CA ALA B 371 -4.38 18.65 -31.25
C ALA B 371 -4.74 17.40 -30.40
N CYS B 372 -4.19 16.29 -30.84
CA CYS B 372 -4.35 14.98 -30.19
C CYS B 372 -3.76 14.95 -28.77
N THR B 373 -2.63 15.63 -28.56
CA THR B 373 -2.03 15.75 -27.21
C THR B 373 -3.02 16.33 -26.20
N ARG B 374 -4.00 17.05 -26.73
CA ARG B 374 -5.01 17.72 -25.90
C ARG B 374 -6.05 16.77 -25.28
N VAL B 375 -6.16 15.58 -25.81
CA VAL B 375 -7.21 14.69 -25.31
C VAL B 375 -6.98 14.38 -23.81
N ASN B 376 -5.71 14.13 -23.48
CA ASN B 376 -5.28 13.85 -22.12
C ASN B 376 -5.44 15.08 -21.22
N TRP B 377 -5.13 16.23 -21.80
CA TRP B 377 -5.20 17.51 -21.09
C TRP B 377 -6.64 17.68 -20.58
N ASN B 378 -7.57 17.48 -21.50
CA ASN B 378 -9.00 17.59 -21.21
C ASN B 378 -9.45 16.61 -20.16
N ARG B 379 -8.97 15.39 -20.28
CA ARG B 379 -9.27 14.36 -19.27
C ARG B 379 -8.85 14.84 -17.85
N VAL B 380 -7.65 15.36 -17.76
CA VAL B 380 -7.06 15.81 -16.49
C VAL B 380 -7.76 17.08 -15.94
N ILE B 381 -8.11 17.95 -16.86
CA ILE B 381 -8.72 19.25 -16.56
C ILE B 381 -10.14 19.09 -15.95
N LEU B 382 -10.92 18.21 -16.59
CA LEU B 382 -12.33 17.90 -16.24
C LEU B 382 -12.49 16.80 -15.21
N GLU B 383 -11.62 15.80 -15.20
CA GLU B 383 -11.74 14.71 -14.21
C GLU B 383 -10.43 14.02 -13.82
N GLY B 384 -9.38 14.80 -13.61
CA GLY B 384 -8.04 14.26 -13.33
C GLY B 384 -7.89 13.60 -11.96
N ARG B 385 -8.83 13.93 -11.06
CA ARG B 385 -8.80 13.34 -9.71
C ARG B 385 -9.68 12.10 -9.57
N LYS B 386 -10.32 11.76 -10.66
CA LYS B 386 -11.18 10.59 -10.74
C LYS B 386 -10.42 9.25 -10.61
N PRO B 387 -10.79 8.43 -9.66
CA PRO B 387 -10.15 7.14 -9.46
C PRO B 387 -10.29 6.22 -10.64
N GLY B 388 -9.16 5.59 -10.93
CA GLY B 388 -9.02 4.69 -12.07
C GLY B 388 -8.90 5.40 -13.41
N LEU B 389 -8.90 6.72 -13.39
CA LEU B 389 -8.67 7.48 -14.61
C LEU B 389 -7.48 6.93 -15.39
N THR B 390 -7.70 6.73 -16.67
CA THR B 390 -6.60 6.35 -17.55
C THR B 390 -6.33 7.34 -18.65
N LEU B 391 -5.09 7.36 -19.05
CA LEU B 391 -4.59 8.17 -20.14
C LEU B 391 -4.03 7.34 -21.31
N GLY B 392 -3.95 8.00 -22.45
CA GLY B 392 -3.43 7.45 -23.68
C GLY B 392 -2.41 8.27 -24.43
N ILE B 393 -1.73 7.63 -25.38
CA ILE B 393 -0.85 8.30 -26.29
C ILE B 393 -1.71 8.94 -27.38
N GLY B 394 -1.68 10.27 -27.37
CA GLY B 394 -2.47 11.05 -28.26
C GLY B 394 -3.95 10.81 -28.16
N CYS B 395 -4.51 10.49 -29.29
CA CYS B 395 -5.94 10.14 -29.50
C CYS B 395 -6.21 8.69 -29.33
N GLU B 396 -5.15 7.93 -29.23
CA GLU B 396 -5.26 6.44 -29.12
C GLU B 396 -5.98 6.02 -27.80
N THR B 397 -6.37 4.77 -27.79
CA THR B 397 -7.11 4.19 -26.67
C THR B 397 -6.44 4.43 -25.30
N ALA B 398 -7.30 4.86 -24.39
CA ALA B 398 -6.90 5.12 -22.99
C ALA B 398 -6.52 3.80 -22.31
N GLN B 399 -5.32 3.75 -21.79
CA GLN B 399 -4.72 2.50 -21.36
C GLN B 399 -3.85 2.58 -20.10
N PHE B 400 -3.33 3.75 -19.82
CA PHE B 400 -2.30 3.95 -18.80
C PHE B 400 -2.85 4.58 -17.50
N PRO B 401 -2.79 3.85 -16.38
CA PRO B 401 -3.29 4.38 -15.10
C PRO B 401 -2.50 5.65 -14.72
N LEU B 402 -3.26 6.75 -14.55
CA LEU B 402 -2.70 8.07 -14.21
C LEU B 402 -1.68 8.06 -13.07
N PRO B 403 -1.95 7.37 -11.98
CA PRO B 403 -1.02 7.38 -10.85
C PRO B 403 0.36 6.87 -11.23
N GLN B 404 0.35 5.79 -11.94
CA GLN B 404 1.60 5.18 -12.38
C GLN B 404 2.35 6.04 -13.45
N VAL B 405 1.62 6.70 -14.32
CA VAL B 405 2.27 7.59 -15.26
C VAL B 405 3.03 8.68 -14.46
N GLY B 406 2.34 9.28 -13.54
CA GLY B 406 2.92 10.30 -12.68
C GLY B 406 4.18 9.82 -11.95
N LYS B 407 4.08 8.62 -11.41
CA LYS B 407 5.21 8.04 -10.65
C LYS B 407 6.39 7.76 -11.55
N ASP B 408 6.12 7.26 -12.74
CA ASP B 408 7.21 7.02 -13.74
C ASP B 408 7.97 8.30 -13.98
N LEU B 409 7.19 9.34 -14.21
CA LEU B 409 7.69 10.67 -14.48
C LEU B 409 8.55 11.16 -13.33
N PHE B 410 8.04 10.92 -12.13
CA PHE B 410 8.69 11.43 -10.89
C PHE B 410 9.97 10.64 -10.57
N ARG B 411 10.06 9.47 -11.14
CA ARG B 411 11.26 8.66 -10.98
C ARG B 411 12.44 9.38 -11.68
N ASP B 412 12.16 9.85 -12.88
CA ASP B 412 13.13 10.70 -13.63
C ASP B 412 13.34 12.10 -13.03
N LEU B 413 12.23 12.75 -12.61
CA LEU B 413 12.33 14.13 -12.07
C LEU B 413 13.27 14.12 -10.83
N LYS B 414 13.26 13.00 -10.15
CA LYS B 414 13.98 12.86 -8.87
C LYS B 414 15.50 12.74 -9.11
N ARG B 415 15.84 12.06 -10.17
CA ARG B 415 17.25 12.02 -10.65
C ARG B 415 17.76 13.41 -11.06
N VAL B 416 16.90 14.11 -11.74
CA VAL B 416 17.20 15.52 -12.07
C VAL B 416 17.42 16.31 -10.79
N ALA B 417 16.51 16.11 -9.86
CA ALA B 417 16.56 16.78 -8.54
C ALA B 417 17.83 16.48 -7.76
N GLN B 418 18.28 15.24 -7.81
CA GLN B 418 19.53 14.86 -7.13
C GLN B 418 20.65 15.80 -7.62
N THR B 419 20.71 15.88 -8.95
CA THR B 419 21.72 16.62 -9.69
C THR B 419 21.72 18.11 -9.27
N LEU B 420 20.54 18.71 -9.30
CA LEU B 420 20.38 20.11 -8.95
C LEU B 420 20.71 20.36 -7.49
N ASP B 421 20.38 19.39 -6.63
CA ASP B 421 20.67 19.51 -5.21
C ASP B 421 22.17 19.44 -4.96
N SER B 422 22.84 18.62 -5.75
CA SER B 422 24.34 18.50 -5.61
C SER B 422 25.07 19.84 -5.88
N ILE B 423 24.60 20.62 -6.83
CA ILE B 423 25.26 21.93 -7.13
C ILE B 423 24.78 23.12 -6.28
N ASN B 424 23.50 23.16 -5.94
CA ASN B 424 22.92 24.26 -5.10
C ASN B 424 23.18 24.04 -3.62
N GLY B 425 23.54 22.81 -3.32
CA GLY B 425 23.74 22.34 -1.94
C GLY B 425 22.38 22.04 -1.28
N GLY B 426 22.37 21.08 -0.38
CA GLY B 426 21.14 20.72 0.31
C GLY B 426 20.26 19.65 -0.40
N GLU B 427 18.99 19.60 -0.01
CA GLU B 427 18.01 18.57 -0.47
C GLU B 427 16.59 19.07 -0.83
N ALA B 428 16.48 20.34 -1.20
CA ALA B 428 15.17 20.99 -1.39
C ALA B 428 14.37 20.44 -2.58
N TYR B 429 15.09 20.16 -3.65
CA TYR B 429 14.47 19.67 -4.91
C TYR B 429 13.93 18.22 -4.76
N GLN B 430 14.74 17.40 -4.16
CA GLN B 430 14.38 16.00 -3.83
C GLN B 430 13.17 15.88 -2.93
N LYS B 431 13.11 16.74 -1.93
CA LYS B 431 12.01 16.84 -1.00
C LYS B 431 10.69 17.17 -1.75
N VAL B 432 10.80 18.10 -2.70
CA VAL B 432 9.64 18.52 -3.49
C VAL B 432 9.07 17.34 -4.32
N CYS B 433 9.98 16.54 -4.81
CA CYS B 433 9.59 15.32 -5.55
C CYS B 433 8.81 14.35 -4.67
N ASP B 434 9.34 14.12 -3.49
CA ASP B 434 8.71 13.23 -2.48
C ASP B 434 7.31 13.68 -2.13
N GLU B 435 7.15 14.98 -2.01
CA GLU B 435 5.84 15.57 -1.68
C GLU B 435 4.81 15.43 -2.83
N LEU B 436 5.25 15.80 -4.02
CA LEU B 436 4.35 15.85 -5.20
C LEU B 436 3.98 14.46 -5.73
N VAL B 437 4.91 13.54 -5.65
CA VAL B 437 4.62 12.18 -6.13
C VAL B 437 3.46 11.62 -5.22
N ALA B 438 3.49 11.99 -3.93
CA ALA B 438 2.45 11.54 -2.97
C ALA B 438 1.04 11.96 -3.49
N CYS B 439 0.98 13.02 -4.28
CA CYS B 439 -0.31 13.45 -4.90
C CYS B 439 -0.84 12.48 -5.96
N PHE B 440 0.03 11.65 -6.42
CA PHE B 440 -0.39 10.58 -7.32
C PHE B 440 -1.04 9.39 -6.62
N ASP B 441 -0.52 9.00 -5.46
CA ASP B 441 -1.22 7.99 -4.65
C ASP B 441 -2.48 8.53 -4.06
N ASN B 442 -2.50 9.87 -3.93
CA ASN B 442 -3.62 10.54 -3.28
C ASN B 442 -3.96 11.93 -3.82
N PRO B 443 -4.90 11.94 -4.78
CA PRO B 443 -5.39 13.25 -5.33
C PRO B 443 -5.94 14.22 -4.28
N ASP B 444 -6.40 13.75 -3.13
CA ASP B 444 -6.94 14.64 -2.09
C ASP B 444 -5.90 15.56 -1.50
N LEU B 445 -4.64 15.32 -1.86
CA LEU B 445 -3.53 16.24 -1.50
C LEU B 445 -3.35 17.40 -2.48
N THR B 446 -3.92 17.26 -3.66
CA THR B 446 -3.73 18.28 -4.69
C THR B 446 -4.48 19.58 -4.34
N PHE B 447 -4.04 20.65 -4.95
CA PHE B 447 -4.65 21.99 -4.74
C PHE B 447 -6.15 22.00 -4.96
N SER B 448 -6.53 21.37 -6.06
CA SER B 448 -7.92 21.44 -6.53
C SER B 448 -8.88 20.71 -5.59
N ALA B 449 -8.47 19.53 -5.15
CA ALA B 449 -9.24 18.79 -4.15
C ALA B 449 -9.43 19.59 -2.86
N ARG B 450 -8.31 20.18 -2.40
CA ARG B 450 -8.30 21.00 -1.15
C ARG B 450 -9.24 22.19 -1.28
N ILE B 451 -9.15 22.87 -2.42
CA ILE B 451 -9.88 24.11 -2.67
C ILE B 451 -11.36 23.80 -2.95
N LEU B 452 -11.57 22.65 -3.49
CA LEU B 452 -12.92 22.25 -3.84
C LEU B 452 -13.73 22.06 -2.55
N ARG B 453 -13.15 21.37 -1.57
CA ARG B 453 -13.83 21.11 -0.27
C ARG B 453 -14.30 22.44 0.36
N SER B 454 -13.43 23.43 0.23
CA SER B 454 -13.69 24.76 0.82
C SER B 454 -14.78 25.53 0.03
N MET B 455 -14.75 25.35 -1.26
CA MET B 455 -15.67 26.02 -2.18
C MET B 455 -17.09 25.46 -2.10
N ILE B 456 -17.19 24.14 -2.13
CA ILE B 456 -18.48 23.44 -1.87
C ILE B 456 -19.21 23.95 -0.59
N ASP B 457 -18.46 24.10 0.46
CA ASP B 457 -19.01 24.59 1.72
C ASP B 457 -19.42 26.09 1.76
N THR B 458 -18.58 26.99 1.23
CA THR B 458 -18.79 28.48 1.36
C THR B 458 -18.78 29.26 0.04
N GLY B 459 -18.73 28.52 -1.05
CA GLY B 459 -18.70 29.03 -2.39
C GLY B 459 -17.37 29.63 -2.82
N ILE B 460 -17.27 29.87 -4.11
CA ILE B 460 -16.10 30.61 -4.65
C ILE B 460 -15.95 31.98 -3.99
N GLY B 461 -17.10 32.65 -3.84
CA GLY B 461 -17.19 33.98 -3.26
C GLY B 461 -16.75 34.05 -1.82
N GLY B 462 -17.33 33.15 -1.04
CA GLY B 462 -17.01 32.99 0.39
C GLY B 462 -15.52 32.66 0.70
N THR B 463 -15.04 31.69 -0.04
CA THR B 463 -13.67 31.19 0.09
C THR B 463 -12.70 32.28 -0.32
N GLY B 464 -13.04 32.94 -1.40
CA GLY B 464 -12.23 34.06 -1.88
C GLY B 464 -12.09 35.22 -0.90
N LYS B 465 -13.23 35.69 -0.40
CA LYS B 465 -13.26 36.88 0.46
C LYS B 465 -12.40 36.58 1.67
N ALA B 466 -12.57 35.37 2.20
CA ALA B 466 -11.88 34.96 3.45
C ALA B 466 -10.35 34.86 3.30
N PHE B 467 -9.94 34.23 2.26
CA PHE B 467 -8.48 34.13 1.95
C PHE B 467 -7.91 35.54 1.70
N ALA B 468 -8.62 36.34 0.92
CA ALA B 468 -8.17 37.74 0.59
C ALA B 468 -7.96 38.61 1.83
N GLU B 469 -8.93 38.51 2.70
CA GLU B 469 -8.95 39.24 3.99
C GLU B 469 -7.76 38.88 4.86
N ALA B 470 -7.50 37.59 5.01
CA ALA B 470 -6.34 37.13 5.82
C ALA B 470 -5.01 37.52 5.20
N TYR B 471 -4.96 37.44 3.88
CA TYR B 471 -3.74 37.79 3.11
C TYR B 471 -3.45 39.28 3.15
N ARG B 472 -4.53 40.05 3.12
CA ARG B 472 -4.40 41.52 3.25
C ARG B 472 -3.68 41.87 4.55
N ASN B 473 -4.19 41.31 5.63
CA ASN B 473 -3.74 41.59 6.99
C ASN B 473 -2.34 41.12 7.20
N LEU B 474 -2.10 39.91 6.68
CA LEU B 474 -0.76 39.29 6.66
C LEU B 474 0.25 40.24 6.00
N LEU B 475 -0.08 40.61 4.77
CA LEU B 475 0.82 41.38 3.91
C LEU B 475 1.05 42.84 4.39
N ARG B 476 -0.02 43.47 4.81
CA ARG B 476 0.05 44.91 5.33
C ARG B 476 1.02 45.04 6.52
N GLU B 477 1.11 43.99 7.32
CA GLU B 477 1.93 43.99 8.53
C GLU B 477 3.37 43.60 8.25
N GLU B 478 3.57 42.98 7.12
CA GLU B 478 4.95 42.50 6.80
C GLU B 478 5.92 43.58 6.22
N PRO B 479 7.12 43.65 6.75
CA PRO B 479 8.14 44.55 6.23
C PRO B 479 8.74 44.15 4.91
N LEU B 480 9.02 45.18 4.14
CA LEU B 480 9.78 45.07 2.88
C LEU B 480 11.16 44.49 3.15
N GLU B 481 11.69 43.67 2.23
CA GLU B 481 12.96 42.97 2.51
C GLU B 481 14.06 43.28 1.54
N ILE B 482 13.66 43.55 0.31
CA ILE B 482 14.60 43.81 -0.78
C ILE B 482 14.39 45.16 -1.39
N LEU B 483 13.18 45.43 -1.77
CA LEU B 483 12.87 46.77 -2.22
C LEU B 483 12.62 47.63 -1.00
N ARG B 484 12.96 48.87 -1.09
CA ARG B 484 12.57 49.77 0.00
C ARG B 484 11.53 50.70 -0.59
N GLU B 485 10.77 51.31 0.28
CA GLU B 485 9.76 52.25 -0.14
C GLU B 485 10.30 53.27 -1.11
N GLU B 486 11.40 53.88 -0.72
CA GLU B 486 12.18 54.84 -1.58
C GLU B 486 12.15 54.44 -3.06
N ASP B 487 12.42 53.17 -3.26
CA ASP B 487 12.50 52.52 -4.60
C ASP B 487 11.18 52.53 -5.36
N PHE B 488 10.14 52.22 -4.63
CA PHE B 488 8.77 52.27 -5.14
C PHE B 488 8.35 53.67 -5.44
N VAL B 489 8.70 54.60 -4.54
CA VAL B 489 8.39 56.04 -4.76
C VAL B 489 9.25 56.60 -5.91
N ALA B 490 10.42 56.03 -6.14
CA ALA B 490 11.32 56.51 -7.22
C ALA B 490 10.80 56.04 -8.59
N GLU B 491 10.43 54.77 -8.61
CA GLU B 491 9.86 54.09 -9.78
C GLU B 491 8.48 54.67 -10.13
N ARG B 492 7.85 55.24 -9.13
CA ARG B 492 6.59 55.92 -9.36
C ARG B 492 6.79 57.17 -10.22
N GLU B 493 7.86 57.94 -9.94
CA GLU B 493 8.16 59.22 -10.65
C GLU B 493 8.66 58.95 -12.02
N ALA B 494 9.65 58.09 -12.07
CA ALA B 494 10.24 57.72 -13.34
C ALA B 494 9.15 57.15 -14.25
N SER B 495 8.30 56.32 -13.69
CA SER B 495 7.23 55.72 -14.53
C SER B 495 6.28 56.78 -15.03
N GLU B 496 6.11 57.85 -14.25
CA GLU B 496 5.21 59.00 -14.60
C GLU B 496 5.74 59.82 -15.80
N ARG B 497 7.07 60.02 -15.88
CA ARG B 497 7.79 60.83 -16.92
C ARG B 497 7.75 60.15 -18.23
N ARG B 498 7.96 58.86 -18.11
CA ARG B 498 7.99 58.02 -19.27
C ARG B 498 6.70 58.11 -20.02
N GLN B 499 5.59 58.08 -19.30
CA GLN B 499 4.28 58.28 -19.91
C GLN B 499 4.18 59.69 -20.52
N GLN B 500 4.58 60.70 -19.74
CA GLN B 500 4.54 62.14 -20.15
C GLN B 500 5.39 62.41 -21.40
N GLU B 501 6.62 61.92 -21.36
CA GLU B 501 7.60 62.10 -22.45
C GLU B 501 7.12 61.43 -23.71
N MET B 502 6.28 60.43 -23.53
CA MET B 502 5.71 59.68 -24.66
C MET B 502 4.44 60.35 -25.18
N GLU B 503 3.74 61.00 -24.29
CA GLU B 503 2.50 61.71 -24.64
C GLU B 503 2.89 63.01 -25.30
N ALA B 504 4.09 63.47 -24.98
CA ALA B 504 4.58 64.76 -25.48
C ALA B 504 5.10 64.56 -26.87
N ALA B 505 6.14 63.78 -26.93
CA ALA B 505 6.77 63.48 -28.20
C ALA B 505 5.90 62.54 -28.98
N ASP B 506 4.69 62.95 -29.29
CA ASP B 506 3.83 62.12 -30.14
C ASP B 506 3.40 62.97 -31.32
N THR B 507 3.84 62.53 -32.49
CA THR B 507 3.68 63.27 -33.77
C THR B 507 2.26 63.46 -34.25
N GLU B 508 1.74 62.37 -34.81
CA GLU B 508 0.44 62.44 -35.47
C GLU B 508 -0.76 62.04 -34.60
N PRO B 509 -1.94 62.44 -35.09
CA PRO B 509 -3.19 62.05 -34.44
C PRO B 509 -3.34 60.50 -34.47
N PHE B 510 -3.82 59.91 -33.37
CA PHE B 510 -4.02 58.44 -33.28
C PHE B 510 -4.68 57.84 -34.51
N ALA B 511 -5.56 58.66 -35.09
CA ALA B 511 -6.30 58.26 -36.27
C ALA B 511 -5.38 57.75 -37.36
N VAL B 512 -4.18 58.33 -37.47
CA VAL B 512 -3.30 57.89 -38.55
C VAL B 512 -2.12 57.12 -38.02
N TRP B 513 -1.64 57.33 -36.81
CA TRP B 513 -0.54 56.49 -36.33
C TRP B 513 -1.02 55.03 -36.45
N LEU B 514 -2.31 54.89 -36.18
CA LEU B 514 -2.99 53.61 -36.21
C LEU B 514 -3.01 52.98 -37.60
N GLU B 515 -2.89 53.83 -38.58
CA GLU B 515 -2.88 53.49 -40.00
C GLU B 515 -1.70 52.63 -40.48
N LYS B 516 -0.68 52.45 -39.65
CA LYS B 516 0.45 51.60 -40.01
C LYS B 516 0.53 50.43 -39.08
N HIS B 517 -0.10 50.54 -37.92
CA HIS B 517 0.09 49.46 -36.97
C HIS B 517 -1.05 48.48 -36.82
N ALA B 518 -2.06 48.59 -37.65
CA ALA B 518 -3.26 47.76 -37.48
C ALA B 518 -3.20 46.53 -38.36
N ILE C 2 9.98 -7.83 -35.06
CA ILE C 2 10.15 -9.22 -34.68
C ILE C 2 11.63 -9.43 -34.31
N PRO C 3 11.85 -10.01 -33.16
CA PRO C 3 13.22 -10.24 -32.73
C PRO C 3 13.97 -11.18 -33.68
N ASP C 4 15.27 -11.13 -33.51
CA ASP C 4 16.22 -12.10 -34.05
C ASP C 4 16.23 -13.35 -33.16
N VAL C 5 15.53 -14.36 -33.62
CA VAL C 5 15.42 -15.65 -32.96
C VAL C 5 16.19 -16.76 -33.70
N SER C 6 17.01 -16.35 -34.64
CA SER C 6 17.94 -17.25 -35.38
C SER C 6 18.59 -18.36 -34.58
N GLN C 7 19.42 -17.92 -33.64
CA GLN C 7 20.23 -18.85 -32.85
C GLN C 7 19.31 -19.98 -32.32
N ALA C 8 18.19 -19.59 -31.72
CA ALA C 8 17.31 -20.57 -31.06
C ALA C 8 16.53 -21.50 -32.02
N LEU C 9 16.19 -20.97 -33.17
CA LEU C 9 15.52 -21.79 -34.20
C LEU C 9 16.46 -22.85 -34.74
N ALA C 10 17.68 -22.42 -34.97
CA ALA C 10 18.76 -23.31 -35.47
C ALA C 10 18.93 -24.50 -34.52
N TRP C 11 18.93 -24.14 -33.28
CA TRP C 11 19.13 -25.05 -32.17
C TRP C 11 18.01 -26.08 -32.15
N LEU C 12 16.84 -25.58 -32.41
CA LEU C 12 15.62 -26.35 -32.33
C LEU C 12 15.56 -27.39 -33.43
N GLU C 13 15.96 -26.92 -34.60
CA GLU C 13 16.02 -27.71 -35.86
C GLU C 13 17.02 -28.85 -35.77
N LYS C 14 17.77 -28.85 -34.69
CA LYS C 14 18.82 -29.84 -34.44
C LYS C 14 18.43 -30.78 -33.30
N HIS C 15 17.38 -30.39 -32.60
CA HIS C 15 16.85 -31.14 -31.49
C HIS C 15 15.33 -31.34 -31.69
N PRO C 16 14.94 -31.84 -32.85
CA PRO C 16 13.53 -31.99 -33.18
C PRO C 16 12.77 -32.80 -32.12
N GLN C 17 13.48 -33.76 -31.56
CA GLN C 17 12.84 -34.75 -30.67
C GLN C 17 12.34 -34.09 -29.39
N ALA C 18 12.96 -32.97 -29.12
CA ALA C 18 12.67 -32.09 -27.98
C ALA C 18 11.26 -31.44 -27.95
N LEU C 19 10.54 -31.56 -29.05
CA LEU C 19 9.21 -31.00 -29.15
C LEU C 19 8.14 -32.07 -29.07
N LYS C 20 8.59 -33.28 -28.99
CA LYS C 20 7.66 -34.37 -28.97
C LYS C 20 6.99 -34.56 -27.63
N GLY C 21 5.69 -34.72 -27.67
CA GLY C 21 4.91 -35.01 -26.46
C GLY C 21 4.24 -33.80 -25.81
N ILE C 22 3.98 -32.79 -26.62
CA ILE C 22 3.19 -31.66 -26.24
C ILE C 22 1.82 -32.09 -25.77
N GLN C 23 1.44 -31.57 -24.61
CA GLN C 23 0.13 -31.82 -24.03
C GLN C 23 -0.77 -30.58 -24.22
N ARG C 24 -2.05 -30.83 -24.48
CA ARG C 24 -3.03 -29.77 -24.74
C ARG C 24 -4.40 -30.02 -24.08
N GLY C 25 -5.22 -28.97 -24.08
CA GLY C 25 -6.60 -29.06 -23.60
C GLY C 25 -7.47 -27.91 -24.14
N LEU C 26 -8.78 -28.15 -24.30
CA LEU C 26 -9.68 -27.06 -24.71
C LEU C 26 -10.82 -26.86 -23.81
N GLU C 27 -11.30 -25.64 -23.83
CA GLU C 27 -12.54 -25.27 -23.13
C GLU C 27 -13.29 -24.39 -24.10
N ARG C 28 -14.59 -24.66 -24.25
CA ARG C 28 -15.47 -23.83 -25.07
C ARG C 28 -16.79 -23.53 -24.37
N GLU C 29 -17.23 -22.29 -24.55
CA GLU C 29 -18.47 -21.79 -23.96
C GLU C 29 -19.50 -21.46 -25.02
N THR C 30 -20.74 -21.75 -24.69
CA THR C 30 -21.88 -21.40 -25.58
C THR C 30 -23.18 -21.31 -24.83
N LEU C 31 -23.93 -20.29 -25.17
CA LEU C 31 -25.29 -20.06 -24.57
C LEU C 31 -26.31 -20.98 -25.20
N ARG C 32 -27.03 -21.68 -24.34
CA ARG C 32 -28.26 -22.40 -24.72
C ARG C 32 -29.32 -21.36 -25.12
N VAL C 33 -29.59 -21.33 -26.41
CA VAL C 33 -30.65 -20.50 -26.99
C VAL C 33 -31.82 -21.31 -27.53
N ASN C 34 -32.93 -20.61 -27.62
CA ASN C 34 -34.13 -21.13 -28.30
C ASN C 34 -34.01 -20.80 -29.77
N ALA C 35 -34.87 -21.43 -30.56
CA ALA C 35 -34.87 -21.29 -32.04
C ALA C 35 -34.95 -19.84 -32.48
N ASP C 36 -35.64 -19.06 -31.67
CA ASP C 36 -35.85 -17.63 -31.97
C ASP C 36 -34.74 -16.72 -31.40
N GLY C 37 -33.70 -17.34 -30.87
CA GLY C 37 -32.48 -16.66 -30.51
C GLY C 37 -32.46 -16.18 -29.07
N THR C 38 -33.62 -16.24 -28.46
CA THR C 38 -33.75 -15.88 -27.03
C THR C 38 -33.02 -16.87 -26.18
N LEU C 39 -32.71 -16.35 -25.01
CA LEU C 39 -31.93 -17.05 -24.02
C LEU C 39 -32.80 -18.12 -23.37
N ALA C 40 -32.45 -19.36 -23.56
CA ALA C 40 -33.09 -20.48 -22.86
C ALA C 40 -33.11 -20.29 -21.34
N THR C 41 -34.31 -20.35 -20.76
CA THR C 41 -34.47 -20.14 -19.31
C THR C 41 -34.79 -21.43 -18.59
N THR C 42 -34.60 -22.55 -19.27
CA THR C 42 -34.70 -23.80 -18.53
C THR C 42 -33.40 -24.02 -17.83
N GLY C 43 -33.29 -25.23 -17.32
CA GLY C 43 -32.21 -25.63 -16.43
C GLY C 43 -31.25 -26.55 -17.13
N HIS C 44 -30.10 -26.69 -16.53
CA HIS C 44 -29.01 -27.52 -17.09
C HIS C 44 -29.60 -28.86 -17.53
N PRO C 45 -29.37 -29.23 -18.79
CA PRO C 45 -30.06 -30.39 -19.39
C PRO C 45 -29.87 -31.63 -18.52
N GLU C 46 -30.96 -32.33 -18.25
CA GLU C 46 -30.95 -33.54 -17.40
C GLU C 46 -29.82 -34.52 -17.69
N ALA C 47 -29.68 -34.82 -18.96
CA ALA C 47 -28.75 -35.85 -19.45
C ALA C 47 -27.32 -35.52 -19.06
N LEU C 48 -27.04 -34.23 -19.04
CA LEU C 48 -25.70 -33.81 -18.67
C LEU C 48 -25.52 -33.97 -17.16
N GLY C 49 -26.60 -33.99 -16.40
CA GLY C 49 -26.52 -34.27 -14.97
C GLY C 49 -26.05 -33.12 -14.08
N SER C 50 -24.98 -33.36 -13.33
CA SER C 50 -24.45 -32.40 -12.31
C SER C 50 -23.34 -31.45 -12.76
N ALA C 51 -23.71 -30.20 -13.05
CA ALA C 51 -22.72 -29.22 -13.53
C ALA C 51 -21.55 -29.10 -12.55
N LEU C 52 -21.90 -29.17 -11.27
CA LEU C 52 -20.92 -28.99 -10.19
C LEU C 52 -19.76 -29.96 -10.22
N THR C 53 -20.04 -31.19 -10.61
CA THR C 53 -19.04 -32.26 -10.46
C THR C 53 -18.63 -33.03 -11.74
N HIS C 54 -19.50 -32.94 -12.78
CA HIS C 54 -19.28 -33.61 -14.08
C HIS C 54 -17.80 -33.51 -14.53
N LYS C 55 -17.20 -34.56 -15.07
CA LYS C 55 -15.79 -34.48 -15.45
C LYS C 55 -15.52 -33.70 -16.75
N TRP C 56 -16.53 -33.60 -17.62
CA TRP C 56 -16.34 -33.01 -18.96
C TRP C 56 -17.24 -31.83 -19.34
N ILE C 57 -18.47 -31.90 -18.92
CA ILE C 57 -19.43 -30.85 -19.24
C ILE C 57 -19.90 -30.15 -17.97
N THR C 58 -19.94 -28.84 -18.04
CA THR C 58 -20.29 -27.99 -16.88
C THR C 58 -20.90 -26.67 -17.28
N THR C 59 -20.97 -25.77 -16.31
CA THR C 59 -21.48 -24.42 -16.57
C THR C 59 -20.52 -23.34 -16.19
N ASP C 60 -20.72 -22.23 -16.88
CA ASP C 60 -19.97 -21.02 -16.56
C ASP C 60 -20.84 -20.09 -15.68
N PHE C 61 -20.93 -18.83 -16.01
CA PHE C 61 -21.58 -17.90 -15.08
C PHE C 61 -23.11 -18.07 -14.97
N ALA C 62 -23.74 -18.43 -16.10
CA ALA C 62 -25.21 -18.53 -16.21
C ALA C 62 -25.66 -19.96 -16.27
N GLU C 63 -26.90 -20.20 -15.84
CA GLU C 63 -27.40 -21.56 -15.83
C GLU C 63 -27.47 -22.04 -17.28
N ALA C 64 -27.70 -21.10 -18.15
CA ALA C 64 -27.79 -21.34 -19.62
C ALA C 64 -26.44 -21.26 -20.35
N LEU C 65 -25.38 -21.05 -19.59
CA LEU C 65 -24.04 -20.91 -20.19
C LEU C 65 -23.25 -22.21 -20.07
N LEU C 66 -23.30 -22.98 -21.15
CA LEU C 66 -22.59 -24.27 -21.23
C LEU C 66 -21.05 -24.11 -21.35
N GLU C 67 -20.33 -24.94 -20.62
CA GLU C 67 -18.88 -24.97 -20.71
C GLU C 67 -18.36 -26.38 -20.93
N PHE C 68 -17.78 -26.61 -22.11
CA PHE C 68 -17.24 -27.95 -22.47
C PHE C 68 -15.76 -28.02 -22.24
N ILE C 69 -15.35 -29.17 -21.73
CA ILE C 69 -13.99 -29.36 -21.23
C ILE C 69 -13.39 -30.70 -21.62
N THR C 70 -12.25 -30.64 -22.30
CA THR C 70 -11.50 -31.90 -22.64
C THR C 70 -10.38 -32.26 -21.69
N PRO C 71 -10.20 -33.54 -21.50
CA PRO C 71 -9.06 -34.02 -20.74
C PRO C 71 -7.78 -33.60 -21.42
N VAL C 72 -6.71 -33.57 -20.64
CA VAL C 72 -5.39 -33.31 -21.20
C VAL C 72 -5.10 -34.38 -22.27
N ASP C 73 -4.47 -33.95 -23.31
CA ASP C 73 -4.28 -34.73 -24.53
C ASP C 73 -3.04 -34.36 -25.36
N GLY C 74 -2.38 -35.39 -25.87
CA GLY C 74 -1.13 -35.26 -26.63
C GLY C 74 -1.42 -35.30 -28.15
N ASP C 75 -2.67 -35.54 -28.44
CA ASP C 75 -3.13 -35.74 -29.85
C ASP C 75 -4.27 -34.84 -30.33
N ILE C 76 -3.93 -34.03 -31.31
CA ILE C 76 -4.80 -32.94 -31.71
C ILE C 76 -6.17 -33.39 -32.24
N GLU C 77 -6.13 -34.34 -33.16
CA GLU C 77 -7.34 -34.78 -33.84
C GLU C 77 -8.29 -35.41 -32.75
N HIS C 78 -7.69 -36.22 -31.89
CA HIS C 78 -8.38 -36.91 -30.80
C HIS C 78 -9.10 -35.92 -29.85
N MET C 79 -8.39 -34.90 -29.47
CA MET C 79 -8.90 -33.88 -28.55
C MET C 79 -10.10 -33.16 -29.13
N LEU C 80 -9.98 -32.84 -30.40
CA LEU C 80 -11.03 -32.09 -31.10
C LEU C 80 -12.23 -32.97 -31.29
N THR C 81 -11.94 -34.22 -31.57
CA THR C 81 -12.98 -35.24 -31.78
C THR C 81 -13.81 -35.43 -30.50
N PHE C 82 -13.06 -35.53 -29.42
CA PHE C 82 -13.64 -35.61 -28.08
C PHE C 82 -14.63 -34.48 -27.76
N MET C 83 -14.16 -33.27 -28.00
CA MET C 83 -14.96 -32.07 -27.79
C MET C 83 -16.21 -32.06 -28.66
N ARG C 84 -16.01 -32.44 -29.92
CA ARG C 84 -17.12 -32.63 -30.89
C ARG C 84 -18.13 -33.65 -30.34
N ASP C 85 -17.64 -34.72 -29.75
CA ASP C 85 -18.55 -35.71 -29.15
C ASP C 85 -19.45 -35.05 -28.11
N LEU C 86 -18.83 -34.34 -27.15
CA LEU C 86 -19.58 -33.61 -26.10
C LEU C 86 -20.72 -32.79 -26.66
N HIS C 87 -20.41 -32.12 -27.75
CA HIS C 87 -21.33 -31.22 -28.44
C HIS C 87 -22.47 -32.01 -29.08
N ARG C 88 -22.07 -33.05 -29.79
CA ARG C 88 -23.01 -33.96 -30.50
C ARG C 88 -24.04 -34.46 -29.50
N TYR C 89 -23.50 -34.97 -28.44
CA TYR C 89 -24.31 -35.67 -27.42
C TYR C 89 -25.26 -34.73 -26.71
N THR C 90 -24.75 -33.53 -26.55
CA THR C 90 -25.44 -32.46 -25.86
C THR C 90 -26.53 -31.88 -26.71
N ALA C 91 -26.22 -31.71 -28.01
CA ALA C 91 -27.13 -31.11 -28.98
C ALA C 91 -28.38 -31.96 -29.26
N ARG C 92 -28.41 -33.18 -28.74
CA ARG C 92 -29.53 -34.11 -28.98
C ARG C 92 -30.28 -34.37 -27.69
N ASN C 93 -29.66 -33.83 -26.64
CA ASN C 93 -30.23 -34.01 -25.32
C ASN C 93 -30.64 -32.70 -24.71
N MET C 94 -31.09 -31.75 -25.52
CA MET C 94 -31.50 -30.45 -25.00
C MET C 94 -32.73 -29.90 -25.69
N GLY C 95 -33.60 -30.78 -26.14
CA GLY C 95 -34.87 -30.38 -26.74
C GLY C 95 -34.70 -29.64 -28.07
N ASP C 96 -35.43 -28.55 -28.27
CA ASP C 96 -35.30 -27.78 -29.51
C ASP C 96 -34.31 -26.65 -29.31
N GLU C 97 -33.67 -26.73 -28.15
CA GLU C 97 -32.66 -25.74 -27.77
C GLU C 97 -31.41 -26.00 -28.58
N ARG C 98 -30.80 -24.91 -29.00
CA ARG C 98 -29.55 -24.99 -29.75
C ARG C 98 -28.45 -24.07 -29.15
N MET C 99 -27.23 -24.29 -29.62
CA MET C 99 -26.01 -23.60 -29.16
C MET C 99 -25.58 -22.37 -29.97
N TRP C 100 -25.44 -21.26 -29.28
CA TRP C 100 -25.05 -19.99 -29.92
C TRP C 100 -23.62 -20.07 -30.55
N PRO C 101 -23.57 -19.84 -31.87
CA PRO C 101 -22.37 -19.98 -32.72
C PRO C 101 -21.26 -18.95 -32.42
N LEU C 102 -21.63 -17.78 -31.85
CA LEU C 102 -20.74 -16.60 -31.59
C LEU C 102 -20.36 -16.28 -30.14
N SER C 103 -19.34 -15.44 -30.05
CA SER C 103 -18.83 -14.90 -28.76
C SER C 103 -19.82 -13.93 -28.14
N MET C 104 -20.27 -13.03 -28.98
CA MET C 104 -21.17 -11.95 -28.61
C MET C 104 -22.61 -12.39 -28.62
N PRO C 105 -23.28 -12.29 -27.48
CA PRO C 105 -24.70 -12.58 -27.45
C PRO C 105 -25.48 -11.59 -28.29
N SER C 106 -26.73 -11.91 -28.39
CA SER C 106 -27.72 -11.06 -29.02
C SER C 106 -29.07 -11.45 -28.41
N TYR C 107 -30.03 -10.57 -28.46
CA TYR C 107 -31.35 -10.91 -27.92
C TYR C 107 -31.22 -11.00 -26.41
N ILE C 108 -30.24 -10.31 -25.87
CA ILE C 108 -30.08 -10.24 -24.41
C ILE C 108 -30.06 -8.76 -24.02
N ALA C 109 -31.09 -8.37 -23.28
CA ALA C 109 -31.34 -6.95 -22.88
C ALA C 109 -30.44 -6.48 -21.73
N GLU C 110 -30.22 -5.16 -21.65
CA GLU C 110 -29.33 -4.54 -20.60
C GLU C 110 -29.78 -4.78 -19.14
N GLY C 111 -31.08 -4.96 -18.91
CA GLY C 111 -31.59 -5.19 -17.54
C GLY C 111 -32.08 -6.62 -17.30
N GLN C 112 -31.99 -7.43 -18.35
CA GLN C 112 -32.46 -8.80 -18.29
C GLN C 112 -31.93 -9.55 -17.09
N ASP C 113 -32.90 -10.21 -16.49
CA ASP C 113 -32.65 -11.05 -15.34
C ASP C 113 -32.27 -12.42 -15.87
N ILE C 114 -30.97 -12.66 -15.80
CA ILE C 114 -30.31 -13.87 -16.26
C ILE C 114 -30.13 -14.83 -15.09
N GLU C 115 -30.55 -16.08 -15.24
CA GLU C 115 -30.38 -17.02 -14.11
C GLU C 115 -28.93 -17.42 -13.92
N LEU C 116 -28.46 -17.19 -12.72
CA LEU C 116 -27.13 -17.61 -12.29
C LEU C 116 -26.92 -19.12 -12.27
N ALA C 117 -25.71 -19.54 -12.46
CA ALA C 117 -25.39 -20.96 -12.52
C ALA C 117 -25.72 -21.58 -11.14
N GLN C 118 -26.47 -22.66 -11.22
CA GLN C 118 -26.97 -23.40 -10.04
C GLN C 118 -26.22 -24.68 -9.83
N TYR C 119 -25.67 -24.81 -8.65
CA TYR C 119 -24.78 -25.93 -8.32
C TYR C 119 -25.17 -26.62 -7.02
N GLY C 120 -26.43 -26.46 -6.61
CA GLY C 120 -26.94 -27.21 -5.45
C GLY C 120 -26.89 -26.56 -4.07
N THR C 121 -26.86 -27.37 -3.02
CA THR C 121 -26.94 -26.85 -1.59
C THR C 121 -25.68 -27.01 -0.78
N SER C 122 -24.79 -27.83 -1.31
CA SER C 122 -23.52 -28.09 -0.66
C SER C 122 -22.85 -26.77 -0.36
N ASN C 123 -21.79 -26.83 0.44
CA ASN C 123 -21.13 -25.58 0.78
C ASN C 123 -20.34 -25.08 -0.46
N THR C 124 -19.61 -26.01 -1.08
CA THR C 124 -18.69 -25.73 -2.21
C THR C 124 -19.50 -25.16 -3.36
N GLY C 125 -20.70 -25.66 -3.43
CA GLY C 125 -21.58 -25.48 -4.59
C GLY C 125 -22.25 -24.14 -4.45
N ARG C 126 -22.33 -23.76 -3.22
CA ARG C 126 -23.04 -22.54 -2.88
C ARG C 126 -22.15 -21.31 -3.02
N PHE C 127 -20.91 -21.52 -2.65
CA PHE C 127 -19.80 -20.58 -2.79
C PHE C 127 -19.64 -20.27 -4.28
N LYS C 128 -19.72 -21.31 -5.06
CA LYS C 128 -19.53 -21.21 -6.54
C LYS C 128 -20.57 -20.27 -7.14
N THR C 129 -21.79 -20.46 -6.71
CA THR C 129 -22.90 -19.62 -7.16
C THR C 129 -22.83 -18.18 -6.66
N LEU C 130 -22.27 -18.01 -5.48
CA LEU C 130 -22.15 -16.68 -4.85
C LEU C 130 -21.03 -15.86 -5.49
N TYR C 131 -19.95 -16.55 -5.84
CA TYR C 131 -18.87 -15.96 -6.63
C TYR C 131 -19.51 -15.21 -7.79
N ARG C 132 -20.43 -15.91 -8.42
CA ARG C 132 -21.14 -15.44 -9.61
C ARG C 132 -22.10 -14.30 -9.29
N GLU C 133 -22.80 -14.45 -8.19
CA GLU C 133 -23.68 -13.36 -7.69
C GLU C 133 -22.85 -12.07 -7.62
N GLY C 134 -21.68 -12.22 -7.03
CA GLY C 134 -20.75 -11.11 -6.82
C GLY C 134 -20.26 -10.54 -8.16
N LEU C 135 -19.96 -11.41 -9.08
CA LEU C 135 -19.56 -10.97 -10.43
C LEU C 135 -20.63 -10.08 -11.01
N LYS C 136 -21.86 -10.53 -10.86
CA LYS C 136 -23.03 -9.79 -11.37
C LYS C 136 -23.09 -8.40 -10.78
N ASN C 137 -23.21 -8.37 -9.45
CA ASN C 137 -23.33 -7.09 -8.71
C ASN C 137 -22.20 -6.10 -8.97
N ARG C 138 -21.02 -6.60 -9.32
CA ARG C 138 -19.85 -5.73 -9.46
C ARG C 138 -19.68 -5.24 -10.89
N TYR C 139 -19.85 -6.18 -11.79
CA TYR C 139 -19.54 -5.98 -13.21
C TYR C 139 -20.75 -6.00 -14.11
N GLY C 140 -21.84 -6.54 -13.63
CA GLY C 140 -23.01 -6.67 -14.49
C GLY C 140 -23.15 -8.04 -15.12
N ALA C 141 -24.36 -8.58 -15.11
CA ALA C 141 -24.64 -9.96 -15.61
C ALA C 141 -24.29 -10.17 -17.08
N LEU C 142 -24.90 -9.34 -17.87
CA LEU C 142 -24.75 -9.34 -19.35
C LEU C 142 -23.33 -9.61 -19.90
N MET C 143 -22.39 -8.83 -19.40
CA MET C 143 -20.97 -8.92 -19.82
C MET C 143 -20.41 -10.33 -19.65
N GLN C 144 -20.95 -11.04 -18.67
CA GLN C 144 -20.47 -12.39 -18.29
C GLN C 144 -21.05 -13.45 -19.18
N THR C 145 -21.90 -13.02 -20.14
CA THR C 145 -22.53 -13.94 -21.12
C THR C 145 -21.74 -14.00 -22.43
N ILE C 146 -20.79 -13.11 -22.54
CA ILE C 146 -19.77 -13.17 -23.61
C ILE C 146 -19.07 -14.48 -23.46
N SER C 147 -18.76 -15.07 -24.58
CA SER C 147 -18.18 -16.42 -24.53
C SER C 147 -16.90 -16.46 -25.33
N GLY C 148 -16.10 -17.44 -25.00
CA GLY C 148 -14.80 -17.65 -25.61
C GLY C 148 -14.31 -19.10 -25.58
N VAL C 149 -13.06 -19.28 -25.94
CA VAL C 149 -12.37 -20.57 -25.93
C VAL C 149 -10.99 -20.43 -25.25
N HIS C 150 -10.70 -21.45 -24.48
CA HIS C 150 -9.47 -21.56 -23.69
C HIS C 150 -8.65 -22.73 -24.25
N TYR C 151 -7.39 -22.44 -24.45
CA TYR C 151 -6.39 -23.43 -24.96
C TYR C 151 -5.27 -23.61 -23.91
N ASN C 152 -5.14 -24.84 -23.44
CA ASN C 152 -4.13 -25.23 -22.43
C ASN C 152 -2.98 -25.90 -23.15
N PHE C 153 -1.80 -25.71 -22.62
CA PHE C 153 -0.60 -26.06 -23.37
C PHE C 153 0.60 -26.25 -22.42
N SER C 154 1.19 -27.42 -22.51
CA SER C 154 2.46 -27.69 -21.85
C SER C 154 3.47 -28.35 -22.78
N LEU C 155 4.64 -27.78 -22.77
CA LEU C 155 5.81 -28.35 -23.38
C LEU C 155 6.26 -29.64 -22.67
N PRO C 156 6.89 -30.56 -23.43
CA PRO C 156 7.35 -31.83 -22.87
C PRO C 156 8.60 -31.61 -22.09
N MET C 157 8.78 -32.50 -21.13
CA MET C 157 9.97 -32.51 -20.31
C MET C 157 11.23 -32.46 -21.20
N ALA C 158 11.14 -33.18 -22.30
CA ALA C 158 12.29 -33.31 -23.24
C ALA C 158 12.83 -31.95 -23.71
N PHE C 159 11.89 -31.04 -23.92
CA PHE C 159 12.19 -29.69 -24.37
C PHE C 159 13.14 -28.98 -23.41
N TRP C 160 12.79 -28.99 -22.13
CA TRP C 160 13.55 -28.33 -21.05
C TRP C 160 14.90 -29.02 -20.82
N GLN C 161 14.83 -30.35 -20.78
CA GLN C 161 16.01 -31.23 -20.61
C GLN C 161 17.12 -30.84 -21.60
N ALA C 162 16.76 -30.93 -22.88
CA ALA C 162 17.61 -30.62 -24.06
C ALA C 162 18.17 -29.20 -24.04
N LYS C 163 17.31 -28.33 -23.57
CA LYS C 163 17.63 -26.92 -23.46
C LYS C 163 18.32 -26.55 -22.17
N ASP C 166 21.41 -28.64 -17.49
CA ASP C 166 21.29 -28.83 -16.05
C ASP C 166 19.86 -28.43 -15.56
N ILE C 167 18.97 -29.41 -15.52
CA ILE C 167 17.62 -29.25 -14.92
C ILE C 167 17.31 -30.51 -14.09
N SER C 168 17.89 -30.56 -12.90
CA SER C 168 17.75 -31.69 -12.02
C SER C 168 17.15 -31.34 -10.67
N GLY C 169 16.77 -32.37 -9.94
CA GLY C 169 16.21 -32.17 -8.61
C GLY C 169 15.30 -30.93 -8.55
N ALA C 170 15.74 -29.95 -7.75
CA ALA C 170 14.98 -28.70 -7.48
C ALA C 170 15.02 -27.69 -8.64
N ASP C 171 16.16 -27.63 -9.29
CA ASP C 171 16.40 -26.77 -10.43
C ASP C 171 15.24 -26.80 -11.42
N ALA C 172 14.87 -27.98 -11.83
CA ALA C 172 13.81 -28.15 -12.82
C ALA C 172 12.64 -27.18 -12.63
N LYS C 173 11.96 -27.35 -11.52
CA LYS C 173 10.82 -26.51 -11.18
C LYS C 173 11.04 -25.02 -11.52
N GLU C 174 12.26 -24.54 -11.42
CA GLU C 174 12.52 -23.08 -11.56
C GLU C 174 12.79 -22.67 -13.02
N LYS C 175 13.50 -23.53 -13.72
CA LYS C 175 13.95 -23.26 -15.08
C LYS C 175 12.75 -23.31 -16.04
N ILE C 176 11.85 -24.22 -15.70
CA ILE C 176 10.56 -24.40 -16.37
C ILE C 176 9.63 -23.21 -16.15
N SER C 177 9.47 -22.85 -14.89
CA SER C 177 8.75 -21.60 -14.53
C SER C 177 9.29 -20.39 -15.29
N ALA C 178 10.60 -20.18 -15.20
CA ALA C 178 11.27 -19.06 -15.94
C ALA C 178 10.88 -19.06 -17.41
N GLY C 179 10.93 -20.25 -17.95
CA GLY C 179 10.72 -20.49 -19.36
C GLY C 179 9.30 -20.11 -19.80
N TYR C 180 8.35 -20.50 -18.96
CA TYR C 180 6.93 -20.19 -19.20
C TYR C 180 6.60 -18.70 -18.97
N PHE C 181 7.40 -18.03 -18.17
CA PHE C 181 7.23 -16.58 -17.92
C PHE C 181 7.75 -15.85 -19.17
N ARG C 182 8.78 -16.40 -19.80
CA ARG C 182 9.40 -15.87 -21.07
C ARG C 182 8.24 -15.88 -22.10
N VAL C 183 7.53 -16.98 -22.06
CA VAL C 183 6.43 -17.28 -23.00
C VAL C 183 5.32 -16.26 -22.90
N ILE C 184 5.02 -15.91 -21.66
CA ILE C 184 3.90 -15.00 -21.34
C ILE C 184 4.24 -13.58 -21.75
N ARG C 185 5.48 -13.22 -21.44
CA ARG C 185 5.98 -11.90 -21.75
C ARG C 185 5.83 -11.70 -23.26
N ASN C 186 6.35 -12.70 -23.97
CA ASN C 186 6.38 -12.68 -25.44
C ASN C 186 4.96 -12.71 -25.99
N TYR C 187 4.08 -13.39 -25.30
CA TYR C 187 2.64 -13.36 -25.65
C TYR C 187 2.08 -11.94 -25.56
N TYR C 188 2.52 -11.19 -24.57
CA TYR C 188 2.06 -9.82 -24.42
C TYR C 188 2.59 -8.93 -25.55
N ARG C 189 3.81 -9.21 -25.96
CA ARG C 189 4.47 -8.40 -27.01
C ARG C 189 3.91 -8.68 -28.38
N PHE C 190 3.71 -9.96 -28.65
CA PHE C 190 3.46 -10.44 -30.04
C PHE C 190 2.11 -11.14 -30.27
N GLY C 191 1.39 -11.38 -29.22
CA GLY C 191 0.17 -12.20 -29.22
C GLY C 191 -1.06 -11.50 -29.82
N TRP C 192 -0.91 -10.25 -30.16
CA TRP C 192 -1.96 -9.55 -30.95
C TRP C 192 -2.25 -10.23 -32.30
N VAL C 193 -1.29 -11.02 -32.73
CA VAL C 193 -1.41 -11.81 -34.01
C VAL C 193 -2.68 -12.72 -33.97
N ILE C 194 -3.06 -13.09 -32.80
CA ILE C 194 -4.19 -13.99 -32.52
C ILE C 194 -5.59 -13.41 -32.84
N PRO C 195 -6.02 -12.32 -32.23
CA PRO C 195 -7.27 -11.70 -32.68
C PRO C 195 -7.19 -11.18 -34.14
N TYR C 196 -6.00 -10.78 -34.58
CA TYR C 196 -5.90 -10.39 -36.02
C TYR C 196 -6.50 -11.49 -36.88
N LEU C 197 -5.95 -12.67 -36.67
CA LEU C 197 -6.25 -13.87 -37.48
C LEU C 197 -7.58 -14.53 -37.16
N PHE C 198 -7.83 -14.64 -35.90
CA PHE C 198 -8.92 -15.45 -35.37
C PHE C 198 -9.97 -14.70 -34.65
N GLY C 199 -9.71 -13.42 -34.48
CA GLY C 199 -10.69 -12.56 -33.85
C GLY C 199 -12.01 -12.61 -34.65
N ALA C 200 -13.12 -12.68 -33.94
CA ALA C 200 -14.46 -12.89 -34.54
C ALA C 200 -15.62 -12.15 -33.85
N SER C 201 -15.40 -10.88 -33.56
CA SER C 201 -16.40 -10.04 -32.97
C SER C 201 -16.26 -8.59 -33.41
N PRO C 202 -16.41 -8.35 -34.73
CA PRO C 202 -16.25 -7.01 -35.34
C PRO C 202 -17.36 -6.12 -34.82
N ALA C 203 -18.39 -6.77 -34.34
CA ALA C 203 -19.61 -6.08 -33.96
C ALA C 203 -20.15 -6.46 -32.61
N ILE C 204 -21.00 -5.55 -32.14
CA ILE C 204 -21.65 -5.69 -30.84
C ILE C 204 -23.05 -5.11 -30.77
N SER C 205 -23.88 -5.77 -29.98
CA SER C 205 -25.27 -5.37 -29.76
C SER C 205 -25.43 -4.08 -29.00
N SER C 206 -26.50 -3.36 -29.35
CA SER C 206 -26.89 -2.08 -28.71
C SER C 206 -26.97 -2.26 -27.19
N SER C 207 -27.73 -3.28 -26.80
CA SER C 207 -28.02 -3.60 -25.39
C SER C 207 -26.76 -3.68 -24.53
N PHE C 208 -25.62 -3.60 -25.17
CA PHE C 208 -24.31 -3.76 -24.49
C PHE C 208 -23.53 -2.48 -24.18
N LEU C 209 -23.42 -1.62 -25.17
CA LEU C 209 -22.71 -0.34 -25.01
C LEU C 209 -23.35 0.56 -23.89
N SER C 215 -18.21 6.66 -27.56
CA SER C 215 -16.75 6.78 -27.37
C SER C 215 -15.99 6.47 -28.66
N LEU C 216 -16.37 5.39 -29.29
CA LEU C 216 -15.69 5.00 -30.51
C LEU C 216 -16.35 5.47 -31.80
N PRO C 217 -15.54 5.47 -32.86
CA PRO C 217 -16.09 5.77 -34.20
C PRO C 217 -17.18 4.78 -34.68
N PHE C 218 -17.81 4.11 -33.77
CA PHE C 218 -18.85 3.15 -34.05
C PHE C 218 -19.79 3.51 -35.17
N GLU C 219 -20.29 2.50 -35.81
CA GLU C 219 -21.25 2.66 -36.88
C GLU C 219 -22.51 1.93 -36.53
N LYS C 220 -23.62 2.48 -36.97
CA LYS C 220 -24.94 1.96 -36.64
C LYS C 220 -25.63 1.30 -37.80
N THR C 221 -26.52 0.41 -37.41
CA THR C 221 -27.46 -0.29 -38.30
C THR C 221 -28.84 -0.24 -37.62
N GLY C 224 -30.25 -2.07 -35.16
CA GLY C 224 -29.74 -1.80 -33.81
C GLY C 224 -28.43 -2.54 -33.53
N MET C 225 -27.46 -2.34 -34.41
CA MET C 225 -26.18 -3.02 -34.23
C MET C 225 -25.00 -2.09 -34.41
N TYR C 226 -24.08 -2.18 -33.47
CA TYR C 226 -22.90 -1.31 -33.38
C TYR C 226 -21.71 -2.15 -33.89
N TYR C 227 -20.93 -1.59 -34.76
CA TYR C 227 -19.80 -2.24 -35.39
C TYR C 227 -18.67 -1.26 -35.77
N LEU C 228 -17.46 -1.79 -35.78
CA LEU C 228 -16.29 -1.05 -36.31
C LEU C 228 -15.84 -1.68 -37.59
N PRO C 229 -15.47 -0.87 -38.57
CA PRO C 229 -15.23 -1.36 -39.93
C PRO C 229 -14.05 -2.33 -40.03
N TYR C 230 -12.99 -1.97 -39.33
CA TYR C 230 -11.70 -2.67 -39.39
C TYR C 230 -11.36 -3.48 -38.15
N ALA C 231 -12.39 -3.71 -37.34
CA ALA C 231 -12.25 -4.30 -35.98
C ALA C 231 -12.08 -5.80 -36.01
N THR C 232 -11.40 -6.36 -35.00
CA THR C 232 -11.18 -7.82 -34.92
C THR C 232 -11.95 -8.45 -33.77
N SER C 233 -11.53 -8.15 -32.55
CA SER C 233 -12.10 -8.74 -31.32
C SER C 233 -12.54 -7.70 -30.28
N LEU C 234 -13.79 -7.28 -30.42
CA LEU C 234 -14.39 -6.31 -29.53
C LEU C 234 -14.52 -6.93 -28.14
N ARG C 235 -14.62 -8.23 -28.13
CA ARG C 235 -14.70 -8.98 -26.88
C ARG C 235 -13.47 -8.79 -25.99
N LEU C 236 -12.32 -8.64 -26.62
CA LEU C 236 -11.06 -8.33 -25.92
C LEU C 236 -10.91 -6.84 -25.59
N SER C 237 -11.80 -6.04 -26.16
CA SER C 237 -11.80 -4.58 -25.93
C SER C 237 -12.39 -4.22 -24.55
N ASP C 238 -12.33 -2.94 -24.24
CA ASP C 238 -12.86 -2.39 -22.98
C ASP C 238 -14.36 -2.52 -22.88
N LEU C 239 -15.01 -2.66 -24.03
CA LEU C 239 -16.47 -2.83 -24.05
C LEU C 239 -16.89 -4.29 -23.88
N GLY C 240 -15.90 -5.17 -23.93
CA GLY C 240 -16.09 -6.61 -23.92
C GLY C 240 -15.86 -7.35 -22.59
N TYR C 241 -14.89 -6.92 -21.84
CA TYR C 241 -14.73 -7.51 -20.52
C TYR C 241 -14.73 -6.32 -19.58
N THR C 242 -15.30 -6.58 -18.44
CA THR C 242 -15.57 -5.59 -17.41
C THR C 242 -14.52 -5.48 -16.33
N ASN C 243 -13.90 -6.63 -16.16
CA ASN C 243 -12.86 -6.87 -15.16
C ASN C 243 -11.65 -5.94 -15.18
N LYS C 244 -10.84 -6.21 -14.16
CA LYS C 244 -9.56 -5.53 -13.94
C LYS C 244 -8.41 -6.38 -14.50
N SER C 245 -7.87 -5.96 -15.67
CA SER C 245 -6.66 -6.57 -16.32
C SER C 245 -5.54 -6.70 -15.28
N GLN C 246 -4.93 -7.88 -15.28
CA GLN C 246 -3.80 -8.16 -14.37
C GLN C 246 -2.68 -7.12 -14.53
N SER C 247 -2.50 -6.81 -15.83
CA SER C 247 -1.55 -5.78 -16.30
C SER C 247 -1.83 -4.46 -15.58
N ASN C 248 -3.12 -4.22 -15.35
CA ASN C 248 -3.63 -3.03 -14.66
C ASN C 248 -3.32 -3.03 -13.14
N LEU C 249 -3.44 -4.21 -12.47
CA LEU C 249 -3.29 -4.36 -10.97
C LEU C 249 -1.87 -4.38 -10.38
N GLY C 250 -0.87 -4.15 -11.23
CA GLY C 250 0.54 -4.18 -10.79
C GLY C 250 1.18 -5.59 -10.92
N ILE C 251 0.44 -6.51 -11.54
CA ILE C 251 0.91 -7.87 -11.65
C ILE C 251 1.87 -8.05 -12.80
N THR C 252 3.01 -8.62 -12.49
CA THR C 252 4.05 -8.90 -13.45
C THR C 252 4.43 -10.38 -13.64
N PHE C 253 5.15 -10.59 -14.71
CA PHE C 253 5.52 -11.92 -15.22
C PHE C 253 7.03 -12.12 -15.46
N ASN C 254 7.81 -11.71 -14.49
CA ASN C 254 9.26 -11.81 -14.55
C ASN C 254 9.86 -12.96 -13.76
N ASP C 255 9.12 -13.33 -12.74
CA ASP C 255 9.64 -14.22 -11.72
C ASP C 255 8.51 -14.81 -10.88
N LEU C 256 8.58 -16.12 -10.69
CA LEU C 256 7.56 -16.88 -9.98
C LEU C 256 7.06 -16.25 -8.62
N TYR C 257 7.98 -15.93 -7.75
CA TYR C 257 7.65 -15.37 -6.48
C TYR C 257 7.02 -13.97 -6.57
N GLU C 258 7.58 -13.10 -7.41
CA GLU C 258 7.01 -11.72 -7.59
C GLU C 258 5.58 -11.82 -8.05
N TYR C 259 5.38 -12.74 -8.96
CA TYR C 259 4.08 -12.90 -9.64
C TYR C 259 3.04 -13.29 -8.59
N VAL C 260 3.38 -14.35 -7.86
CA VAL C 260 2.49 -14.87 -6.82
C VAL C 260 2.26 -13.82 -5.71
N ALA C 261 3.32 -13.15 -5.27
CA ALA C 261 3.17 -12.10 -4.29
C ALA C 261 2.17 -11.04 -4.73
N GLY C 262 2.27 -10.66 -6.00
CA GLY C 262 1.39 -9.60 -6.55
C GLY C 262 -0.08 -10.05 -6.64
N LEU C 263 -0.23 -11.29 -7.01
CA LEU C 263 -1.53 -11.93 -7.06
C LEU C 263 -2.19 -12.07 -5.69
N LYS C 264 -1.38 -12.50 -4.73
CA LYS C 264 -1.82 -12.69 -3.37
C LYS C 264 -2.14 -11.35 -2.74
N GLN C 265 -1.29 -10.36 -3.01
CA GLN C 265 -1.56 -8.96 -2.57
C GLN C 265 -2.98 -8.51 -3.00
N ALA C 266 -3.35 -8.87 -4.22
CA ALA C 266 -4.61 -8.37 -4.82
C ALA C 266 -5.89 -8.97 -4.23
N ILE C 267 -5.83 -10.24 -3.91
CA ILE C 267 -6.97 -10.85 -3.22
C ILE C 267 -7.12 -10.35 -1.78
N LYS C 268 -6.05 -9.72 -1.28
CA LYS C 268 -5.99 -9.19 0.11
C LYS C 268 -6.24 -7.69 0.12
N THR C 269 -6.42 -7.14 -1.04
CA THR C 269 -6.71 -5.69 -1.23
C THR C 269 -8.20 -5.38 -1.20
N PRO C 270 -8.60 -4.65 -0.19
CA PRO C 270 -9.98 -4.17 -0.06
C PRO C 270 -10.28 -3.15 -1.15
N SER C 271 -11.47 -3.23 -1.67
CA SER C 271 -11.96 -2.24 -2.64
C SER C 271 -13.05 -1.34 -2.05
N GLU C 272 -12.79 -0.03 -2.09
CA GLU C 272 -13.77 1.01 -1.63
C GLU C 272 -15.07 0.78 -2.43
N GLU C 273 -14.88 0.80 -3.72
CA GLU C 273 -15.99 0.72 -4.64
C GLU C 273 -16.94 -0.43 -4.29
N TYR C 274 -16.34 -1.59 -4.09
CA TYR C 274 -17.11 -2.85 -3.92
C TYR C 274 -17.69 -2.96 -2.51
N ALA C 275 -17.01 -2.28 -1.59
CA ALA C 275 -17.50 -2.19 -0.20
C ALA C 275 -18.90 -1.51 -0.16
N LYS C 276 -19.09 -0.55 -1.05
CA LYS C 276 -20.38 0.19 -1.19
C LYS C 276 -21.52 -0.69 -1.73
N ILE C 277 -21.16 -1.56 -2.62
CA ILE C 277 -22.11 -2.57 -3.05
C ILE C 277 -22.67 -3.24 -1.79
N GLY C 278 -21.87 -3.18 -0.75
CA GLY C 278 -22.18 -3.81 0.52
C GLY C 278 -21.95 -5.30 0.34
N ILE C 279 -21.89 -6.07 1.42
CA ILE C 279 -21.65 -7.49 1.22
C ILE C 279 -22.85 -8.34 1.58
N GLU C 280 -23.90 -7.70 2.05
CA GLU C 280 -25.17 -8.36 2.33
C GLU C 280 -26.21 -7.33 1.93
N LYS C 281 -27.22 -7.74 1.17
CA LYS C 281 -28.25 -6.74 0.84
C LYS C 281 -29.58 -7.35 1.15
N ASP C 282 -29.93 -7.20 2.42
CA ASP C 282 -31.16 -7.67 3.04
C ASP C 282 -31.34 -9.18 3.03
N GLY C 283 -30.51 -9.82 3.86
CA GLY C 283 -30.47 -11.26 4.04
C GLY C 283 -29.79 -11.99 2.88
N LYS C 284 -29.90 -11.39 1.69
CA LYS C 284 -29.29 -11.95 0.48
C LYS C 284 -27.81 -11.53 0.42
N ARG C 285 -26.98 -12.56 0.50
CA ARG C 285 -25.54 -12.43 0.36
C ARG C 285 -25.22 -11.99 -1.11
N LEU C 286 -24.50 -10.90 -1.26
CA LEU C 286 -24.22 -10.23 -2.57
C LEU C 286 -22.87 -10.56 -3.24
N GLN C 287 -21.92 -10.89 -2.43
CA GLN C 287 -20.54 -11.22 -2.81
C GLN C 287 -19.93 -12.10 -1.75
N ILE C 288 -18.89 -12.78 -2.14
CA ILE C 288 -18.06 -13.50 -1.21
C ILE C 288 -17.36 -12.57 -0.21
N ASN C 289 -16.90 -11.46 -0.76
CA ASN C 289 -16.26 -10.40 0.03
C ASN C 289 -16.16 -9.14 -0.82
N SER C 290 -15.55 -8.13 -0.25
CA SER C 290 -15.51 -6.82 -0.91
C SER C 290 -14.08 -6.43 -1.38
N ASN C 291 -13.24 -7.44 -1.48
CA ASN C 291 -11.86 -7.22 -1.95
C ASN C 291 -11.80 -7.05 -3.49
N VAL C 292 -10.72 -6.50 -3.98
CA VAL C 292 -10.56 -6.19 -5.44
C VAL C 292 -10.90 -7.44 -6.22
N LEU C 293 -10.23 -8.49 -5.84
CA LEU C 293 -10.53 -9.87 -6.28
C LEU C 293 -11.16 -10.74 -5.16
N GLN C 294 -12.36 -11.25 -5.43
CA GLN C 294 -13.04 -12.19 -4.50
C GLN C 294 -12.25 -13.48 -4.28
N ILE C 295 -12.01 -14.11 -5.39
CA ILE C 295 -11.15 -15.27 -5.53
C ILE C 295 -10.14 -15.02 -6.67
N GLU C 296 -9.05 -15.71 -6.63
CA GLU C 296 -7.90 -15.46 -7.55
C GLU C 296 -8.26 -15.53 -9.06
N ASN C 297 -9.28 -16.30 -9.34
CA ASN C 297 -9.72 -16.50 -10.70
C ASN C 297 -10.58 -15.37 -11.25
N GLU C 298 -10.87 -14.37 -10.45
CA GLU C 298 -11.65 -13.22 -10.94
C GLU C 298 -10.73 -12.25 -11.70
N LEU C 299 -9.44 -12.42 -11.49
CA LEU C 299 -8.41 -11.65 -12.18
C LEU C 299 -8.52 -11.82 -13.69
N TYR C 300 -8.69 -10.71 -14.42
CA TYR C 300 -8.68 -10.74 -15.89
C TYR C 300 -7.30 -11.15 -16.40
N ALA C 301 -7.28 -12.27 -17.08
CA ALA C 301 -6.01 -12.89 -17.58
C ALA C 301 -6.17 -13.54 -18.93
N PRO C 302 -5.71 -12.87 -19.93
CA PRO C 302 -5.76 -13.41 -21.26
C PRO C 302 -4.75 -14.57 -21.45
N ILE C 303 -3.64 -14.48 -20.73
CA ILE C 303 -2.75 -15.62 -20.61
C ILE C 303 -2.44 -15.87 -19.15
N ARG C 304 -2.57 -17.10 -18.78
CA ARG C 304 -2.51 -17.44 -17.35
C ARG C 304 -1.64 -18.64 -17.03
N PRO C 305 -0.72 -18.46 -16.10
CA PRO C 305 0.16 -19.52 -15.66
C PRO C 305 -0.63 -20.39 -14.72
N LYS C 306 -0.41 -21.70 -14.84
CA LYS C 306 -1.13 -22.70 -14.05
C LYS C 306 -0.34 -23.90 -13.59
N ARG C 307 -0.87 -24.43 -12.48
CA ARG C 307 -0.50 -25.69 -11.88
C ARG C 307 -1.76 -26.32 -11.36
N VAL C 308 -1.83 -27.62 -11.53
CA VAL C 308 -2.97 -28.41 -11.08
C VAL C 308 -3.09 -28.29 -9.58
N THR C 309 -4.26 -27.92 -9.13
CA THR C 309 -4.51 -27.63 -7.72
C THR C 309 -4.96 -28.86 -7.01
N ARG C 310 -4.33 -29.03 -5.87
CA ARG C 310 -4.78 -30.00 -4.87
C ARG C 310 -5.94 -29.34 -4.10
N SER C 311 -6.82 -30.15 -3.56
CA SER C 311 -7.84 -29.57 -2.65
C SER C 311 -7.12 -28.89 -1.49
N GLY C 312 -7.77 -27.83 -1.05
CA GLY C 312 -7.28 -27.02 0.07
C GLY C 312 -6.34 -25.91 -0.39
N GLU C 313 -5.92 -26.05 -1.64
CA GLU C 313 -4.95 -25.13 -2.20
C GLU C 313 -5.54 -24.36 -3.35
N SER C 314 -5.13 -23.10 -3.36
CA SER C 314 -5.54 -22.13 -4.37
C SER C 314 -4.52 -22.12 -5.51
N PRO C 315 -4.89 -21.55 -6.61
CA PRO C 315 -4.00 -21.55 -7.81
C PRO C 315 -2.59 -21.01 -7.53
N SER C 316 -2.53 -19.96 -6.73
CA SER C 316 -1.25 -19.33 -6.38
C SER C 316 -0.42 -20.25 -5.45
N ASP C 317 -1.08 -20.82 -4.46
CA ASP C 317 -0.45 -21.81 -3.54
C ASP C 317 0.29 -22.90 -4.36
N ALA C 318 -0.46 -23.44 -5.29
CA ALA C 318 0.01 -24.52 -6.17
C ALA C 318 1.20 -24.09 -6.96
N LEU C 319 1.14 -22.85 -7.41
CA LEU C 319 2.23 -22.31 -8.24
C LEU C 319 3.49 -22.13 -7.39
N LEU C 320 3.30 -21.60 -6.20
CA LEU C 320 4.39 -21.36 -5.24
C LEU C 320 5.12 -22.66 -4.86
N ARG C 321 4.33 -23.70 -4.74
CA ARG C 321 4.78 -25.01 -4.30
C ARG C 321 5.55 -25.81 -5.33
N GLY C 322 4.95 -25.91 -6.50
CA GLY C 322 5.42 -26.73 -7.61
C GLY C 322 5.95 -25.99 -8.87
N GLY C 323 5.60 -24.74 -8.98
CA GLY C 323 6.12 -23.88 -10.04
C GLY C 323 5.14 -23.98 -11.21
N ILE C 324 5.46 -23.33 -12.31
CA ILE C 324 4.53 -23.37 -13.43
C ILE C 324 4.58 -24.73 -14.17
N GLU C 325 3.41 -25.29 -14.36
CA GLU C 325 3.23 -26.61 -14.94
C GLU C 325 2.80 -26.47 -16.42
N TYR C 326 1.84 -25.62 -16.59
CA TYR C 326 1.27 -25.30 -17.89
C TYR C 326 0.71 -23.89 -18.05
N ILE C 327 0.42 -23.57 -19.30
CA ILE C 327 -0.18 -22.29 -19.68
C ILE C 327 -1.60 -22.43 -20.21
N GLU C 328 -2.41 -21.48 -19.82
CA GLU C 328 -3.77 -21.33 -20.31
C GLU C 328 -3.87 -20.03 -21.16
N VAL C 329 -4.12 -20.21 -22.44
CA VAL C 329 -4.39 -19.10 -23.34
C VAL C 329 -5.92 -18.87 -23.47
N ARG C 330 -6.37 -17.69 -23.17
CA ARG C 330 -7.81 -17.43 -23.01
C ARG C 330 -8.43 -16.36 -23.91
N SER C 331 -7.62 -15.87 -24.82
CA SER C 331 -8.01 -14.74 -25.64
C SER C 331 -8.69 -15.10 -26.97
N LEU C 332 -9.00 -16.36 -27.18
CA LEU C 332 -9.72 -16.76 -28.38
C LEU C 332 -11.20 -16.52 -28.32
N ASP C 333 -11.65 -15.85 -29.34
CA ASP C 333 -13.08 -15.76 -29.56
C ASP C 333 -13.59 -17.10 -30.07
N ILE C 334 -14.91 -17.23 -30.08
CA ILE C 334 -15.58 -18.39 -30.59
C ILE C 334 -15.41 -18.37 -32.08
N ASN C 335 -14.96 -19.48 -32.63
CA ASN C 335 -14.81 -19.65 -34.06
C ASN C 335 -16.21 -19.93 -34.70
N PRO C 336 -16.80 -18.96 -35.37
CA PRO C 336 -18.14 -19.09 -35.89
C PRO C 336 -18.28 -20.18 -36.94
N PHE C 337 -17.16 -20.43 -37.58
CA PHE C 337 -17.03 -21.30 -38.75
C PHE C 337 -16.87 -22.78 -38.41
N SER C 338 -16.89 -23.08 -37.12
CA SER C 338 -16.86 -24.47 -36.61
C SER C 338 -18.02 -24.72 -35.64
N PRO C 339 -18.71 -25.83 -35.76
CA PRO C 339 -19.83 -26.15 -34.90
C PRO C 339 -19.42 -26.36 -33.45
N ILE C 340 -18.13 -26.61 -33.24
CA ILE C 340 -17.55 -26.75 -31.86
C ILE C 340 -16.76 -25.52 -31.38
N GLY C 341 -16.82 -24.48 -32.18
CA GLY C 341 -16.26 -23.18 -31.83
C GLY C 341 -14.75 -23.04 -31.85
N VAL C 342 -14.11 -24.09 -32.30
CA VAL C 342 -12.65 -24.15 -32.40
C VAL C 342 -12.23 -25.22 -33.41
N ASP C 343 -11.14 -24.96 -34.09
CA ASP C 343 -10.69 -25.88 -35.16
C ASP C 343 -9.17 -26.15 -35.16
N GLU C 344 -8.83 -27.13 -35.98
CA GLU C 344 -7.50 -27.79 -36.00
C GLU C 344 -6.39 -26.80 -36.46
N GLN C 345 -6.78 -25.91 -37.30
CA GLN C 345 -5.91 -24.86 -37.86
C GLN C 345 -5.48 -23.86 -36.70
N GLN C 346 -6.46 -23.49 -35.89
CA GLN C 346 -6.23 -22.62 -34.70
C GLN C 346 -5.28 -23.26 -33.70
N VAL C 347 -5.64 -24.47 -33.32
CA VAL C 347 -4.89 -25.26 -32.34
C VAL C 347 -3.45 -25.39 -32.80
N ARG C 348 -3.29 -25.65 -34.09
CA ARG C 348 -1.94 -25.90 -34.66
C ARG C 348 -1.09 -24.60 -34.69
N PHE C 349 -1.75 -23.51 -35.02
CA PHE C 349 -1.09 -22.21 -35.03
C PHE C 349 -0.59 -21.85 -33.60
N LEU C 350 -1.47 -22.07 -32.65
CA LEU C 350 -1.17 -21.86 -31.24
C LEU C 350 0.08 -22.64 -30.75
N ASP C 351 0.16 -23.91 -31.10
CA ASP C 351 1.37 -24.71 -30.81
C ASP C 351 2.59 -23.95 -31.32
N LEU C 352 2.49 -23.60 -32.58
CA LEU C 352 3.61 -23.00 -33.30
C LEU C 352 4.07 -21.71 -32.57
N PHE C 353 3.06 -20.90 -32.25
CA PHE C 353 3.24 -19.58 -31.68
C PHE C 353 3.77 -19.62 -30.22
N MET C 354 3.19 -20.53 -29.41
CA MET C 354 3.65 -20.77 -28.04
C MET C 354 5.13 -21.21 -28.06
N VAL C 355 5.42 -22.18 -28.94
CA VAL C 355 6.77 -22.74 -29.03
C VAL C 355 7.78 -21.62 -29.29
N TRP C 356 7.41 -20.78 -30.22
CA TRP C 356 8.24 -19.64 -30.65
C TRP C 356 8.40 -18.61 -29.51
N CYS C 357 7.30 -18.42 -28.81
CA CYS C 357 7.27 -17.59 -27.60
C CYS C 357 8.25 -18.08 -26.49
N ALA C 358 8.47 -19.40 -26.46
CA ALA C 358 9.43 -20.04 -25.55
C ALA C 358 10.85 -19.88 -25.99
N LEU C 359 11.05 -19.66 -27.29
CA LEU C 359 12.42 -19.57 -27.86
C LEU C 359 12.97 -18.16 -27.93
N ALA C 360 12.05 -17.27 -28.21
CA ALA C 360 12.38 -15.86 -28.42
C ALA C 360 12.80 -15.24 -27.07
N ASP C 361 13.85 -14.46 -27.10
CA ASP C 361 14.29 -13.77 -25.92
C ASP C 361 13.35 -12.66 -25.51
N ALA C 362 13.15 -12.59 -24.22
CA ALA C 362 12.18 -11.62 -23.68
C ALA C 362 12.72 -10.92 -22.46
N PRO C 363 13.24 -9.71 -22.62
CA PRO C 363 13.67 -8.99 -21.45
C PRO C 363 12.49 -8.93 -20.44
N GLU C 364 12.90 -8.83 -19.21
CA GLU C 364 11.99 -8.58 -18.12
C GLU C 364 11.24 -7.27 -18.32
N MET C 365 10.05 -7.23 -17.74
CA MET C 365 9.13 -6.13 -17.95
C MET C 365 8.48 -5.60 -16.71
N SER C 366 8.62 -4.29 -16.51
CA SER C 366 7.93 -3.62 -15.39
C SER C 366 6.48 -3.60 -15.82
N SER C 367 5.62 -3.30 -14.86
CA SER C 367 4.18 -3.31 -15.10
C SER C 367 3.81 -2.15 -16.02
N SER C 368 4.65 -1.13 -16.06
CA SER C 368 4.40 0.00 -16.97
C SER C 368 4.83 -0.35 -18.43
N GLU C 369 5.88 -1.14 -18.55
CA GLU C 369 6.35 -1.69 -19.86
C GLU C 369 5.38 -2.72 -20.44
N LEU C 370 4.69 -3.39 -19.54
CA LEU C 370 3.62 -4.31 -19.93
C LEU C 370 2.39 -3.60 -20.48
N ALA C 371 1.98 -2.58 -19.76
CA ALA C 371 0.92 -1.66 -20.23
C ALA C 371 1.24 -1.13 -21.67
N CYS C 372 2.49 -0.84 -21.91
CA CYS C 372 2.97 -0.39 -23.25
C CYS C 372 2.73 -1.45 -24.36
N THR C 373 2.90 -2.73 -24.03
CA THR C 373 2.75 -3.78 -25.01
C THR C 373 1.30 -3.82 -25.48
N ARG C 374 0.44 -3.26 -24.68
CA ARG C 374 -0.99 -3.29 -24.95
C ARG C 374 -1.45 -2.31 -26.02
N VAL C 375 -0.62 -1.33 -26.26
CA VAL C 375 -0.91 -0.30 -27.27
C VAL C 375 -1.16 -1.00 -28.63
N ASN C 376 -0.27 -1.93 -28.99
CA ASN C 376 -0.38 -2.66 -30.27
C ASN C 376 -1.65 -3.50 -30.28
N TRP C 377 -1.91 -4.10 -29.17
CA TRP C 377 -3.11 -4.97 -29.02
C TRP C 377 -4.36 -4.20 -29.33
N ASN C 378 -4.38 -2.99 -28.83
CA ASN C 378 -5.58 -2.12 -28.89
C ASN C 378 -5.84 -1.67 -30.33
N ARG C 379 -4.77 -1.29 -30.98
CA ARG C 379 -4.80 -1.00 -32.41
C ARG C 379 -5.37 -2.18 -33.23
N VAL C 380 -4.90 -3.35 -32.94
CA VAL C 380 -5.29 -4.55 -33.68
C VAL C 380 -6.74 -4.94 -33.40
N ILE C 381 -7.07 -4.89 -32.14
CA ILE C 381 -8.42 -5.18 -31.65
C ILE C 381 -9.51 -4.29 -32.28
N LEU C 382 -9.23 -2.98 -32.39
CA LEU C 382 -10.19 -2.02 -32.93
C LEU C 382 -10.02 -1.68 -34.42
N GLU C 383 -8.79 -1.82 -34.92
CA GLU C 383 -8.47 -1.50 -36.33
C GLU C 383 -7.46 -2.44 -36.97
N GLY C 384 -7.34 -3.66 -36.49
CA GLY C 384 -6.31 -4.51 -37.04
C GLY C 384 -6.34 -4.71 -38.55
N ARG C 385 -7.55 -4.66 -39.15
CA ARG C 385 -7.67 -4.96 -40.59
C ARG C 385 -7.54 -3.74 -41.48
N LYS C 386 -7.12 -2.63 -40.90
CA LYS C 386 -7.08 -1.35 -41.58
C LYS C 386 -5.88 -1.22 -42.49
N PRO C 387 -6.12 -0.87 -43.75
CA PRO C 387 -5.02 -0.66 -44.67
C PRO C 387 -4.11 0.41 -44.18
N GLY C 388 -2.83 0.10 -44.26
CA GLY C 388 -1.74 1.02 -43.92
C GLY C 388 -1.47 1.07 -42.39
N LEU C 389 -2.25 0.32 -41.64
CA LEU C 389 -2.02 0.22 -40.22
C LEU C 389 -0.59 -0.15 -39.82
N THR C 390 -0.02 0.66 -38.96
CA THR C 390 1.29 0.38 -38.42
C THR C 390 1.30 0.15 -36.88
N LEU C 391 2.31 -0.59 -36.47
CA LEU C 391 2.54 -1.00 -35.09
C LEU C 391 3.86 -0.50 -34.62
N GLY C 392 3.99 -0.48 -33.29
CA GLY C 392 5.21 0.05 -32.71
C GLY C 392 5.87 -0.87 -31.72
N ILE C 393 7.12 -0.54 -31.36
CA ILE C 393 7.86 -1.21 -30.32
C ILE C 393 7.42 -0.60 -29.00
N GLY C 394 6.56 -1.33 -28.33
CA GLY C 394 5.88 -0.83 -27.12
C GLY C 394 5.04 0.43 -27.36
N CYS C 395 5.38 1.44 -26.60
CA CYS C 395 4.76 2.79 -26.66
C CYS C 395 5.39 3.66 -27.74
N GLU C 396 6.51 3.18 -28.25
CA GLU C 396 7.28 3.96 -29.21
C GLU C 396 6.46 4.24 -30.46
N THR C 397 6.87 5.25 -31.19
CA THR C 397 6.20 5.68 -32.42
C THR C 397 5.90 4.52 -33.36
N ALA C 398 4.65 4.46 -33.76
CA ALA C 398 4.23 3.44 -34.74
C ALA C 398 4.96 3.65 -36.08
N GLN C 399 5.61 2.60 -36.58
CA GLN C 399 6.41 2.67 -37.84
C GLN C 399 6.53 1.39 -38.66
N PHE C 400 6.01 0.30 -38.14
CA PHE C 400 6.21 -1.02 -38.73
C PHE C 400 4.91 -1.55 -39.34
N PRO C 401 4.79 -1.56 -40.66
CA PRO C 401 3.55 -2.02 -41.26
C PRO C 401 3.26 -3.42 -40.80
N LEU C 402 2.01 -3.57 -40.42
CA LEU C 402 1.49 -4.79 -39.84
C LEU C 402 1.72 -6.04 -40.70
N PRO C 403 1.43 -6.00 -41.98
CA PRO C 403 1.63 -7.18 -42.85
C PRO C 403 3.06 -7.73 -42.84
N GLN C 404 4.04 -6.84 -42.94
CA GLN C 404 5.47 -7.19 -42.90
C GLN C 404 5.88 -7.86 -41.57
N VAL C 405 5.33 -7.36 -40.48
CA VAL C 405 5.60 -7.91 -39.15
C VAL C 405 5.09 -9.36 -39.02
N GLY C 406 3.89 -9.58 -39.53
CA GLY C 406 3.28 -10.91 -39.55
C GLY C 406 3.99 -11.90 -40.46
N LYS C 407 4.43 -11.39 -41.61
CA LYS C 407 5.18 -12.18 -42.57
C LYS C 407 6.51 -12.65 -41.90
N ASP C 408 7.12 -11.76 -41.18
CA ASP C 408 8.42 -12.00 -40.54
C ASP C 408 8.30 -13.03 -39.43
N LEU C 409 7.23 -12.86 -38.71
CA LEU C 409 6.91 -13.76 -37.63
C LEU C 409 6.69 -15.14 -38.21
N PHE C 410 5.97 -15.15 -39.32
CA PHE C 410 5.62 -16.42 -39.99
C PHE C 410 6.78 -17.12 -40.67
N ARG C 411 7.84 -16.41 -41.00
CA ARG C 411 9.00 -17.08 -41.57
C ARG C 411 9.65 -17.89 -40.42
N ASP C 412 9.42 -17.44 -39.20
CA ASP C 412 9.97 -18.16 -38.02
C ASP C 412 9.08 -19.36 -37.69
N LEU C 413 7.80 -19.09 -37.64
CA LEU C 413 6.83 -20.14 -37.34
C LEU C 413 6.90 -21.28 -38.34
N LYS C 414 7.26 -20.96 -39.55
CA LYS C 414 7.44 -21.99 -40.62
C LYS C 414 8.57 -22.98 -40.31
N ARG C 415 9.67 -22.43 -39.81
CA ARG C 415 10.87 -23.23 -39.45
C ARG C 415 10.50 -24.18 -38.29
N VAL C 416 9.63 -23.68 -37.44
CA VAL C 416 9.17 -24.40 -36.27
C VAL C 416 8.22 -25.51 -36.70
N ALA C 417 7.43 -25.19 -37.67
CA ALA C 417 6.53 -26.18 -38.30
C ALA C 417 7.25 -27.32 -39.07
N GLN C 418 8.30 -26.95 -39.79
CA GLN C 418 9.17 -27.93 -40.56
C GLN C 418 9.61 -29.03 -39.58
N THR C 419 9.93 -28.56 -38.40
CA THR C 419 10.43 -29.37 -37.31
C THR C 419 9.36 -30.29 -36.70
N LEU C 420 8.23 -29.72 -36.32
CA LEU C 420 7.14 -30.53 -35.72
C LEU C 420 6.62 -31.55 -36.75
N ASP C 421 6.66 -31.14 -38.00
CA ASP C 421 6.18 -31.99 -39.11
C ASP C 421 7.09 -33.19 -39.36
N SER C 422 8.40 -32.95 -39.26
CA SER C 422 9.45 -34.00 -39.38
C SER C 422 9.31 -35.10 -38.29
N ILE C 423 8.78 -34.74 -37.14
CA ILE C 423 8.63 -35.68 -36.01
C ILE C 423 7.29 -36.40 -36.01
N ASN C 424 6.22 -35.74 -36.44
CA ASN C 424 4.87 -36.34 -36.34
C ASN C 424 4.68 -37.21 -37.56
N GLY C 425 5.41 -36.82 -38.57
CA GLY C 425 5.26 -37.31 -39.93
C GLY C 425 4.15 -36.47 -40.62
N GLY C 426 4.38 -36.06 -41.87
CA GLY C 426 3.37 -35.29 -42.61
C GLY C 426 3.67 -33.79 -42.80
N GLU C 427 2.73 -33.04 -43.34
CA GLU C 427 2.93 -31.60 -43.63
C GLU C 427 1.96 -30.61 -43.02
N ALA C 428 1.10 -31.09 -42.14
CA ALA C 428 -0.06 -30.36 -41.58
C ALA C 428 0.24 -28.93 -40.99
N TYR C 429 1.35 -28.80 -40.28
CA TYR C 429 1.68 -27.58 -39.59
C TYR C 429 2.10 -26.53 -40.61
N GLN C 430 2.92 -26.98 -41.54
CA GLN C 430 3.42 -26.13 -42.63
C GLN C 430 2.26 -25.55 -43.48
N LYS C 431 1.29 -26.39 -43.69
CA LYS C 431 0.10 -26.04 -44.46
C LYS C 431 -0.64 -24.88 -43.79
N VAL C 432 -0.79 -25.03 -42.49
CA VAL C 432 -1.41 -24.00 -41.61
C VAL C 432 -0.71 -22.64 -41.72
N CYS C 433 0.60 -22.68 -41.76
CA CYS C 433 1.42 -21.47 -41.95
C CYS C 433 1.17 -20.82 -43.33
N ASP C 434 1.06 -21.64 -44.37
CA ASP C 434 0.86 -21.10 -45.73
C ASP C 434 -0.49 -20.42 -45.89
N GLU C 435 -1.49 -21.08 -45.34
CA GLU C 435 -2.87 -20.56 -45.33
C GLU C 435 -2.97 -19.24 -44.55
N LEU C 436 -2.38 -19.21 -43.37
CA LEU C 436 -2.52 -18.08 -42.45
C LEU C 436 -1.71 -16.85 -42.83
N VAL C 437 -0.50 -17.06 -43.33
CA VAL C 437 0.36 -15.95 -43.73
C VAL C 437 -0.42 -15.11 -44.80
N ALA C 438 -1.26 -15.77 -45.56
CA ALA C 438 -2.01 -15.12 -46.67
C ALA C 438 -2.92 -14.04 -46.10
N CYS C 439 -3.39 -14.26 -44.88
CA CYS C 439 -4.22 -13.26 -44.13
C CYS C 439 -3.55 -11.90 -43.90
N PHE C 440 -2.23 -11.84 -44.06
CA PHE C 440 -1.51 -10.55 -43.94
C PHE C 440 -1.47 -9.75 -45.18
N ASP C 441 -1.50 -10.43 -46.34
CA ASP C 441 -1.56 -9.72 -47.67
C ASP C 441 -2.98 -9.33 -47.96
N ASN C 442 -3.88 -10.05 -47.34
CA ASN C 442 -5.32 -9.91 -47.57
C ASN C 442 -6.15 -10.17 -46.29
N PRO C 443 -6.44 -9.11 -45.55
CA PRO C 443 -7.18 -9.22 -44.30
C PRO C 443 -8.59 -9.76 -44.43
N ASP C 444 -9.11 -9.72 -45.65
CA ASP C 444 -10.45 -10.21 -45.90
C ASP C 444 -10.52 -11.74 -45.75
N LEU C 445 -9.37 -12.36 -45.53
CA LEU C 445 -9.29 -13.80 -45.21
C LEU C 445 -9.46 -14.13 -43.72
N THR C 446 -9.25 -13.15 -42.86
CA THR C 446 -9.37 -13.36 -41.43
C THR C 446 -10.82 -13.59 -41.04
N PHE C 447 -10.99 -14.19 -39.86
CA PHE C 447 -12.35 -14.50 -39.33
C PHE C 447 -13.24 -13.25 -39.19
N SER C 448 -12.63 -12.12 -38.81
CA SER C 448 -13.39 -10.94 -38.42
C SER C 448 -14.04 -10.33 -39.69
N ALA C 449 -13.23 -10.13 -40.72
CA ALA C 449 -13.71 -9.62 -42.03
C ALA C 449 -14.87 -10.46 -42.53
N ARG C 450 -14.61 -11.74 -42.54
CA ARG C 450 -15.61 -12.75 -42.97
C ARG C 450 -16.94 -12.67 -42.18
N ILE C 451 -16.84 -12.71 -40.88
CA ILE C 451 -18.07 -12.75 -40.08
C ILE C 451 -18.73 -11.39 -40.05
N LEU C 452 -17.92 -10.36 -40.19
CA LEU C 452 -18.47 -8.99 -40.27
C LEU C 452 -19.41 -8.84 -41.51
N ARG C 453 -18.93 -9.35 -42.64
CA ARG C 453 -19.72 -9.24 -43.90
C ARG C 453 -21.10 -9.85 -43.71
N SER C 454 -21.08 -11.00 -43.10
CA SER C 454 -22.28 -11.76 -42.74
C SER C 454 -23.21 -11.02 -41.74
N MET C 455 -22.63 -10.31 -40.78
CA MET C 455 -23.38 -9.63 -39.68
C MET C 455 -24.00 -8.33 -40.13
N ILE C 456 -23.34 -7.70 -41.06
CA ILE C 456 -23.89 -6.52 -41.72
C ILE C 456 -25.16 -6.91 -42.52
N ASP C 457 -25.07 -7.99 -43.26
CA ASP C 457 -26.20 -8.45 -44.09
C ASP C 457 -27.42 -8.83 -43.23
N THR C 458 -27.25 -9.69 -42.24
CA THR C 458 -28.38 -10.30 -41.49
C THR C 458 -28.46 -9.85 -40.03
N GLY C 459 -27.41 -9.20 -39.61
CA GLY C 459 -27.18 -8.81 -38.24
C GLY C 459 -26.60 -9.96 -37.39
N ILE C 460 -26.06 -9.59 -36.23
CA ILE C 460 -25.57 -10.55 -35.21
C ILE C 460 -26.58 -11.62 -34.93
N GLY C 461 -27.77 -11.14 -34.55
CA GLY C 461 -28.95 -11.98 -34.32
C GLY C 461 -29.16 -13.02 -35.44
N GLY C 462 -29.47 -12.50 -36.61
CA GLY C 462 -29.72 -13.31 -37.80
C GLY C 462 -28.61 -14.31 -38.14
N THR C 463 -27.38 -13.83 -38.01
CA THR C 463 -26.21 -14.69 -38.33
C THR C 463 -26.09 -15.83 -37.37
N GLY C 464 -26.32 -15.48 -36.14
CA GLY C 464 -26.23 -16.41 -35.07
C GLY C 464 -27.24 -17.50 -35.17
N LYS C 465 -28.47 -17.10 -35.41
CA LYS C 465 -29.58 -18.09 -35.50
C LYS C 465 -29.29 -19.10 -36.60
N ALA C 466 -29.04 -18.55 -37.76
CA ALA C 466 -28.70 -19.35 -38.96
C ALA C 466 -27.63 -20.42 -38.69
N PHE C 467 -26.46 -19.97 -38.23
CA PHE C 467 -25.32 -20.88 -37.92
C PHE C 467 -25.68 -21.89 -36.82
N ALA C 468 -26.49 -21.43 -35.89
CA ALA C 468 -26.88 -22.25 -34.75
C ALA C 468 -27.77 -23.40 -35.21
N GLU C 469 -28.70 -23.07 -36.09
CA GLU C 469 -29.64 -24.07 -36.62
C GLU C 469 -28.92 -25.02 -37.56
N ALA C 470 -28.06 -24.49 -38.44
CA ALA C 470 -27.26 -25.38 -39.33
C ALA C 470 -26.41 -26.39 -38.48
N TYR C 471 -25.64 -25.85 -37.55
CA TYR C 471 -24.73 -26.65 -36.70
C TYR C 471 -25.48 -27.63 -35.82
N ARG C 472 -26.66 -27.21 -35.39
CA ARG C 472 -27.51 -28.09 -34.59
C ARG C 472 -27.88 -29.34 -35.41
N ASN C 473 -28.32 -29.09 -36.63
CA ASN C 473 -28.69 -30.16 -37.60
C ASN C 473 -27.53 -31.09 -37.96
N LEU C 474 -26.34 -30.51 -38.19
CA LEU C 474 -25.13 -31.31 -38.47
C LEU C 474 -24.87 -32.26 -37.30
N LEU C 475 -24.90 -31.70 -36.13
CA LEU C 475 -24.49 -32.44 -34.92
C LEU C 475 -25.51 -33.38 -34.40
N ARG C 476 -26.76 -33.12 -34.72
CA ARG C 476 -27.83 -34.03 -34.27
C ARG C 476 -27.83 -35.31 -35.12
N GLU C 477 -27.21 -35.24 -36.30
CA GLU C 477 -27.13 -36.36 -37.29
C GLU C 477 -25.86 -37.21 -37.07
N GLU C 478 -24.85 -36.61 -36.47
CA GLU C 478 -23.52 -37.25 -36.41
C GLU C 478 -23.32 -38.33 -35.35
N PRO C 479 -22.61 -39.40 -35.71
CA PRO C 479 -22.27 -40.49 -34.80
C PRO C 479 -21.36 -40.02 -33.67
N LEU C 480 -21.37 -40.68 -32.53
CA LEU C 480 -20.38 -40.42 -31.47
C LEU C 480 -19.17 -41.26 -31.85
N GLU C 481 -17.95 -40.86 -31.51
CA GLU C 481 -16.77 -41.65 -31.96
C GLU C 481 -15.80 -42.19 -30.91
N ILE C 482 -15.67 -41.46 -29.83
CA ILE C 482 -14.77 -41.83 -28.74
C ILE C 482 -15.59 -42.19 -27.54
N LEU C 483 -16.62 -41.41 -27.37
CA LEU C 483 -17.56 -41.59 -26.26
C LEU C 483 -18.80 -42.33 -26.74
N ARG C 484 -19.15 -43.36 -26.01
CA ARG C 484 -20.38 -44.12 -26.30
C ARG C 484 -21.52 -43.57 -25.42
N GLU C 485 -22.71 -43.48 -26.00
CA GLU C 485 -23.95 -42.97 -25.29
C GLU C 485 -23.96 -43.39 -23.81
N GLU C 486 -23.38 -44.56 -23.57
CA GLU C 486 -23.30 -45.17 -22.22
C GLU C 486 -22.23 -44.52 -21.37
N ASP C 487 -21.18 -43.99 -21.99
CA ASP C 487 -20.09 -43.32 -21.21
C ASP C 487 -20.65 -42.06 -20.53
N PHE C 488 -21.55 -41.44 -21.27
CA PHE C 488 -22.26 -40.20 -20.85
C PHE C 488 -23.25 -40.43 -19.73
N VAL C 489 -24.09 -41.42 -19.99
CA VAL C 489 -25.13 -41.90 -19.05
C VAL C 489 -24.49 -42.35 -17.73
N ALA C 490 -23.35 -43.00 -17.82
CA ALA C 490 -22.57 -43.36 -16.61
C ALA C 490 -22.19 -42.11 -15.76
N GLU C 491 -21.85 -41.02 -16.47
CA GLU C 491 -21.44 -39.76 -15.84
C GLU C 491 -22.61 -38.94 -15.28
N ARG C 492 -23.80 -38.95 -15.89
CA ARG C 492 -24.90 -38.28 -15.20
C ARG C 492 -24.88 -38.79 -13.74
N GLU C 493 -24.85 -40.11 -13.65
CA GLU C 493 -24.81 -40.85 -12.36
C GLU C 493 -23.64 -40.50 -11.52
N ALA C 494 -22.46 -40.89 -11.95
CA ALA C 494 -21.24 -40.66 -11.16
C ALA C 494 -21.25 -39.20 -10.66
N SER C 495 -21.69 -38.32 -11.56
CA SER C 495 -21.74 -36.86 -11.32
C SER C 495 -22.86 -36.52 -10.30
N GLU C 496 -24.07 -36.96 -10.63
CA GLU C 496 -25.25 -36.59 -9.83
C GLU C 496 -25.19 -37.16 -8.43
N ARG C 497 -24.20 -38.01 -8.17
CA ARG C 497 -24.01 -38.69 -6.86
C ARG C 497 -22.82 -38.12 -6.10
N ARG C 498 -21.76 -37.80 -6.84
CA ARG C 498 -20.57 -37.16 -6.25
C ARG C 498 -21.02 -35.88 -5.52
N GLN C 499 -22.12 -35.35 -6.04
CA GLN C 499 -22.72 -34.09 -5.55
C GLN C 499 -23.43 -34.31 -4.22
N GLN C 500 -24.26 -35.34 -4.20
CA GLN C 500 -25.02 -35.75 -2.98
C GLN C 500 -24.07 -36.05 -1.81
N GLU C 501 -22.98 -36.77 -2.16
CA GLU C 501 -21.93 -37.17 -1.21
C GLU C 501 -21.38 -35.98 -0.46
N MET C 502 -21.19 -34.89 -1.22
CA MET C 502 -20.66 -33.64 -0.68
C MET C 502 -21.71 -32.89 0.13
N GLU C 503 -22.95 -33.17 -0.22
CA GLU C 503 -24.11 -32.56 0.45
C GLU C 503 -24.43 -33.30 1.74
N ALA C 504 -23.81 -34.44 1.99
CA ALA C 504 -24.09 -35.06 3.28
C ALA C 504 -22.88 -34.85 4.18
N ALA C 505 -21.73 -34.57 3.55
CA ALA C 505 -20.44 -34.38 4.28
C ALA C 505 -20.36 -33.04 5.04
N ASP C 506 -21.22 -32.12 4.63
CA ASP C 506 -21.28 -30.81 5.27
C ASP C 506 -21.75 -30.96 6.69
N THR C 507 -20.80 -30.79 7.60
CA THR C 507 -21.13 -30.74 9.02
C THR C 507 -21.63 -29.33 9.28
N GLU C 508 -20.67 -28.42 9.24
CA GLU C 508 -20.82 -26.99 9.53
C GLU C 508 -21.71 -26.26 8.52
N PRO C 509 -22.48 -25.31 9.02
CA PRO C 509 -23.42 -24.54 8.20
C PRO C 509 -22.66 -23.72 7.17
N PHE C 510 -23.37 -22.97 6.32
CA PHE C 510 -22.67 -22.24 5.22
C PHE C 510 -21.85 -21.05 5.77
N ALA C 511 -22.43 -20.31 6.71
CA ALA C 511 -21.84 -19.10 7.28
C ALA C 511 -20.52 -19.37 8.02
N VAL C 512 -20.43 -20.51 8.65
CA VAL C 512 -19.25 -20.83 9.43
C VAL C 512 -18.14 -21.34 8.54
N TRP C 513 -18.56 -22.01 7.51
CA TRP C 513 -17.58 -22.56 6.60
C TRP C 513 -17.12 -21.41 5.73
N LEU C 514 -18.10 -20.63 5.28
CA LEU C 514 -17.82 -19.48 4.39
C LEU C 514 -16.73 -18.61 4.99
N GLU C 515 -16.69 -18.65 6.29
CA GLU C 515 -15.78 -17.78 6.97
C GLU C 515 -14.37 -18.30 7.14
N LYS C 516 -14.08 -19.49 6.68
CA LYS C 516 -12.72 -19.99 6.71
C LYS C 516 -12.15 -19.67 5.37
N HIS C 517 -13.07 -19.53 4.46
CA HIS C 517 -12.65 -19.38 3.14
C HIS C 517 -12.75 -17.95 2.51
N ALA C 518 -13.84 -17.21 2.65
CA ALA C 518 -13.92 -15.86 2.03
C ALA C 518 -12.77 -14.92 2.39
N ILE D 2 15.05 -3.33 16.31
CA ILE D 2 16.26 -3.72 15.63
C ILE D 2 17.31 -2.69 16.07
N PRO D 3 18.45 -3.16 16.54
CA PRO D 3 19.55 -2.30 16.92
C PRO D 3 20.23 -1.64 15.67
N ASP D 4 21.01 -0.61 15.99
CA ASP D 4 21.77 0.17 15.01
C ASP D 4 23.04 -0.56 14.67
N VAL D 5 23.09 -1.06 13.46
CA VAL D 5 24.18 -1.91 13.04
C VAL D 5 24.93 -1.26 11.87
N SER D 6 24.53 -0.03 11.62
CA SER D 6 25.04 0.81 10.50
C SER D 6 26.57 0.83 10.35
N GLN D 7 27.23 0.84 11.48
CA GLN D 7 28.68 0.97 11.58
C GLN D 7 29.40 -0.34 11.20
N ALA D 8 28.82 -1.43 11.69
CA ALA D 8 29.40 -2.78 11.48
C ALA D 8 29.15 -3.26 10.08
N LEU D 9 28.06 -2.78 9.53
CA LEU D 9 27.65 -3.11 8.17
C LEU D 9 28.58 -2.43 7.15
N ALA D 10 28.99 -1.22 7.48
CA ALA D 10 29.75 -0.37 6.53
C ALA D 10 31.15 -0.93 6.45
N TRP D 11 31.56 -1.36 7.63
CA TRP D 11 32.80 -2.11 7.83
C TRP D 11 32.85 -3.34 6.95
N LEU D 12 31.74 -4.03 6.93
CA LEU D 12 31.59 -5.28 6.17
C LEU D 12 31.62 -5.03 4.67
N GLU D 13 30.95 -3.94 4.29
CA GLU D 13 30.86 -3.49 2.88
C GLU D 13 32.28 -3.12 2.35
N LYS D 14 33.21 -2.92 3.29
CA LYS D 14 34.66 -2.56 3.03
C LYS D 14 35.64 -3.73 3.28
N HIS D 15 35.07 -4.85 3.65
CA HIS D 15 35.85 -6.08 3.87
C HIS D 15 35.07 -7.32 3.36
N PRO D 16 34.65 -7.27 2.11
CA PRO D 16 33.75 -8.29 1.55
C PRO D 16 34.38 -9.67 1.56
N GLN D 17 35.67 -9.70 1.29
CA GLN D 17 36.46 -10.96 1.13
C GLN D 17 36.48 -11.84 2.44
N ALA D 18 36.25 -11.13 3.50
CA ALA D 18 36.19 -11.65 4.87
C ALA D 18 35.00 -12.56 5.19
N LEU D 19 34.12 -12.68 4.21
CA LEU D 19 32.96 -13.57 4.25
C LEU D 19 33.11 -14.79 3.39
N LYS D 20 34.11 -14.79 2.55
CA LYS D 20 34.37 -15.91 1.65
C LYS D 20 34.83 -17.15 2.44
N GLY D 21 34.15 -18.25 2.23
CA GLY D 21 34.48 -19.51 2.92
C GLY D 21 33.50 -19.96 4.00
N ILE D 22 32.21 -19.67 3.79
CA ILE D 22 31.19 -20.10 4.75
C ILE D 22 31.03 -21.61 4.67
N GLN D 23 31.04 -22.27 5.82
CA GLN D 23 30.81 -23.68 5.87
C GLN D 23 29.42 -23.96 6.39
N ARG D 24 28.74 -24.89 5.73
CA ARG D 24 27.41 -25.33 6.11
C ARG D 24 27.23 -26.81 6.15
N GLY D 25 26.17 -27.17 6.82
CA GLY D 25 25.75 -28.54 6.93
C GLY D 25 24.23 -28.55 7.22
N LEU D 26 23.57 -29.59 6.71
CA LEU D 26 22.19 -29.83 7.03
C LEU D 26 21.90 -31.20 7.72
N GLU D 27 20.90 -31.18 8.57
CA GLU D 27 20.26 -32.40 9.11
C GLU D 27 18.77 -32.22 8.96
N ARG D 28 18.17 -33.27 8.47
CA ARG D 28 16.73 -33.34 8.26
C ARG D 28 16.14 -34.66 8.76
N GLU D 29 15.06 -34.56 9.53
CA GLU D 29 14.39 -35.71 10.10
C GLU D 29 13.11 -35.99 9.36
N THR D 30 12.80 -37.26 9.29
CA THR D 30 11.48 -37.69 8.84
C THR D 30 10.99 -39.07 9.30
N LEU D 31 9.69 -39.15 9.57
CA LEU D 31 9.07 -40.43 9.96
C LEU D 31 8.88 -41.33 8.79
N ARG D 32 9.22 -42.58 9.00
CA ARG D 32 8.83 -43.61 8.04
C ARG D 32 7.42 -43.98 8.30
N VAL D 33 6.62 -43.96 7.24
CA VAL D 33 5.20 -44.34 7.35
C VAL D 33 4.74 -45.20 6.21
N ASN D 34 3.61 -45.81 6.47
CA ASN D 34 2.92 -46.63 5.49
C ASN D 34 2.11 -45.75 4.62
N ALA D 35 1.60 -46.34 3.56
CA ALA D 35 0.81 -45.59 2.55
C ALA D 35 -0.48 -45.02 3.19
N ASP D 36 -0.95 -45.70 4.22
CA ASP D 36 -2.20 -45.30 4.93
C ASP D 36 -1.97 -44.22 6.00
N GLY D 37 -0.73 -43.77 6.08
CA GLY D 37 -0.32 -42.73 7.02
C GLY D 37 0.10 -43.20 8.41
N THR D 38 -0.05 -44.50 8.63
CA THR D 38 0.36 -45.11 9.91
C THR D 38 1.85 -45.26 10.01
N LEU D 39 2.28 -45.16 11.25
CA LEU D 39 3.66 -45.26 11.65
C LEU D 39 4.18 -46.62 11.30
N ALA D 40 5.26 -46.64 10.53
CA ALA D 40 5.91 -47.94 10.19
C ALA D 40 6.54 -48.61 11.41
N THR D 41 6.35 -49.90 11.49
CA THR D 41 6.88 -50.74 12.63
C THR D 41 7.95 -51.71 12.22
N THR D 42 8.30 -51.69 10.95
CA THR D 42 9.43 -52.43 10.46
C THR D 42 10.68 -51.80 11.07
N GLY D 43 11.83 -52.44 10.84
CA GLY D 43 13.11 -51.97 11.37
C GLY D 43 13.81 -51.06 10.35
N HIS D 44 14.81 -50.33 10.81
CA HIS D 44 15.60 -49.43 9.97
C HIS D 44 15.93 -50.16 8.67
N PRO D 45 15.58 -49.63 7.53
CA PRO D 45 15.70 -50.39 6.28
C PRO D 45 17.10 -50.88 5.94
N GLU D 46 17.10 -52.14 5.57
CA GLU D 46 18.27 -52.99 5.28
C GLU D 46 19.43 -52.21 4.52
N ALA D 47 19.02 -51.63 3.41
CA ALA D 47 19.89 -50.99 2.43
C ALA D 47 20.62 -49.82 3.00
N LEU D 48 20.16 -49.36 4.14
CA LEU D 48 20.78 -48.17 4.76
C LEU D 48 21.81 -48.54 5.76
N GLY D 49 21.80 -49.81 6.11
CA GLY D 49 22.86 -50.33 6.97
C GLY D 49 22.67 -50.10 8.47
N SER D 50 23.79 -49.82 9.06
CA SER D 50 23.93 -49.53 10.48
C SER D 50 23.66 -48.06 10.85
N ALA D 51 22.49 -47.84 11.38
CA ALA D 51 22.09 -46.48 11.79
C ALA D 51 23.11 -45.89 12.78
N LEU D 52 23.67 -46.77 13.56
CA LEU D 52 24.62 -46.34 14.59
C LEU D 52 25.93 -45.79 14.06
N THR D 53 26.39 -46.23 12.86
CA THR D 53 27.74 -45.83 12.32
C THR D 53 27.76 -45.13 10.98
N HIS D 54 26.73 -45.32 10.17
CA HIS D 54 26.61 -44.68 8.84
C HIS D 54 27.01 -43.22 8.91
N LYS D 55 27.66 -42.75 7.87
CA LYS D 55 28.18 -41.38 7.85
C LYS D 55 27.09 -40.39 7.51
N TRP D 56 26.11 -40.83 6.74
CA TRP D 56 25.08 -39.90 6.20
C TRP D 56 23.64 -40.17 6.63
N ILE D 57 23.34 -41.41 6.91
CA ILE D 57 21.98 -41.77 7.25
C ILE D 57 21.88 -42.54 8.56
N THR D 58 21.02 -42.07 9.41
CA THR D 58 20.86 -42.65 10.73
C THR D 58 19.43 -42.49 11.27
N THR D 59 19.30 -42.69 12.58
CA THR D 59 18.05 -42.50 13.32
C THR D 59 18.15 -41.52 14.43
N ASP D 60 17.01 -40.86 14.69
CA ASP D 60 16.87 -39.94 15.85
C ASP D 60 16.30 -40.75 17.05
N PHE D 61 15.37 -40.19 17.80
CA PHE D 61 14.80 -40.86 19.04
C PHE D 61 14.20 -42.24 18.75
N ALA D 62 13.45 -42.31 17.66
CA ALA D 62 12.68 -43.54 17.30
C ALA D 62 13.23 -44.31 16.12
N GLU D 63 12.94 -45.60 16.13
CA GLU D 63 13.44 -46.57 15.14
C GLU D 63 12.97 -46.21 13.75
N ALA D 64 11.77 -45.65 13.71
CA ALA D 64 11.09 -45.26 12.43
C ALA D 64 11.37 -43.79 12.06
N LEU D 65 12.18 -43.14 12.87
CA LEU D 65 12.54 -41.72 12.66
C LEU D 65 13.90 -41.57 11.98
N LEU D 66 13.84 -41.44 10.67
CA LEU D 66 15.00 -41.28 9.82
C LEU D 66 15.64 -39.95 10.10
N GLU D 67 16.97 -39.95 10.08
CA GLU D 67 17.74 -38.73 10.19
C GLU D 67 18.80 -38.74 9.09
N PHE D 68 18.68 -37.78 8.20
CA PHE D 68 19.64 -37.57 7.12
C PHE D 68 20.56 -36.40 7.41
N ILE D 69 21.81 -36.62 7.06
CA ILE D 69 22.97 -35.78 7.45
C ILE D 69 23.95 -35.58 6.30
N THR D 70 24.26 -34.34 6.01
CA THR D 70 25.22 -34.03 4.95
C THR D 70 26.55 -33.70 5.53
N PRO D 71 27.58 -34.05 4.79
CA PRO D 71 28.91 -33.59 5.13
C PRO D 71 28.99 -32.07 5.05
N VAL D 72 29.83 -31.55 5.92
CA VAL D 72 30.12 -30.15 5.97
C VAL D 72 30.53 -29.69 4.56
N ASP D 73 29.90 -28.63 4.12
CA ASP D 73 29.96 -28.16 2.72
C ASP D 73 30.10 -26.66 2.55
N GLY D 74 30.78 -26.29 1.47
CA GLY D 74 31.06 -24.88 1.15
C GLY D 74 30.13 -24.33 0.08
N ASP D 75 29.51 -25.27 -0.62
CA ASP D 75 28.58 -25.02 -1.75
C ASP D 75 27.13 -25.46 -1.47
N ILE D 76 26.25 -24.47 -1.50
CA ILE D 76 24.79 -24.61 -1.20
C ILE D 76 24.09 -25.68 -2.04
N GLU D 77 24.26 -25.57 -3.32
CA GLU D 77 23.60 -26.43 -4.32
C GLU D 77 24.09 -27.89 -4.19
N HIS D 78 25.40 -28.03 -4.03
CA HIS D 78 26.06 -29.32 -3.85
C HIS D 78 25.46 -30.06 -2.61
N MET D 79 25.49 -29.35 -1.50
CA MET D 79 24.96 -29.82 -0.20
C MET D 79 23.49 -30.26 -0.27
N LEU D 80 22.66 -29.45 -0.93
CA LEU D 80 21.21 -29.76 -1.11
C LEU D 80 21.00 -30.93 -2.06
N THR D 81 21.89 -30.98 -3.03
CA THR D 81 21.89 -32.08 -4.01
C THR D 81 22.30 -33.44 -3.29
N PHE D 82 23.30 -33.33 -2.44
CA PHE D 82 23.82 -34.47 -1.65
C PHE D 82 22.63 -34.99 -0.82
N MET D 83 22.03 -34.07 -0.14
CA MET D 83 20.86 -34.33 0.71
C MET D 83 19.73 -34.96 -0.07
N ARG D 84 19.59 -34.53 -1.29
CA ARG D 84 18.53 -35.10 -2.17
C ARG D 84 18.81 -36.53 -2.62
N ASP D 85 20.07 -36.80 -2.93
CA ASP D 85 20.54 -38.18 -3.21
C ASP D 85 20.17 -39.15 -2.10
N LEU D 86 20.43 -38.73 -0.87
CA LEU D 86 20.14 -39.53 0.30
C LEU D 86 18.65 -39.90 0.28
N HIS D 87 17.86 -38.92 -0.06
CA HIS D 87 16.39 -39.09 -0.08
C HIS D 87 15.96 -39.95 -1.24
N ARG D 88 16.56 -39.70 -2.38
CA ARG D 88 16.31 -40.53 -3.62
C ARG D 88 16.54 -42.00 -3.36
N TYR D 89 17.73 -42.29 -2.85
CA TYR D 89 18.09 -43.65 -2.55
C TYR D 89 17.09 -44.30 -1.62
N THR D 90 16.96 -43.66 -0.48
CA THR D 90 16.13 -44.17 0.63
C THR D 90 14.70 -44.43 0.19
N ALA D 91 14.16 -43.52 -0.61
CA ALA D 91 12.77 -43.62 -1.09
C ALA D 91 12.58 -44.85 -1.96
N ARG D 92 13.66 -45.24 -2.63
CA ARG D 92 13.68 -46.43 -3.50
C ARG D 92 13.90 -47.74 -2.74
N ASN D 93 14.46 -47.64 -1.55
CA ASN D 93 14.86 -48.84 -0.76
C ASN D 93 14.19 -49.01 0.57
N MET D 94 12.90 -48.78 0.62
CA MET D 94 12.16 -48.83 1.86
C MET D 94 10.76 -49.40 1.67
N GLY D 95 10.68 -50.29 0.72
CA GLY D 95 9.44 -50.99 0.46
C GLY D 95 8.36 -50.06 -0.01
N ASP D 96 7.13 -50.36 0.41
CA ASP D 96 5.92 -49.58 0.06
C ASP D 96 5.75 -48.40 1.03
N GLU D 97 6.74 -48.26 1.89
CA GLU D 97 6.84 -47.15 2.88
C GLU D 97 7.28 -45.81 2.26
N ARG D 98 6.89 -44.75 2.90
CA ARG D 98 7.23 -43.40 2.48
C ARG D 98 7.63 -42.47 3.64
N MET D 99 8.15 -41.31 3.26
CA MET D 99 8.65 -40.26 4.18
C MET D 99 7.60 -39.21 4.46
N TRP D 100 7.27 -39.04 5.73
CA TRP D 100 6.30 -38.03 6.18
C TRP D 100 6.81 -36.58 5.93
N PRO D 101 6.11 -35.77 5.12
CA PRO D 101 6.57 -34.44 4.70
C PRO D 101 6.42 -33.34 5.75
N LEU D 102 5.75 -33.62 6.85
CA LEU D 102 5.54 -32.59 7.88
C LEU D 102 6.29 -32.82 9.17
N SER D 103 6.37 -31.75 9.95
CA SER D 103 6.93 -31.77 11.29
C SER D 103 6.09 -32.58 12.24
N MET D 104 4.80 -32.41 12.10
CA MET D 104 3.93 -33.06 13.04
C MET D 104 3.36 -34.35 12.53
N PRO D 105 3.51 -35.36 13.36
CA PRO D 105 2.94 -36.67 13.04
C PRO D 105 1.44 -36.54 12.91
N SER D 106 0.75 -37.57 12.57
CA SER D 106 -0.71 -37.43 12.52
C SER D 106 -1.31 -38.64 13.18
N TYR D 107 -1.24 -39.71 12.43
CA TYR D 107 -1.82 -40.98 12.86
C TYR D 107 -1.03 -41.70 13.91
N ILE D 108 -1.16 -41.21 15.12
CA ILE D 108 -0.45 -41.84 16.20
C ILE D 108 -1.25 -41.66 17.42
N ALA D 109 -1.67 -42.77 18.04
CA ALA D 109 -2.52 -42.59 19.18
C ALA D 109 -1.72 -42.10 20.37
N GLU D 110 -2.52 -41.89 21.38
CA GLU D 110 -2.02 -41.51 22.69
C GLU D 110 -1.70 -42.81 23.43
N GLY D 111 -0.43 -42.98 23.76
CA GLY D 111 0.00 -44.20 24.47
C GLY D 111 0.43 -45.30 23.47
N GLN D 112 0.46 -44.96 22.15
CA GLN D 112 0.88 -45.93 21.09
C GLN D 112 2.33 -46.29 21.35
N ASP D 113 2.59 -47.58 21.24
CA ASP D 113 3.94 -48.14 21.45
C ASP D 113 4.88 -47.73 20.34
N ILE D 114 5.82 -46.88 20.71
CA ILE D 114 6.78 -46.36 19.73
C ILE D 114 8.14 -47.01 19.88
N GLU D 115 8.49 -47.86 18.94
CA GLU D 115 9.79 -48.53 19.06
C GLU D 115 10.92 -47.48 19.18
N LEU D 116 11.72 -47.59 20.23
CA LEU D 116 12.90 -46.74 20.35
C LEU D 116 13.96 -47.13 19.34
N ALA D 117 14.77 -46.14 19.03
CA ALA D 117 15.95 -46.30 18.19
C ALA D 117 16.85 -47.44 18.70
N GLN D 118 17.06 -48.40 17.78
CA GLN D 118 17.85 -49.66 17.99
C GLN D 118 19.27 -49.64 17.36
N TYR D 119 20.28 -49.60 18.25
CA TYR D 119 21.69 -49.52 17.88
C TYR D 119 22.53 -50.78 18.20
N GLY D 120 21.93 -51.93 18.40
CA GLY D 120 22.75 -53.11 18.65
C GLY D 120 23.25 -53.27 20.08
N THR D 121 24.17 -54.25 20.30
CA THR D 121 24.64 -54.65 21.65
C THR D 121 25.90 -53.98 22.23
N SER D 122 26.59 -53.19 21.44
CA SER D 122 27.78 -52.52 21.92
C SER D 122 27.47 -51.49 23.01
N ASN D 123 28.47 -51.16 23.79
CA ASN D 123 28.30 -50.18 24.87
C ASN D 123 27.69 -48.86 24.41
N THR D 124 28.29 -48.38 23.35
CA THR D 124 27.93 -47.14 22.68
C THR D 124 26.46 -47.17 22.19
N GLY D 125 26.13 -48.25 21.51
CA GLY D 125 24.78 -48.44 20.99
C GLY D 125 23.75 -48.52 22.14
N ARG D 126 24.10 -49.27 23.18
CA ARG D 126 23.15 -49.51 24.28
C ARG D 126 22.85 -48.17 24.94
N PHE D 127 23.90 -47.38 25.04
CA PHE D 127 23.93 -46.09 25.77
C PHE D 127 23.04 -45.09 25.05
N LYS D 128 23.20 -45.14 23.75
CA LYS D 128 22.44 -44.24 22.89
C LYS D 128 20.96 -44.53 23.08
N THR D 129 20.63 -45.82 23.01
CA THR D 129 19.22 -46.27 23.19
C THR D 129 18.65 -45.96 24.63
N LEU D 130 19.53 -46.05 25.59
CA LEU D 130 19.23 -45.88 27.00
C LEU D 130 18.90 -44.40 27.22
N TYR D 131 19.71 -43.57 26.60
CA TYR D 131 19.51 -42.12 26.66
C TYR D 131 18.09 -41.86 26.17
N ARG D 132 17.70 -42.66 25.20
CA ARG D 132 16.39 -42.46 24.57
C ARG D 132 15.25 -42.88 25.46
N GLU D 133 15.47 -44.02 26.07
CA GLU D 133 14.58 -44.61 27.10
C GLU D 133 14.40 -43.56 28.18
N GLY D 134 15.51 -42.95 28.50
CA GLY D 134 15.58 -41.91 29.54
C GLY D 134 14.61 -40.78 29.21
N LEU D 135 14.74 -40.34 27.99
CA LEU D 135 13.95 -39.27 27.40
C LEU D 135 12.48 -39.63 27.31
N LYS D 136 12.20 -40.87 26.95
CA LYS D 136 10.84 -41.39 26.94
C LYS D 136 10.17 -41.26 28.35
N ASN D 137 10.90 -41.67 29.38
CA ASN D 137 10.36 -41.73 30.77
C ASN D 137 10.19 -40.37 31.41
N ARG D 138 10.97 -39.41 30.99
CA ARG D 138 10.88 -38.05 31.53
C ARG D 138 9.90 -37.11 30.79
N TYR D 139 9.90 -37.20 29.45
CA TYR D 139 9.13 -36.32 28.56
C TYR D 139 8.01 -36.93 27.73
N GLY D 140 7.98 -38.24 27.63
CA GLY D 140 6.98 -38.94 26.81
C GLY D 140 7.56 -39.21 25.43
N ALA D 141 7.17 -40.35 24.88
CA ALA D 141 7.67 -40.74 23.59
C ALA D 141 7.13 -39.86 22.45
N LEU D 142 5.83 -39.69 22.48
CA LEU D 142 5.04 -38.97 21.44
C LEU D 142 5.67 -37.71 20.88
N MET D 143 6.01 -36.80 21.76
CA MET D 143 6.60 -35.54 21.33
C MET D 143 7.90 -35.70 20.61
N GLN D 144 8.56 -36.80 20.86
CA GLN D 144 9.87 -37.12 20.25
C GLN D 144 9.74 -37.54 18.76
N THR D 145 8.52 -37.77 18.30
CA THR D 145 8.29 -38.17 16.92
C THR D 145 8.11 -36.95 16.02
N ILE D 146 8.12 -35.79 16.65
CA ILE D 146 8.11 -34.51 15.95
C ILE D 146 9.50 -34.29 15.29
N SER D 147 9.45 -34.09 14.00
CA SER D 147 10.61 -33.91 13.17
C SER D 147 10.88 -32.46 12.88
N GLY D 148 12.16 -32.21 12.64
CA GLY D 148 12.64 -30.90 12.24
C GLY D 148 13.88 -30.95 11.34
N VAL D 149 14.45 -29.79 11.17
CA VAL D 149 15.64 -29.57 10.32
C VAL D 149 16.69 -28.72 11.10
N HIS D 150 17.90 -29.17 11.09
CA HIS D 150 19.04 -28.51 11.78
C HIS D 150 20.01 -28.00 10.75
N TYR D 151 20.51 -26.81 11.02
CA TYR D 151 21.44 -26.11 10.11
C TYR D 151 22.74 -25.78 10.81
N ASN D 152 23.82 -26.33 10.29
CA ASN D 152 25.19 -26.02 10.76
C ASN D 152 25.79 -24.87 9.96
N PHE D 153 26.50 -24.03 10.67
CA PHE D 153 27.02 -22.82 10.07
C PHE D 153 28.33 -22.39 10.80
N SER D 154 29.36 -22.13 10.02
CA SER D 154 30.60 -21.51 10.56
C SER D 154 31.07 -20.41 9.65
N LEU D 155 31.54 -19.36 10.29
CA LEU D 155 32.16 -18.27 9.54
C LEU D 155 33.59 -18.70 9.23
N PRO D 156 34.14 -18.16 8.17
CA PRO D 156 35.50 -18.49 7.76
C PRO D 156 36.46 -17.84 8.75
N MET D 157 37.63 -18.42 8.80
CA MET D 157 38.67 -17.90 9.70
C MET D 157 39.02 -16.44 9.31
N ALA D 158 38.99 -16.18 7.99
CA ALA D 158 39.20 -14.81 7.42
C ALA D 158 38.36 -13.68 8.08
N PHE D 159 37.13 -14.02 8.42
CA PHE D 159 36.17 -13.09 9.03
C PHE D 159 36.68 -12.58 10.35
N TRP D 160 37.07 -13.50 11.22
CA TRP D 160 37.63 -13.14 12.54
C TRP D 160 38.98 -12.43 12.42
N GLN D 161 39.61 -12.61 11.28
CA GLN D 161 40.92 -11.99 11.05
C GLN D 161 40.72 -10.51 10.88
N ALA D 162 39.97 -10.23 9.83
CA ALA D 162 39.61 -8.86 9.45
C ALA D 162 39.31 -8.09 10.72
N LYS D 163 38.75 -8.73 11.72
CA LYS D 163 38.48 -8.01 12.97
C LYS D 163 39.05 -8.72 14.21
N LYS D 173 41.18 -17.13 19.51
CA LYS D 173 40.21 -18.17 19.83
C LYS D 173 39.08 -17.56 20.63
N GLU D 174 39.43 -17.06 21.80
CA GLU D 174 38.47 -16.38 22.69
C GLU D 174 37.70 -15.28 21.95
N LYS D 175 38.39 -14.52 21.09
CA LYS D 175 37.71 -13.48 20.27
C LYS D 175 36.62 -14.26 19.44
N ILE D 176 36.97 -15.48 19.04
CA ILE D 176 36.09 -16.30 18.18
C ILE D 176 34.86 -16.79 18.98
N SER D 177 35.09 -17.49 20.07
CA SER D 177 34.01 -17.93 20.94
C SER D 177 33.09 -16.77 21.40
N ALA D 178 33.70 -15.67 21.75
CA ALA D 178 32.97 -14.48 22.19
C ALA D 178 32.06 -13.92 21.03
N GLY D 179 32.56 -14.12 19.84
CA GLY D 179 31.87 -13.68 18.62
C GLY D 179 30.62 -14.55 18.31
N TYR D 180 30.78 -15.86 18.50
CA TYR D 180 29.69 -16.85 18.37
C TYR D 180 28.66 -16.74 19.51
N PHE D 181 29.13 -16.33 20.69
CA PHE D 181 28.21 -16.08 21.83
C PHE D 181 27.32 -14.87 21.49
N ARG D 182 27.92 -13.94 20.78
CA ARG D 182 27.24 -12.72 20.37
C ARG D 182 26.09 -13.16 19.44
N VAL D 183 26.44 -14.09 18.58
CA VAL D 183 25.55 -14.58 17.55
C VAL D 183 24.31 -15.22 18.21
N ILE D 184 24.62 -16.03 19.20
CA ILE D 184 23.57 -16.81 19.88
C ILE D 184 22.59 -15.85 20.62
N ARG D 185 23.18 -14.83 21.18
CA ARG D 185 22.43 -13.87 22.00
C ARG D 185 21.41 -13.14 21.11
N ASN D 186 21.91 -12.74 19.94
CA ASN D 186 21.09 -12.10 18.89
C ASN D 186 20.02 -13.04 18.31
N TYR D 187 20.35 -14.32 18.24
CA TYR D 187 19.42 -15.35 17.78
C TYR D 187 18.26 -15.49 18.75
N TYR D 188 18.56 -15.37 20.04
CA TYR D 188 17.53 -15.42 21.08
C TYR D 188 16.57 -14.24 20.97
N ARG D 189 17.11 -13.06 20.72
CA ARG D 189 16.34 -11.82 20.66
C ARG D 189 15.49 -11.69 19.40
N PHE D 190 16.05 -12.11 18.27
CA PHE D 190 15.43 -11.84 16.99
C PHE D 190 15.09 -13.02 16.10
N GLY D 191 15.39 -14.20 16.57
CA GLY D 191 15.25 -15.40 15.74
C GLY D 191 13.81 -15.94 15.55
N TRP D 192 12.86 -15.32 16.24
CA TRP D 192 11.43 -15.61 16.02
C TRP D 192 11.04 -15.39 14.56
N VAL D 193 11.95 -14.77 13.86
CA VAL D 193 11.74 -14.42 12.45
C VAL D 193 11.69 -15.72 11.62
N ILE D 194 12.37 -16.71 12.13
CA ILE D 194 12.43 -18.03 11.51
C ILE D 194 11.09 -18.80 11.44
N PRO D 195 10.43 -18.99 12.54
CA PRO D 195 9.08 -19.56 12.55
C PRO D 195 8.05 -18.69 11.85
N TYR D 196 8.24 -17.37 11.91
CA TYR D 196 7.33 -16.46 11.16
C TYR D 196 7.32 -16.81 9.67
N LEU D 197 8.50 -16.82 9.13
CA LEU D 197 8.69 -17.06 7.70
C LEU D 197 8.52 -18.56 7.33
N PHE D 198 9.24 -19.41 8.02
CA PHE D 198 9.35 -20.84 7.61
C PHE D 198 8.63 -21.83 8.53
N GLY D 199 7.93 -21.28 9.52
CA GLY D 199 7.26 -22.14 10.47
C GLY D 199 6.16 -22.90 9.68
N ALA D 200 5.96 -24.18 9.98
CA ALA D 200 5.07 -25.04 9.13
C ALA D 200 4.30 -26.10 9.89
N SER D 201 3.89 -25.74 11.09
CA SER D 201 3.08 -26.57 11.95
C SER D 201 2.02 -25.79 12.75
N PRO D 202 1.05 -25.17 12.05
CA PRO D 202 0.00 -24.40 12.71
C PRO D 202 -1.11 -25.23 13.26
N ALA D 203 -1.00 -26.53 12.99
CA ALA D 203 -1.97 -27.53 13.45
C ALA D 203 -1.35 -28.76 14.13
N ILE D 204 -2.17 -29.49 14.91
CA ILE D 204 -1.69 -30.67 15.69
C ILE D 204 -2.80 -31.63 15.84
N SER D 205 -2.45 -32.90 15.81
CA SER D 205 -3.40 -33.97 15.92
C SER D 205 -3.92 -34.02 17.37
N SER D 206 -5.20 -34.37 17.51
CA SER D 206 -5.83 -34.44 18.84
C SER D 206 -5.06 -35.42 19.70
N SER D 207 -4.70 -36.52 19.05
CA SER D 207 -3.94 -37.63 19.67
C SER D 207 -2.74 -37.11 20.45
N PHE D 208 -2.35 -35.95 20.03
CA PHE D 208 -1.17 -35.26 20.53
C PHE D 208 -1.41 -34.33 21.68
N LEU D 209 -2.40 -34.56 22.47
CA LEU D 209 -2.58 -33.57 23.53
C LEU D 209 -2.76 -34.26 24.90
N SER D 215 -6.35 -24.84 27.45
CA SER D 215 -5.28 -23.89 27.78
C SER D 215 -5.16 -22.75 26.72
N LEU D 216 -5.29 -23.15 25.45
CA LEU D 216 -5.22 -22.25 24.26
C LEU D 216 -6.53 -22.21 23.47
N PRO D 217 -6.76 -21.14 22.77
CA PRO D 217 -8.00 -20.93 22.00
C PRO D 217 -8.18 -21.84 20.77
N PHE D 218 -7.76 -23.06 20.94
CA PHE D 218 -7.76 -24.01 19.83
C PHE D 218 -9.12 -24.08 19.12
N GLU D 219 -9.09 -24.09 17.80
CA GLU D 219 -10.26 -24.35 17.02
C GLU D 219 -10.16 -25.76 16.51
N LYS D 220 -11.27 -26.46 16.53
CA LYS D 220 -11.31 -27.88 16.16
C LYS D 220 -12.14 -28.09 14.91
N THR D 221 -11.72 -29.05 14.13
CA THR D 221 -12.41 -29.44 12.87
C THR D 221 -13.24 -30.68 13.13
N GLU D 222 -13.84 -31.21 12.06
CA GLU D 222 -14.72 -32.41 12.13
C GLU D 222 -13.84 -33.71 12.10
N SER D 223 -12.57 -33.58 11.75
CA SER D 223 -11.71 -34.79 11.74
C SER D 223 -11.14 -34.90 13.16
N GLY D 224 -11.17 -33.76 13.84
CA GLY D 224 -10.46 -33.62 15.13
C GLY D 224 -9.02 -33.14 14.88
N MET D 225 -8.92 -32.16 13.99
CA MET D 225 -7.64 -31.47 13.79
C MET D 225 -7.73 -30.21 14.66
N TYR D 226 -6.68 -29.98 15.42
CA TYR D 226 -6.57 -28.74 16.19
C TYR D 226 -5.63 -27.79 15.59
N TYR D 227 -6.04 -26.54 15.58
CA TYR D 227 -5.24 -25.49 14.96
C TYR D 227 -5.52 -24.14 15.57
N LEU D 228 -4.53 -23.29 15.42
CA LEU D 228 -4.62 -21.91 15.81
C LEU D 228 -4.63 -21.11 14.51
N PRO D 229 -5.57 -20.18 14.37
CA PRO D 229 -5.80 -19.53 13.08
C PRO D 229 -4.58 -18.81 12.52
N TYR D 230 -3.86 -18.18 13.42
CA TYR D 230 -2.73 -17.31 13.09
C TYR D 230 -1.36 -17.92 13.44
N ALA D 231 -1.41 -19.16 13.86
CA ALA D 231 -0.19 -19.82 14.36
C ALA D 231 0.82 -20.14 13.28
N THR D 232 2.06 -20.33 13.72
CA THR D 232 3.13 -20.67 12.79
C THR D 232 3.80 -22.01 13.09
N SER D 233 4.39 -22.11 14.26
CA SER D 233 5.16 -23.33 14.63
C SER D 233 4.83 -23.93 16.03
N LEU D 234 3.79 -24.72 16.05
CA LEU D 234 3.38 -25.41 17.29
C LEU D 234 4.45 -26.40 17.73
N ARG D 235 5.26 -26.87 16.76
CA ARG D 235 6.43 -27.70 17.09
C ARG D 235 7.29 -27.04 18.22
N LEU D 236 7.47 -25.74 18.13
CA LEU D 236 8.31 -24.97 19.07
C LEU D 236 7.60 -24.54 20.33
N SER D 237 6.32 -24.81 20.37
CA SER D 237 5.52 -24.45 21.51
C SER D 237 5.59 -25.48 22.61
N ASP D 238 5.36 -25.13 23.91
CA ASP D 238 5.45 -26.01 25.16
C ASP D 238 4.77 -27.34 25.01
N LEU D 239 3.94 -27.27 23.97
CA LEU D 239 3.11 -28.34 23.45
C LEU D 239 3.98 -29.37 22.72
N GLY D 240 4.88 -28.84 21.89
CA GLY D 240 5.73 -29.71 21.09
C GLY D 240 7.09 -30.04 21.71
N TYR D 241 7.63 -29.19 22.59
CA TYR D 241 8.96 -29.52 23.15
C TYR D 241 8.94 -29.68 24.68
N SER D 245 11.74 -27.58 31.01
CA SER D 245 11.82 -27.93 32.43
C SER D 245 13.17 -27.60 33.02
N GLN D 246 14.09 -27.21 32.18
CA GLN D 246 15.44 -26.86 32.63
C GLN D 246 15.56 -25.38 33.04
N SER D 247 14.48 -24.75 33.55
CA SER D 247 14.50 -23.28 33.85
C SER D 247 15.24 -22.92 35.15
N ASN D 248 15.59 -23.93 35.95
CA ASN D 248 16.31 -23.69 37.23
C ASN D 248 17.81 -23.85 37.00
N LEU D 249 18.23 -23.83 35.73
CA LEU D 249 19.64 -24.05 35.42
C LEU D 249 20.41 -22.78 35.20
N GLY D 250 19.71 -21.69 34.97
CA GLY D 250 20.40 -20.42 34.80
C GLY D 250 21.62 -20.60 33.90
N ILE D 251 21.39 -21.17 32.72
CA ILE D 251 22.45 -21.25 31.73
C ILE D 251 22.52 -19.96 30.96
N THR D 252 23.73 -19.53 30.69
CA THR D 252 24.02 -18.24 30.11
C THR D 252 24.94 -18.37 28.89
N PHE D 253 24.96 -17.32 28.08
CA PHE D 253 25.70 -17.25 26.81
C PHE D 253 26.48 -15.97 26.65
N ASN D 254 27.09 -15.53 27.73
CA ASN D 254 27.97 -14.34 27.72
C ASN D 254 29.45 -14.68 27.54
N ASP D 255 29.80 -15.88 27.94
CA ASP D 255 31.21 -16.20 28.10
C ASP D 255 31.46 -17.72 28.09
N LEU D 256 32.54 -18.11 27.45
CA LEU D 256 32.85 -19.54 27.35
C LEU D 256 32.82 -20.35 28.64
N TYR D 257 33.50 -19.82 29.65
CA TYR D 257 33.76 -20.57 30.93
C TYR D 257 32.53 -20.62 31.80
N GLU D 258 31.84 -19.50 31.78
CA GLU D 258 30.56 -19.32 32.51
C GLU D 258 29.47 -20.24 31.91
N TYR D 259 29.52 -20.37 30.59
CA TYR D 259 28.53 -21.23 29.87
C TYR D 259 28.75 -22.71 30.20
N VAL D 260 29.99 -23.11 29.98
CA VAL D 260 30.45 -24.46 30.26
C VAL D 260 30.26 -24.89 31.74
N ALA D 261 30.61 -23.97 32.61
CA ALA D 261 30.45 -24.12 34.07
C ALA D 261 28.99 -24.29 34.47
N GLY D 262 28.13 -23.52 33.83
CA GLY D 262 26.69 -23.66 34.09
C GLY D 262 26.18 -25.03 33.58
N LEU D 263 26.73 -25.40 32.41
CA LEU D 263 26.45 -26.68 31.75
C LEU D 263 26.90 -27.86 32.62
N LYS D 264 28.17 -27.82 33.04
CA LYS D 264 28.73 -28.87 33.93
C LYS D 264 27.93 -28.98 35.22
N GLN D 265 27.78 -27.89 35.98
CA GLN D 265 27.04 -27.95 37.26
C GLN D 265 25.64 -28.57 37.05
N ALA D 266 25.07 -28.39 35.85
CA ALA D 266 23.74 -28.93 35.50
C ALA D 266 23.78 -30.46 35.44
N ILE D 267 24.86 -30.97 34.89
CA ILE D 267 25.10 -32.44 34.81
C ILE D 267 25.14 -33.05 36.19
N LYS D 268 25.66 -32.25 37.11
CA LYS D 268 25.76 -32.68 38.50
C LYS D 268 24.61 -32.10 39.32
N THR D 269 23.44 -31.98 38.72
CA THR D 269 22.31 -31.42 39.48
C THR D 269 21.18 -32.39 39.53
N PRO D 270 21.03 -32.91 40.74
CA PRO D 270 19.97 -33.86 40.96
C PRO D 270 18.61 -33.33 40.57
N SER D 271 17.69 -34.25 40.65
CA SER D 271 16.31 -33.98 40.33
C SER D 271 15.43 -34.87 41.16
N GLU D 272 14.39 -34.23 41.70
CA GLU D 272 13.42 -34.90 42.53
C GLU D 272 12.48 -35.66 41.65
N GLU D 273 12.11 -34.98 40.59
CA GLU D 273 11.23 -35.59 39.61
C GLU D 273 11.90 -36.82 38.99
N TYR D 274 13.21 -36.70 38.76
CA TYR D 274 13.97 -37.71 38.04
C TYR D 274 14.46 -38.81 38.98
N ALA D 275 14.62 -38.48 40.24
CA ALA D 275 15.02 -39.52 41.21
C ALA D 275 13.88 -40.55 41.38
N LYS D 276 12.66 -40.08 41.11
CA LYS D 276 11.38 -40.84 41.32
C LYS D 276 11.21 -42.02 40.37
N ILE D 277 11.30 -41.71 39.09
CA ILE D 277 11.25 -42.73 38.02
C ILE D 277 12.08 -43.90 38.39
N GLY D 278 13.24 -43.54 38.91
CA GLY D 278 14.21 -44.48 39.39
C GLY D 278 15.11 -44.89 38.25
N ILE D 279 16.25 -45.42 38.62
CA ILE D 279 17.15 -45.91 37.60
C ILE D 279 16.62 -47.21 37.06
N GLU D 280 16.26 -48.09 37.97
CA GLU D 280 15.89 -49.45 37.58
C GLU D 280 14.58 -49.93 38.16
N LYS D 281 14.11 -51.00 37.55
CA LYS D 281 12.90 -51.70 37.95
C LYS D 281 12.93 -53.05 37.25
N ASP D 282 12.99 -54.11 38.06
CA ASP D 282 13.10 -55.49 37.55
C ASP D 282 14.31 -55.58 36.57
N GLY D 283 15.41 -54.90 36.96
CA GLY D 283 16.64 -54.90 36.14
C GLY D 283 16.63 -53.90 34.98
N LYS D 284 15.45 -53.46 34.52
CA LYS D 284 15.47 -52.49 33.38
C LYS D 284 15.99 -51.10 33.79
N ARG D 285 17.09 -50.72 33.15
CA ARG D 285 17.65 -49.39 33.35
C ARG D 285 16.66 -48.38 32.72
N LEU D 286 16.40 -47.27 33.38
CA LEU D 286 15.28 -46.39 32.98
C LEU D 286 15.79 -45.09 32.44
N GLN D 287 16.98 -44.80 32.86
CA GLN D 287 17.62 -43.60 32.45
C GLN D 287 19.09 -43.84 32.72
N ILE D 288 19.90 -42.97 32.17
CA ILE D 288 21.34 -42.95 32.40
C ILE D 288 21.66 -42.55 33.83
N ASN D 289 21.04 -41.49 34.29
CA ASN D 289 21.14 -41.01 35.69
C ASN D 289 19.84 -40.28 36.12
N SER D 290 19.83 -39.75 37.32
CA SER D 290 18.65 -38.98 37.83
C SER D 290 18.91 -37.46 37.80
N ASN D 291 20.01 -37.08 37.20
CA ASN D 291 20.34 -35.65 37.08
C ASN D 291 19.37 -34.95 36.11
N VAL D 292 19.23 -33.64 36.28
CA VAL D 292 18.29 -32.90 35.43
C VAL D 292 18.70 -33.09 33.97
N LEU D 293 20.00 -33.02 33.71
CA LEU D 293 20.53 -33.37 32.38
C LEU D 293 21.28 -34.70 32.48
N GLN D 294 20.85 -35.70 31.71
CA GLN D 294 21.51 -37.02 31.71
C GLN D 294 22.91 -36.89 31.16
N ILE D 295 22.90 -36.27 30.01
CA ILE D 295 24.07 -35.95 29.23
C ILE D 295 23.84 -34.47 28.83
N GLU D 296 24.76 -33.81 28.14
CA GLU D 296 24.61 -32.36 27.94
C GLU D 296 23.63 -31.90 26.88
N ASN D 297 23.52 -32.74 25.88
CA ASN D 297 22.67 -32.51 24.73
C ASN D 297 21.19 -32.72 25.01
N GLU D 298 20.88 -33.10 26.25
CA GLU D 298 19.51 -33.23 26.70
C GLU D 298 19.04 -31.81 26.89
N LEU D 299 20.03 -30.90 26.96
CA LEU D 299 19.74 -29.46 27.14
C LEU D 299 19.05 -28.82 25.96
N TYR D 300 17.83 -28.27 26.19
CA TYR D 300 17.07 -27.61 25.14
C TYR D 300 17.94 -26.47 24.57
N ALA D 301 17.91 -26.36 23.24
CA ALA D 301 18.75 -25.39 22.57
C ALA D 301 18.24 -25.02 21.16
N PRO D 302 17.53 -23.93 21.05
CA PRO D 302 17.12 -23.41 19.75
C PRO D 302 18.31 -23.14 18.88
N ILE D 303 19.38 -22.69 19.52
CA ILE D 303 20.64 -22.58 18.82
C ILE D 303 21.73 -23.01 19.76
N ARG D 304 22.70 -23.70 19.18
CA ARG D 304 23.70 -24.44 19.94
C ARG D 304 25.17 -24.23 19.53
N PRO D 305 26.04 -23.84 20.49
CA PRO D 305 27.46 -23.71 20.27
C PRO D 305 28.11 -25.10 20.32
N LYS D 306 28.91 -25.34 19.32
CA LYS D 306 29.49 -26.67 19.09
C LYS D 306 30.97 -26.65 18.67
N ARG D 307 31.65 -27.70 19.05
CA ARG D 307 32.99 -28.01 18.50
C ARG D 307 33.03 -29.49 18.24
N VAL D 308 33.56 -29.86 17.09
CA VAL D 308 33.68 -31.29 16.79
C VAL D 308 34.47 -31.98 17.95
N THR D 309 33.91 -33.04 18.48
CA THR D 309 34.53 -33.69 19.61
C THR D 309 35.46 -34.81 19.18
N ARG D 310 36.36 -35.15 20.08
CA ARG D 310 37.31 -36.25 19.84
C ARG D 310 36.69 -37.53 20.40
N SER D 311 37.48 -38.50 20.82
CA SER D 311 36.86 -39.71 21.32
C SER D 311 36.91 -39.66 22.82
N GLY D 312 35.79 -40.09 23.41
CA GLY D 312 35.61 -40.13 24.87
C GLY D 312 35.59 -38.70 25.47
N GLU D 313 35.39 -37.74 24.58
CA GLU D 313 35.38 -36.30 24.92
C GLU D 313 33.99 -35.71 24.78
N SER D 314 33.58 -35.00 25.80
CA SER D 314 32.25 -34.41 25.80
C SER D 314 32.25 -33.05 25.14
N PRO D 315 31.04 -32.63 24.79
CA PRO D 315 30.84 -31.39 24.02
C PRO D 315 31.42 -30.20 24.76
N SER D 316 31.30 -30.24 26.08
CA SER D 316 31.80 -29.14 26.94
C SER D 316 33.33 -29.24 27.05
N ASP D 317 33.86 -30.45 27.12
CA ASP D 317 35.33 -30.68 27.18
C ASP D 317 35.99 -30.06 25.94
N ALA D 318 35.37 -30.40 24.83
CA ALA D 318 35.82 -29.98 23.50
C ALA D 318 35.75 -28.48 23.31
N LEU D 319 34.74 -27.90 23.93
CA LEU D 319 34.50 -26.43 23.82
C LEU D 319 35.56 -25.70 24.58
N LEU D 320 35.69 -26.18 25.78
CA LEU D 320 36.69 -25.73 26.75
C LEU D 320 38.12 -25.80 26.17
N ARG D 321 38.37 -26.90 25.49
CA ARG D 321 39.64 -27.16 24.89
C ARG D 321 39.96 -26.23 23.74
N GLY D 322 39.08 -26.23 22.74
CA GLY D 322 39.34 -25.46 21.51
C GLY D 322 38.48 -24.23 21.22
N GLY D 323 37.52 -24.00 22.06
CA GLY D 323 36.62 -22.87 21.92
C GLY D 323 35.47 -23.29 20.99
N ILE D 324 34.54 -22.37 20.77
CA ILE D 324 33.43 -22.60 19.84
C ILE D 324 33.94 -22.64 18.41
N GLU D 325 33.54 -23.69 17.70
CA GLU D 325 34.02 -23.89 16.28
C GLU D 325 32.99 -23.49 15.26
N TYR D 326 31.79 -23.92 15.56
CA TYR D 326 30.61 -23.57 14.78
C TYR D 326 29.31 -23.56 15.61
N ILE D 327 28.24 -23.13 14.97
CA ILE D 327 26.91 -23.19 15.61
C ILE D 327 25.94 -24.04 14.81
N GLU D 328 24.94 -24.44 15.54
CA GLU D 328 23.86 -25.29 15.04
C GLU D 328 22.50 -24.59 15.33
N VAL D 329 21.85 -24.23 14.26
CA VAL D 329 20.53 -23.63 14.31
C VAL D 329 19.47 -24.75 14.29
N ARG D 330 18.60 -24.82 15.28
CA ARG D 330 17.68 -25.98 15.40
C ARG D 330 16.17 -25.70 15.39
N SER D 331 15.82 -24.44 15.10
CA SER D 331 14.43 -23.98 15.10
C SER D 331 13.53 -24.26 13.90
N LEU D 332 14.09 -24.77 12.81
CA LEU D 332 13.30 -25.02 11.60
C LEU D 332 12.39 -26.23 11.62
N ASP D 333 11.17 -25.99 11.19
CA ASP D 333 10.19 -27.04 10.99
C ASP D 333 10.56 -27.65 9.63
N ILE D 334 9.93 -28.75 9.33
CA ILE D 334 10.10 -29.37 8.06
C ILE D 334 9.35 -28.50 7.05
N ASN D 335 10.04 -28.24 5.94
CA ASN D 335 9.48 -27.51 4.80
C ASN D 335 8.66 -28.47 3.94
N PRO D 336 7.33 -28.35 4.01
CA PRO D 336 6.43 -29.28 3.36
C PRO D 336 6.40 -29.22 1.85
N PHE D 337 6.92 -28.15 1.34
CA PHE D 337 6.84 -27.85 -0.10
C PHE D 337 8.08 -28.29 -0.85
N SER D 338 9.02 -28.82 -0.11
CA SER D 338 10.23 -29.46 -0.61
C SER D 338 10.26 -30.96 -0.19
N PRO D 339 10.61 -31.84 -1.12
CA PRO D 339 10.71 -33.27 -0.86
C PRO D 339 11.82 -33.60 0.12
N ILE D 340 12.87 -32.79 0.15
CA ILE D 340 13.97 -32.95 1.11
C ILE D 340 13.75 -32.13 2.38
N GLY D 341 12.59 -31.47 2.42
CA GLY D 341 12.12 -30.80 3.63
C GLY D 341 12.89 -29.54 4.02
N VAL D 342 13.65 -29.04 3.05
CA VAL D 342 14.43 -27.80 3.21
C VAL D 342 14.84 -27.31 1.81
N ASP D 343 14.84 -26.00 1.60
CA ASP D 343 15.21 -25.45 0.29
C ASP D 343 16.28 -24.36 0.31
N GLU D 344 16.73 -24.03 -0.91
CA GLU D 344 17.79 -23.03 -1.11
C GLU D 344 17.46 -21.66 -0.46
N GLN D 345 16.24 -21.27 -0.63
CA GLN D 345 15.74 -19.98 -0.10
C GLN D 345 15.97 -19.90 1.45
N GLN D 346 15.60 -20.97 2.15
CA GLN D 346 15.82 -21.07 3.58
C GLN D 346 17.31 -21.01 3.94
N VAL D 347 18.10 -21.85 3.29
CA VAL D 347 19.56 -21.90 3.55
C VAL D 347 20.15 -20.51 3.38
N ARG D 348 19.82 -19.90 2.27
CA ARG D 348 20.36 -18.56 1.93
C ARG D 348 19.93 -17.51 2.96
N PHE D 349 18.67 -17.59 3.40
CA PHE D 349 18.22 -16.68 4.45
C PHE D 349 19.01 -16.81 5.75
N LEU D 350 19.33 -18.05 6.13
CA LEU D 350 20.05 -18.29 7.38
C LEU D 350 21.48 -17.76 7.30
N ASP D 351 22.11 -17.93 6.15
CA ASP D 351 23.43 -17.31 5.93
C ASP D 351 23.34 -15.80 6.30
N LEU D 352 22.41 -15.13 5.63
CA LEU D 352 22.21 -13.70 5.79
C LEU D 352 22.04 -13.36 7.27
N PHE D 353 21.18 -14.16 7.90
CA PHE D 353 20.73 -13.90 9.28
C PHE D 353 21.83 -14.16 10.35
N MET D 354 22.59 -15.26 10.14
CA MET D 354 23.67 -15.64 11.04
C MET D 354 24.77 -14.57 11.03
N VAL D 355 25.13 -14.17 9.83
CA VAL D 355 26.15 -13.15 9.63
C VAL D 355 25.78 -11.84 10.37
N TRP D 356 24.58 -11.35 10.09
CA TRP D 356 23.98 -10.19 10.79
C TRP D 356 24.05 -10.32 12.31
N CYS D 357 23.68 -11.50 12.78
CA CYS D 357 23.76 -11.83 14.20
C CYS D 357 25.20 -11.68 14.74
N ALA D 358 26.16 -11.94 13.86
CA ALA D 358 27.58 -11.81 14.19
C ALA D 358 28.07 -10.37 14.16
N LEU D 359 27.36 -9.54 13.41
CA LEU D 359 27.71 -8.12 13.22
C LEU D 359 27.05 -7.23 14.27
N ALA D 360 25.80 -7.56 14.57
CA ALA D 360 25.00 -6.81 15.54
C ALA D 360 25.56 -6.91 16.92
N ASP D 361 25.35 -5.83 17.59
CA ASP D 361 25.86 -5.62 18.88
C ASP D 361 24.90 -6.21 19.91
N ALA D 362 25.43 -7.09 20.74
CA ALA D 362 24.59 -7.78 21.69
C ALA D 362 25.05 -7.68 23.13
N PRO D 363 24.37 -6.87 23.93
CA PRO D 363 24.69 -6.81 25.36
C PRO D 363 24.49 -8.16 26.07
N GLU D 364 25.26 -8.32 27.10
CA GLU D 364 25.28 -9.52 27.89
C GLU D 364 23.97 -9.70 28.58
N MET D 365 23.57 -10.93 28.61
CA MET D 365 22.28 -11.30 29.16
C MET D 365 22.34 -12.33 30.22
N SER D 366 21.69 -11.97 31.30
CA SER D 366 21.45 -12.89 32.42
C SER D 366 20.50 -14.01 31.98
N SER D 367 20.31 -14.91 32.88
CA SER D 367 19.49 -16.12 32.73
C SER D 367 18.05 -15.82 32.47
N SER D 368 17.58 -14.84 33.21
CA SER D 368 16.15 -14.47 33.33
C SER D 368 15.85 -13.51 32.14
N GLU D 369 16.88 -12.80 31.73
CA GLU D 369 16.83 -11.91 30.57
C GLU D 369 16.67 -12.73 29.30
N LEU D 370 17.35 -13.87 29.28
CA LEU D 370 17.27 -14.81 28.11
C LEU D 370 15.92 -15.48 28.03
N ALA D 371 15.42 -15.87 29.19
CA ALA D 371 14.09 -16.48 29.30
C ALA D 371 13.00 -15.49 28.80
N CYS D 372 13.25 -14.23 29.07
CA CYS D 372 12.35 -13.11 28.63
C CYS D 372 12.28 -12.95 27.12
N THR D 373 13.39 -13.17 26.42
CA THR D 373 13.41 -13.17 24.95
C THR D 373 12.42 -14.20 24.33
N ARG D 374 11.95 -15.13 25.13
CA ARG D 374 10.91 -16.12 24.72
C ARG D 374 9.48 -15.59 24.47
N VAL D 375 9.14 -14.48 25.13
CA VAL D 375 7.78 -13.95 25.06
C VAL D 375 7.48 -13.66 23.58
N ASN D 376 8.41 -13.01 22.92
CA ASN D 376 8.26 -12.68 21.47
C ASN D 376 8.16 -13.96 20.66
N TRP D 377 9.00 -14.93 21.00
CA TRP D 377 8.97 -16.22 20.29
C TRP D 377 7.58 -16.83 20.41
N ASN D 378 7.04 -16.83 21.63
CA ASN D 378 5.75 -17.43 21.91
C ASN D 378 4.59 -16.81 21.15
N ARG D 379 4.62 -15.50 21.12
CA ARG D 379 3.65 -14.69 20.40
C ARG D 379 3.68 -15.08 18.91
N VAL D 380 4.88 -15.16 18.38
CA VAL D 380 5.06 -15.47 16.94
C VAL D 380 4.65 -16.92 16.63
N ILE D 381 5.02 -17.78 17.55
CA ILE D 381 4.71 -19.19 17.47
C ILE D 381 3.16 -19.42 17.46
N LEU D 382 2.47 -18.81 18.40
CA LEU D 382 1.02 -19.07 18.56
C LEU D 382 0.12 -18.21 17.72
N GLU D 383 0.63 -17.08 17.26
CA GLU D 383 -0.22 -16.05 16.61
C GLU D 383 0.52 -15.07 15.73
N GLY D 384 1.65 -15.50 15.25
CA GLY D 384 2.55 -14.67 14.44
C GLY D 384 1.97 -13.97 13.20
N ARG D 385 1.00 -14.61 12.61
CA ARG D 385 0.37 -14.12 11.36
C ARG D 385 -0.85 -13.24 11.57
N LYS D 386 -1.08 -12.90 12.80
CA LYS D 386 -2.22 -12.12 13.20
C LYS D 386 -2.05 -10.65 12.87
N PRO D 387 -3.02 -10.09 12.18
CA PRO D 387 -2.94 -8.68 11.77
C PRO D 387 -2.97 -7.78 12.96
N GLY D 388 -2.05 -6.84 12.92
CA GLY D 388 -1.92 -5.87 13.97
C GLY D 388 -1.01 -6.38 15.09
N LEU D 389 -0.47 -7.57 14.92
CA LEU D 389 0.36 -8.15 15.99
C LEU D 389 1.56 -7.26 16.32
N THR D 390 1.78 -7.07 17.61
CA THR D 390 2.92 -6.31 18.07
C THR D 390 3.86 -7.12 18.90
N LEU D 391 5.13 -6.78 18.79
CA LEU D 391 6.16 -7.39 19.64
C LEU D 391 6.73 -6.38 20.62
N GLY D 392 7.41 -6.92 21.61
CA GLY D 392 8.03 -6.15 22.67
C GLY D 392 9.47 -6.55 22.93
N ILE D 393 10.14 -5.70 23.69
CA ILE D 393 11.53 -5.91 24.07
C ILE D 393 11.54 -6.73 25.39
N GLY D 394 12.11 -7.92 25.27
CA GLY D 394 12.08 -8.90 26.32
C GLY D 394 10.70 -9.14 26.90
N CYS D 395 10.56 -8.98 28.20
CA CYS D 395 9.26 -9.18 28.94
C CYS D 395 8.32 -7.98 28.84
N GLU D 396 8.84 -6.90 28.32
CA GLU D 396 8.17 -5.62 28.38
C GLU D 396 6.97 -5.66 27.42
N THR D 397 6.07 -4.73 27.65
CA THR D 397 4.83 -4.54 26.89
C THR D 397 5.11 -4.49 25.42
N ALA D 398 4.26 -5.22 24.73
CA ALA D 398 4.25 -5.22 23.27
C ALA D 398 3.95 -3.82 22.72
N GLN D 399 4.82 -3.41 21.84
CA GLN D 399 4.80 -2.06 21.28
C GLN D 399 4.97 -1.98 19.75
N PHE D 400 5.85 -2.82 19.25
CA PHE D 400 6.37 -2.73 17.88
C PHE D 400 5.61 -3.65 16.90
N PRO D 401 4.99 -3.06 15.88
CA PRO D 401 4.33 -3.86 14.83
C PRO D 401 5.33 -4.81 14.12
N LEU D 402 4.90 -6.03 14.02
CA LEU D 402 5.71 -7.11 13.43
C LEU D 402 6.32 -6.75 12.05
N PRO D 403 5.48 -6.31 11.13
CA PRO D 403 5.91 -5.96 9.78
C PRO D 403 7.00 -4.91 9.68
N GLN D 404 6.93 -3.90 10.54
CA GLN D 404 7.91 -2.84 10.49
C GLN D 404 9.28 -3.36 10.99
N VAL D 405 9.24 -4.18 12.05
CA VAL D 405 10.44 -4.80 12.61
C VAL D 405 11.14 -5.67 11.59
N GLY D 406 10.35 -6.44 10.87
CA GLY D 406 10.84 -7.34 9.80
C GLY D 406 11.46 -6.53 8.67
N LYS D 407 10.78 -5.47 8.26
CA LYS D 407 11.32 -4.62 7.21
C LYS D 407 12.67 -3.97 7.60
N ASP D 408 12.76 -3.53 8.85
CA ASP D 408 13.99 -2.93 9.40
C ASP D 408 15.13 -3.94 9.34
N LEU D 409 14.82 -5.13 9.83
CA LEU D 409 15.79 -6.23 9.87
C LEU D 409 16.30 -6.49 8.45
N PHE D 410 15.36 -6.57 7.51
CA PHE D 410 15.64 -6.92 6.11
C PHE D 410 16.36 -5.85 5.30
N ARG D 411 16.27 -4.63 5.76
CA ARG D 411 17.08 -3.54 5.17
C ARG D 411 18.56 -3.82 5.36
N ASP D 412 18.86 -4.37 6.54
CA ASP D 412 20.23 -4.73 6.94
C ASP D 412 20.70 -5.99 6.22
N LEU D 413 19.82 -6.99 6.20
CA LEU D 413 20.14 -8.31 5.61
C LEU D 413 20.47 -8.11 4.11
N LYS D 414 19.79 -7.17 3.56
CA LYS D 414 19.84 -6.86 2.15
C LYS D 414 21.26 -6.33 1.84
N ARG D 415 21.77 -5.61 2.81
CA ARG D 415 23.13 -5.05 2.70
C ARG D 415 24.18 -6.14 2.83
N VAL D 416 23.94 -7.06 3.76
CA VAL D 416 24.76 -8.25 3.91
C VAL D 416 24.75 -9.04 2.60
N ALA D 417 23.60 -9.05 2.00
CA ALA D 417 23.33 -9.86 0.81
C ALA D 417 24.13 -9.33 -0.40
N GLN D 418 24.11 -8.02 -0.57
CA GLN D 418 24.87 -7.33 -1.61
C GLN D 418 26.37 -7.71 -1.53
N THR D 419 26.86 -7.74 -0.32
CA THR D 419 28.26 -8.02 -0.08
C THR D 419 28.58 -9.43 -0.51
N LEU D 420 27.67 -10.28 -0.13
CA LEU D 420 27.80 -11.72 -0.30
C LEU D 420 27.67 -12.12 -1.79
N ASP D 421 26.79 -11.42 -2.46
CA ASP D 421 26.55 -11.59 -3.87
C ASP D 421 27.73 -11.07 -4.71
N SER D 422 28.40 -10.09 -4.17
CA SER D 422 29.57 -9.47 -4.79
C SER D 422 30.80 -10.44 -4.80
N ILE D 423 30.94 -11.24 -3.76
CA ILE D 423 32.06 -12.20 -3.62
C ILE D 423 31.73 -13.51 -4.30
N ASN D 424 30.45 -13.82 -4.37
CA ASN D 424 29.99 -15.15 -4.90
C ASN D 424 29.67 -14.98 -6.39
N GLY D 425 29.27 -13.77 -6.73
CA GLY D 425 28.84 -13.45 -8.09
C GLY D 425 27.35 -13.76 -8.29
N GLY D 426 26.67 -12.81 -8.92
CA GLY D 426 25.23 -12.91 -9.22
C GLY D 426 24.35 -12.17 -8.18
N GLU D 427 23.04 -12.47 -8.13
CA GLU D 427 22.15 -11.73 -7.21
C GLU D 427 21.18 -12.58 -6.37
N ALA D 428 21.61 -13.78 -6.06
CA ALA D 428 20.76 -14.80 -5.46
C ALA D 428 20.28 -14.46 -4.04
N TYR D 429 21.20 -13.96 -3.23
CA TYR D 429 20.88 -13.54 -1.85
C TYR D 429 19.91 -12.38 -1.80
N GLN D 430 20.19 -11.40 -2.62
CA GLN D 430 19.35 -10.19 -2.74
C GLN D 430 17.91 -10.56 -3.17
N LYS D 431 17.80 -11.43 -4.17
CA LYS D 431 16.48 -11.86 -4.63
C LYS D 431 15.72 -12.49 -3.45
N VAL D 432 16.45 -13.26 -2.64
CA VAL D 432 15.86 -13.94 -1.53
C VAL D 432 15.34 -12.97 -0.47
N CYS D 433 16.10 -11.91 -0.27
CA CYS D 433 15.65 -10.84 0.65
C CYS D 433 14.38 -10.20 0.16
N ASP D 434 14.31 -10.01 -1.16
CA ASP D 434 13.14 -9.32 -1.76
C ASP D 434 11.93 -10.17 -1.58
N GLU D 435 12.17 -11.44 -1.73
CA GLU D 435 11.09 -12.45 -1.72
C GLU D 435 10.45 -12.58 -0.32
N LEU D 436 11.29 -12.59 0.68
CA LEU D 436 10.85 -12.83 2.03
C LEU D 436 10.32 -11.58 2.74
N VAL D 437 10.88 -10.43 2.40
CA VAL D 437 10.37 -9.15 2.89
C VAL D 437 8.89 -9.04 2.57
N ALA D 438 8.53 -9.63 1.44
CA ALA D 438 7.15 -9.65 0.94
C ALA D 438 6.19 -10.33 1.95
N CYS D 439 6.77 -11.24 2.67
CA CYS D 439 6.04 -12.03 3.64
C CYS D 439 5.60 -11.23 4.89
N PHE D 440 6.29 -10.12 5.14
CA PHE D 440 5.87 -9.14 6.20
C PHE D 440 4.67 -8.29 5.77
N ASP D 441 4.53 -8.03 4.46
CA ASP D 441 3.40 -7.20 4.02
C ASP D 441 2.20 -8.08 3.82
N ASN D 442 2.46 -9.34 3.62
CA ASN D 442 1.43 -10.39 3.49
C ASN D 442 1.78 -11.78 4.14
N PRO D 443 1.31 -12.05 5.35
CA PRO D 443 1.60 -13.32 6.02
C PRO D 443 1.04 -14.54 5.31
N ASP D 444 0.11 -14.30 4.41
CA ASP D 444 -0.47 -15.41 3.61
C ASP D 444 0.53 -16.01 2.62
N LEU D 445 1.67 -15.36 2.45
CA LEU D 445 2.79 -15.91 1.64
C LEU D 445 3.64 -16.94 2.43
N THR D 446 3.55 -16.88 3.76
CA THR D 446 4.43 -17.68 4.61
C THR D 446 4.06 -19.16 4.54
N PHE D 447 5.00 -19.98 4.98
CA PHE D 447 4.82 -21.46 4.98
C PHE D 447 3.57 -21.89 5.73
N SER D 448 3.36 -21.27 6.89
CA SER D 448 2.30 -21.67 7.83
C SER D 448 0.93 -21.37 7.29
N ALA D 449 0.82 -20.26 6.61
CA ALA D 449 -0.51 -19.89 6.06
C ALA D 449 -0.88 -20.84 4.92
N ARG D 450 0.11 -21.04 4.06
CA ARG D 450 -0.02 -21.95 2.93
C ARG D 450 -0.36 -23.36 3.39
N ILE D 451 0.39 -23.92 4.34
CA ILE D 451 0.15 -25.33 4.67
C ILE D 451 -1.18 -25.46 5.46
N LEU D 452 -1.54 -24.40 6.16
CA LEU D 452 -2.79 -24.37 6.97
C LEU D 452 -4.02 -24.41 6.09
N ARG D 453 -3.94 -23.70 4.96
CA ARG D 453 -5.05 -23.71 3.98
C ARG D 453 -5.32 -25.15 3.50
N SER D 454 -4.24 -25.82 3.16
CA SER D 454 -4.33 -27.22 2.72
C SER D 454 -4.82 -28.19 3.82
N MET D 455 -4.36 -27.97 5.06
CA MET D 455 -4.77 -28.80 6.21
C MET D 455 -6.22 -28.60 6.63
N ILE D 456 -6.76 -27.39 6.51
CA ILE D 456 -8.17 -27.24 6.84
C ILE D 456 -9.07 -28.06 5.88
N ASP D 457 -8.75 -28.14 4.60
CA ASP D 457 -9.61 -28.90 3.66
C ASP D 457 -9.41 -30.40 3.68
N THR D 458 -8.18 -30.83 3.77
CA THR D 458 -7.81 -32.26 3.73
C THR D 458 -7.44 -32.89 5.12
N GLY D 459 -7.13 -32.03 6.09
CA GLY D 459 -6.52 -32.47 7.32
C GLY D 459 -5.01 -32.68 7.24
N ILE D 460 -4.41 -32.96 8.39
CA ILE D 460 -2.94 -33.15 8.50
C ILE D 460 -2.61 -34.42 7.78
N GLY D 461 -3.40 -35.45 8.12
CA GLY D 461 -3.26 -36.78 7.55
C GLY D 461 -3.33 -36.79 6.02
N GLY D 462 -4.43 -36.24 5.54
CA GLY D 462 -4.71 -36.15 4.11
C GLY D 462 -3.62 -35.43 3.32
N THR D 463 -3.24 -34.29 3.86
CA THR D 463 -2.16 -33.47 3.32
C THR D 463 -0.83 -34.20 3.34
N GLY D 464 -0.54 -34.77 4.47
CA GLY D 464 0.68 -35.58 4.68
C GLY D 464 0.82 -36.70 3.66
N LYS D 465 -0.20 -37.53 3.56
CA LYS D 465 -0.20 -38.70 2.62
C LYS D 465 -0.05 -38.25 1.16
N ALA D 466 -0.81 -37.23 0.84
CA ALA D 466 -0.79 -36.66 -0.51
C ALA D 466 0.58 -36.13 -0.97
N PHE D 467 1.25 -35.44 -0.09
CA PHE D 467 2.56 -34.89 -0.37
C PHE D 467 3.57 -36.02 -0.40
N ALA D 468 3.39 -36.91 0.55
CA ALA D 468 4.34 -38.02 0.79
C ALA D 468 4.37 -38.94 -0.44
N GLU D 469 3.18 -39.25 -0.91
CA GLU D 469 2.97 -40.01 -2.16
C GLU D 469 3.59 -39.34 -3.39
N ALA D 470 3.32 -38.07 -3.56
CA ALA D 470 3.83 -37.35 -4.77
C ALA D 470 5.37 -37.24 -4.78
N TYR D 471 5.90 -37.02 -3.59
CA TYR D 471 7.35 -36.92 -3.34
C TYR D 471 8.01 -38.27 -3.55
N ARG D 472 7.32 -39.30 -3.08
CA ARG D 472 7.78 -40.67 -3.24
C ARG D 472 7.99 -40.92 -4.76
N ASN D 473 6.95 -40.72 -5.54
CA ASN D 473 7.00 -40.98 -7.00
C ASN D 473 8.19 -40.31 -7.70
N LEU D 474 8.18 -39.04 -7.52
CA LEU D 474 9.22 -38.12 -7.94
C LEU D 474 10.65 -38.52 -7.62
N LEU D 475 10.94 -38.62 -6.33
CA LEU D 475 12.25 -38.99 -5.80
C LEU D 475 12.69 -40.37 -6.34
N ARG D 476 11.73 -41.28 -6.39
CA ARG D 476 11.94 -42.65 -6.92
C ARG D 476 12.37 -42.64 -8.40
N GLU D 477 11.76 -41.81 -9.20
CA GLU D 477 12.08 -41.75 -10.62
C GLU D 477 13.28 -40.83 -10.96
N GLU D 478 13.87 -40.14 -9.99
CA GLU D 478 14.99 -39.18 -10.23
C GLU D 478 16.38 -39.83 -10.08
N PRO D 479 17.32 -39.56 -10.99
CA PRO D 479 18.67 -40.12 -10.91
C PRO D 479 19.50 -39.56 -9.80
N LEU D 480 20.36 -40.42 -9.35
CA LEU D 480 21.43 -40.06 -8.44
C LEU D 480 22.39 -39.14 -9.13
N GLU D 481 22.78 -38.08 -8.47
CA GLU D 481 23.69 -37.08 -9.05
C GLU D 481 25.13 -37.14 -8.50
N ILE D 482 25.30 -37.10 -7.19
CA ILE D 482 26.64 -37.07 -6.57
C ILE D 482 27.01 -38.45 -6.01
N LEU D 483 26.10 -38.97 -5.22
CA LEU D 483 26.19 -40.33 -4.66
C LEU D 483 25.58 -41.33 -5.60
N ARG D 484 26.44 -42.17 -6.13
CA ARG D 484 26.01 -43.25 -6.97
C ARG D 484 25.53 -44.43 -6.10
N GLU D 485 24.80 -45.34 -6.73
CA GLU D 485 24.22 -46.51 -6.03
C GLU D 485 25.29 -47.31 -5.26
N GLU D 486 26.42 -47.45 -5.90
CA GLU D 486 27.59 -48.18 -5.40
C GLU D 486 28.17 -47.54 -4.19
N ASP D 487 28.15 -46.22 -4.14
CA ASP D 487 28.64 -45.49 -2.90
C ASP D 487 27.80 -45.83 -1.63
N PHE D 488 26.53 -46.11 -1.86
CA PHE D 488 25.57 -46.42 -0.80
C PHE D 488 25.74 -47.85 -0.31
N VAL D 489 25.81 -48.75 -1.27
CA VAL D 489 26.07 -50.19 -1.05
C VAL D 489 27.38 -50.34 -0.23
N ALA D 490 28.40 -49.63 -0.64
CA ALA D 490 29.67 -49.60 0.09
C ALA D 490 29.56 -49.11 1.50
N GLU D 491 28.83 -48.02 1.67
CA GLU D 491 28.70 -47.38 3.01
C GLU D 491 27.79 -48.22 3.91
N ARG D 492 26.80 -48.84 3.31
CA ARG D 492 26.01 -49.86 4.02
C ARG D 492 26.96 -50.89 4.66
N GLU D 493 27.59 -51.66 3.77
CA GLU D 493 28.57 -52.72 4.11
C GLU D 493 29.59 -52.24 5.14
N ALA D 494 30.13 -51.06 4.90
CA ALA D 494 31.14 -50.55 5.84
C ALA D 494 30.57 -50.17 7.23
N SER D 495 29.35 -49.65 7.22
CA SER D 495 28.71 -49.28 8.47
C SER D 495 28.32 -50.52 9.25
N GLU D 496 27.76 -51.52 8.56
CA GLU D 496 27.42 -52.83 9.24
C GLU D 496 28.67 -53.38 9.95
N ARG D 497 29.79 -53.21 9.30
CA ARG D 497 31.04 -53.78 9.75
C ARG D 497 31.67 -52.99 10.91
N ARG D 498 31.47 -51.70 10.90
CA ARG D 498 32.04 -50.81 11.92
C ARG D 498 31.38 -51.17 13.23
N GLN D 499 30.09 -51.43 13.11
CA GLN D 499 29.21 -51.81 14.22
C GLN D 499 29.59 -53.18 14.81
N GLN D 500 29.76 -54.13 13.95
CA GLN D 500 30.20 -55.52 14.34
C GLN D 500 31.53 -55.51 15.02
N GLU D 501 32.38 -54.59 14.64
CA GLU D 501 33.72 -54.48 15.22
C GLU D 501 33.58 -53.94 16.66
N MET D 502 32.67 -53.00 16.82
CA MET D 502 32.39 -52.41 18.16
C MET D 502 31.73 -53.42 19.09
N GLU D 503 30.93 -54.28 18.50
CA GLU D 503 30.13 -55.29 19.18
C GLU D 503 31.03 -56.40 19.79
N ALA D 504 31.92 -56.88 18.93
CA ALA D 504 32.93 -57.96 19.20
C ALA D 504 34.15 -57.56 20.06
N ALA D 505 34.35 -56.26 20.21
CA ALA D 505 35.43 -55.72 21.04
C ALA D 505 35.25 -56.05 22.53
N ASP D 506 36.35 -56.13 23.25
CA ASP D 506 36.28 -56.46 24.65
C ASP D 506 36.04 -55.20 25.39
N THR D 507 34.80 -54.73 25.38
CA THR D 507 34.54 -53.52 26.11
C THR D 507 34.28 -53.81 27.56
N GLU D 508 34.55 -52.75 28.28
CA GLU D 508 34.41 -52.61 29.69
C GLU D 508 33.01 -52.87 30.21
N PRO D 509 32.94 -53.11 31.50
CA PRO D 509 31.65 -53.26 32.15
C PRO D 509 30.82 -51.96 31.99
N PHE D 510 29.55 -52.08 31.64
CA PHE D 510 28.69 -50.91 31.41
C PHE D 510 28.76 -49.89 32.55
N ALA D 511 28.69 -50.37 33.79
CA ALA D 511 28.59 -49.52 35.00
C ALA D 511 29.70 -48.48 35.16
N VAL D 512 30.91 -48.98 35.32
CA VAL D 512 32.14 -48.18 35.50
C VAL D 512 32.38 -47.33 34.23
N TRP D 513 31.92 -47.88 33.12
CA TRP D 513 31.96 -47.24 31.80
C TRP D 513 31.13 -45.98 31.72
N LEU D 514 29.90 -46.12 32.17
CA LEU D 514 29.02 -44.99 32.34
C LEU D 514 29.78 -43.99 33.18
N GLU D 515 30.21 -44.49 34.34
CA GLU D 515 31.06 -43.73 35.24
C GLU D 515 32.17 -43.03 34.43
N LYS D 516 32.90 -43.67 33.52
CA LYS D 516 33.97 -42.89 32.85
C LYS D 516 33.56 -42.32 31.51
N HIS D 517 32.55 -41.47 31.50
CA HIS D 517 32.03 -40.97 30.25
C HIS D 517 31.84 -39.45 30.27
N ALA D 518 31.75 -38.87 29.08
CA ALA D 518 31.51 -37.43 28.89
C ALA D 518 32.59 -36.59 29.62
#